data_1NB2
# 
_entry.id   1NB2 
# 
_audit_conform.dict_name       mmcif_pdbx.dic 
_audit_conform.dict_version    5.387 
_audit_conform.dict_location   http://mmcif.pdb.org/dictionaries/ascii/mmcif_pdbx.dic 
# 
loop_
_database_2.database_id 
_database_2.database_code 
_database_2.pdbx_database_accession 
_database_2.pdbx_DOI 
PDB   1NB2         pdb_00001nb2 10.2210/pdb1nb2/pdb 
RCSB  RCSB017730   ?            ?                   
WWPDB D_1000017730 ?            ?                   
# 
loop_
_pdbx_audit_revision_history.ordinal 
_pdbx_audit_revision_history.data_content_type 
_pdbx_audit_revision_history.major_revision 
_pdbx_audit_revision_history.minor_revision 
_pdbx_audit_revision_history.revision_date 
1 'Structure model' 1 0 2003-05-06 
2 'Structure model' 1 1 2008-04-28 
3 'Structure model' 1 2 2011-07-13 
4 'Structure model' 1 3 2024-03-13 
# 
_pdbx_audit_revision_details.ordinal             1 
_pdbx_audit_revision_details.revision_ordinal    1 
_pdbx_audit_revision_details.data_content_type   'Structure model' 
_pdbx_audit_revision_details.provider            repository 
_pdbx_audit_revision_details.type                'Initial release' 
_pdbx_audit_revision_details.description         ? 
_pdbx_audit_revision_details.details             ? 
# 
loop_
_pdbx_audit_revision_group.ordinal 
_pdbx_audit_revision_group.revision_ordinal 
_pdbx_audit_revision_group.data_content_type 
_pdbx_audit_revision_group.group 
1 2 'Structure model' 'Version format compliance' 
2 3 'Structure model' 'Version format compliance' 
3 4 'Structure model' 'Data collection'           
4 4 'Structure model' 'Database references'       
# 
loop_
_pdbx_audit_revision_category.ordinal 
_pdbx_audit_revision_category.revision_ordinal 
_pdbx_audit_revision_category.data_content_type 
_pdbx_audit_revision_category.category 
1 4 'Structure model' chem_comp_atom 
2 4 'Structure model' chem_comp_bond 
3 4 'Structure model' database_2     
# 
loop_
_pdbx_audit_revision_item.ordinal 
_pdbx_audit_revision_item.revision_ordinal 
_pdbx_audit_revision_item.data_content_type 
_pdbx_audit_revision_item.item 
1 4 'Structure model' '_database_2.pdbx_DOI'                
2 4 'Structure model' '_database_2.pdbx_database_accession' 
# 
_pdbx_database_status.status_code                     REL 
_pdbx_database_status.entry_id                        1NB2 
_pdbx_database_status.recvd_initial_deposition_date   2002-12-02 
_pdbx_database_status.deposit_site                    RCSB 
_pdbx_database_status.process_site                    PDBJ 
_pdbx_database_status.SG_entry                        . 
_pdbx_database_status.pdb_format_compatible           Y 
_pdbx_database_status.status_code_mr                  ? 
_pdbx_database_status.status_code_sf                  ? 
_pdbx_database_status.status_code_cs                  ? 
_pdbx_database_status.status_code_nmr_data            ? 
_pdbx_database_status.methods_development_category    ? 
# 
loop_
_audit_author.name 
_audit_author.pdbx_ordinal 
'Chen, C.-J.'  1 
'Liu, M.-Y.'   2 
'Chang, W.-C.' 3 
'Chang, T.'    4 
'Wang, B.-C.'  5 
'Le Gall, J.'  6 
# 
_citation.id                        primary 
_citation.title                     
;Crystal structure of a nucleoside diphosphate kinase from Bacillus halodenitrificans: coexpression of its activity with a Mn-superoxide dismutase.
;
_citation.journal_abbrev            J.Struct.Biol. 
_citation.journal_volume            142 
_citation.page_first                247 
_citation.page_last                 255 
_citation.year                      2003 
_citation.journal_id_ASTM           JSBIEM 
_citation.country                   US 
_citation.journal_id_ISSN           1047-8477 
_citation.journal_id_CSD            0803 
_citation.book_publisher            ? 
_citation.pdbx_database_id_PubMed   12713952 
_citation.pdbx_database_id_DOI      '10.1016/S1047-8477(03)00014-5' 
# 
loop_
_citation_author.citation_id 
_citation_author.name 
_citation_author.ordinal 
_citation_author.identifier_ORCID 
primary 'Chen, C.-J.'  1 ? 
primary 'Liu, M.-Y.'   2 ? 
primary 'Chang, T.'    3 ? 
primary 'Chang, W.-C.' 4 ? 
primary 'Wang, B.-C.'  5 ? 
primary 'Le Gall, J.'  6 ? 
# 
loop_
_entity.id 
_entity.type 
_entity.src_method 
_entity.pdbx_description 
_entity.formula_weight 
_entity.pdbx_number_of_molecules 
_entity.pdbx_ec 
_entity.pdbx_mutation 
_entity.pdbx_fragment 
_entity.details 
1 polymer nat 'Nucleoside Diphosphate Kinase' 14883.729 1  2.7.4.6 ? ? ? 
2 water   nat water                           18.015    34 ?       ? ? ? 
# 
_entity_poly.entity_id                      1 
_entity_poly.type                           'polypeptide(L)' 
_entity_poly.nstd_linkage                   no 
_entity_poly.nstd_monomer                   no 
_entity_poly.pdbx_seq_one_letter_code       
;TKERTFLMVKPDGVQRNLVGEVVKRFESKGLKLAGAKLMVISKDGAAAHYAELGGGPFFGGLVGGATSGPVFAMVWEGLN
AAATARQILGATNPSDAAPGTIRGDFGVSAGRNAIHGSDSAGSAAKEIGAFFGGGEAASGTPAAAADIYG
;
_entity_poly.pdbx_seq_one_letter_code_can   
;TKERTFLMVKPDGVQRNLVGEVVKRFESKGLKLAGAKLMVISKDGAAAHYAELGGGPFFGGLVGGATSGPVFAMVWEGLN
AAATARQILGATNPSDAAPGTIRGDFGVSAGRNAIHGSDSAGSAAKEIGAFFGGGEAASGTPAAAADIYG
;
_entity_poly.pdbx_strand_id                 A 
_entity_poly.pdbx_target_identifier         ? 
# 
_pdbx_entity_nonpoly.entity_id   2 
_pdbx_entity_nonpoly.name        water 
_pdbx_entity_nonpoly.comp_id     HOH 
# 
loop_
_entity_poly_seq.entity_id 
_entity_poly_seq.num 
_entity_poly_seq.mon_id 
_entity_poly_seq.hetero 
1 1   THR n 
1 2   LYS n 
1 3   GLU n 
1 4   ARG n 
1 5   THR n 
1 6   PHE n 
1 7   LEU n 
1 8   MET n 
1 9   VAL n 
1 10  LYS n 
1 11  PRO n 
1 12  ASP n 
1 13  GLY n 
1 14  VAL n 
1 15  GLN n 
1 16  ARG n 
1 17  ASN n 
1 18  LEU n 
1 19  VAL n 
1 20  GLY n 
1 21  GLU n 
1 22  VAL n 
1 23  VAL n 
1 24  LYS n 
1 25  ARG n 
1 26  PHE n 
1 27  GLU n 
1 28  SER n 
1 29  LYS n 
1 30  GLY n 
1 31  LEU n 
1 32  LYS n 
1 33  LEU n 
1 34  ALA n 
1 35  GLY n 
1 36  ALA n 
1 37  LYS n 
1 38  LEU n 
1 39  MET n 
1 40  VAL n 
1 41  ILE n 
1 42  SER n 
1 43  LYS n 
1 44  ASP n 
1 45  GLY n 
1 46  ALA n 
1 47  ALA n 
1 48  ALA n 
1 49  HIS n 
1 50  TYR n 
1 51  ALA n 
1 52  GLU n 
1 53  LEU n 
1 54  GLY n 
1 55  GLY n 
1 56  GLY n 
1 57  PRO n 
1 58  PHE n 
1 59  PHE n 
1 60  GLY n 
1 61  GLY n 
1 62  LEU n 
1 63  VAL n 
1 64  GLY n 
1 65  GLY n 
1 66  ALA n 
1 67  THR n 
1 68  SER n 
1 69  GLY n 
1 70  PRO n 
1 71  VAL n 
1 72  PHE n 
1 73  ALA n 
1 74  MET n 
1 75  VAL n 
1 76  TRP n 
1 77  GLU n 
1 78  GLY n 
1 79  LEU n 
1 80  ASN n 
1 81  ALA n 
1 82  ALA n 
1 83  ALA n 
1 84  THR n 
1 85  ALA n 
1 86  ARG n 
1 87  GLN n 
1 88  ILE n 
1 89  LEU n 
1 90  GLY n 
1 91  ALA n 
1 92  THR n 
1 93  ASN n 
1 94  PRO n 
1 95  SER n 
1 96  ASP n 
1 97  ALA n 
1 98  ALA n 
1 99  PRO n 
1 100 GLY n 
1 101 THR n 
1 102 ILE n 
1 103 ARG n 
1 104 GLY n 
1 105 ASP n 
1 106 PHE n 
1 107 GLY n 
1 108 VAL n 
1 109 SER n 
1 110 ALA n 
1 111 GLY n 
1 112 ARG n 
1 113 ASN n 
1 114 ALA n 
1 115 ILE n 
1 116 HIS n 
1 117 GLY n 
1 118 SER n 
1 119 ASP n 
1 120 SER n 
1 121 ALA n 
1 122 GLY n 
1 123 SER n 
1 124 ALA n 
1 125 ALA n 
1 126 LYS n 
1 127 GLU n 
1 128 ILE n 
1 129 GLY n 
1 130 ALA n 
1 131 PHE n 
1 132 PHE n 
1 133 GLY n 
1 134 GLY n 
1 135 GLY n 
1 136 GLU n 
1 137 ALA n 
1 138 ALA n 
1 139 SER n 
1 140 GLY n 
1 141 THR n 
1 142 PRO n 
1 143 ALA n 
1 144 ALA n 
1 145 ALA n 
1 146 ALA n 
1 147 ASP n 
1 148 ILE n 
1 149 TYR n 
1 150 GLY n 
# 
_entity_src_nat.entity_id                  1 
_entity_src_nat.pdbx_src_id                1 
_entity_src_nat.pdbx_alt_source_flag       sample 
_entity_src_nat.pdbx_beg_seq_num           ? 
_entity_src_nat.pdbx_end_seq_num           ? 
_entity_src_nat.common_name                ? 
_entity_src_nat.pdbx_organism_scientific   'Virgibacillus halodenitrificans' 
_entity_src_nat.pdbx_ncbi_taxonomy_id      1482 
_entity_src_nat.genus                      Virgibacillus 
_entity_src_nat.species                    ? 
_entity_src_nat.strain                     ? 
_entity_src_nat.tissue                     ? 
_entity_src_nat.tissue_fraction            ? 
_entity_src_nat.pdbx_secretion             ? 
_entity_src_nat.pdbx_fragment              ? 
_entity_src_nat.pdbx_variant               ? 
_entity_src_nat.pdbx_cell_line             ? 
_entity_src_nat.pdbx_atcc                  ? 
_entity_src_nat.pdbx_cellular_location     ? 
_entity_src_nat.pdbx_organ                 ? 
_entity_src_nat.pdbx_organelle             ? 
_entity_src_nat.pdbx_cell                  ? 
_entity_src_nat.pdbx_plasmid_name          ? 
_entity_src_nat.pdbx_plasmid_details       ? 
_entity_src_nat.details                    ? 
# 
loop_
_chem_comp.id 
_chem_comp.type 
_chem_comp.mon_nstd_flag 
_chem_comp.name 
_chem_comp.pdbx_synonyms 
_chem_comp.formula 
_chem_comp.formula_weight 
ALA 'L-peptide linking' y ALANINE         ? 'C3 H7 N O2'     89.093  
ARG 'L-peptide linking' y ARGININE        ? 'C6 H15 N4 O2 1' 175.209 
ASN 'L-peptide linking' y ASPARAGINE      ? 'C4 H8 N2 O3'    132.118 
ASP 'L-peptide linking' y 'ASPARTIC ACID' ? 'C4 H7 N O4'     133.103 
GLN 'L-peptide linking' y GLUTAMINE       ? 'C5 H10 N2 O3'   146.144 
GLU 'L-peptide linking' y 'GLUTAMIC ACID' ? 'C5 H9 N O4'     147.129 
GLY 'peptide linking'   y GLYCINE         ? 'C2 H5 N O2'     75.067  
HIS 'L-peptide linking' y HISTIDINE       ? 'C6 H10 N3 O2 1' 156.162 
HOH non-polymer         . WATER           ? 'H2 O'           18.015  
ILE 'L-peptide linking' y ISOLEUCINE      ? 'C6 H13 N O2'    131.173 
LEU 'L-peptide linking' y LEUCINE         ? 'C6 H13 N O2'    131.173 
LYS 'L-peptide linking' y LYSINE          ? 'C6 H15 N2 O2 1' 147.195 
MET 'L-peptide linking' y METHIONINE      ? 'C5 H11 N O2 S'  149.211 
PHE 'L-peptide linking' y PHENYLALANINE   ? 'C9 H11 N O2'    165.189 
PRO 'L-peptide linking' y PROLINE         ? 'C5 H9 N O2'     115.130 
SER 'L-peptide linking' y SERINE          ? 'C3 H7 N O3'     105.093 
THR 'L-peptide linking' y THREONINE       ? 'C4 H9 N O3'     119.119 
TRP 'L-peptide linking' y TRYPTOPHAN      ? 'C11 H12 N2 O2'  204.225 
TYR 'L-peptide linking' y TYROSINE        ? 'C9 H11 N O3'    181.189 
VAL 'L-peptide linking' y VALINE          ? 'C5 H11 N O2'    117.146 
# 
loop_
_pdbx_poly_seq_scheme.asym_id 
_pdbx_poly_seq_scheme.entity_id 
_pdbx_poly_seq_scheme.seq_id 
_pdbx_poly_seq_scheme.mon_id 
_pdbx_poly_seq_scheme.ndb_seq_num 
_pdbx_poly_seq_scheme.pdb_seq_num 
_pdbx_poly_seq_scheme.auth_seq_num 
_pdbx_poly_seq_scheme.pdb_mon_id 
_pdbx_poly_seq_scheme.auth_mon_id 
_pdbx_poly_seq_scheme.pdb_strand_id 
_pdbx_poly_seq_scheme.pdb_ins_code 
_pdbx_poly_seq_scheme.hetero 
A 1 1   THR 1   1   ?   ?   ?   A . n 
A 1 2   LYS 2   2   2   LYS LYS A . n 
A 1 3   GLU 3   3   3   GLU GLU A . n 
A 1 4   ARG 4   4   4   ARG ARG A . n 
A 1 5   THR 5   5   5   THR THR A . n 
A 1 6   PHE 6   6   6   PHE PHE A . n 
A 1 7   LEU 7   7   7   LEU LEU A . n 
A 1 8   MET 8   8   8   MET MET A . n 
A 1 9   VAL 9   9   9   VAL VAL A . n 
A 1 10  LYS 10  10  10  LYS LYS A . n 
A 1 11  PRO 11  11  11  PRO PRO A . n 
A 1 12  ASP 12  12  12  ASP ASP A . n 
A 1 13  GLY 13  13  13  GLY GLY A . n 
A 1 14  VAL 14  14  14  VAL VAL A . n 
A 1 15  GLN 15  15  15  GLN GLN A . n 
A 1 16  ARG 16  16  16  ARG ARG A . n 
A 1 17  ASN 17  17  17  ASN ASN A . n 
A 1 18  LEU 18  18  18  LEU LEU A . n 
A 1 19  VAL 19  19  19  VAL VAL A . n 
A 1 20  GLY 20  20  20  GLY GLY A . n 
A 1 21  GLU 21  21  21  GLU GLU A . n 
A 1 22  VAL 22  22  22  VAL VAL A . n 
A 1 23  VAL 23  23  23  VAL VAL A . n 
A 1 24  LYS 24  24  24  LYS LYS A . n 
A 1 25  ARG 25  25  25  ARG ARG A . n 
A 1 26  PHE 26  26  26  PHE PHE A . n 
A 1 27  GLU 27  27  27  GLU GLU A . n 
A 1 28  SER 28  28  28  SER SER A . n 
A 1 29  LYS 29  29  29  LYS LYS A . n 
A 1 30  GLY 30  30  30  GLY GLY A . n 
A 1 31  LEU 31  31  31  LEU LEU A . n 
A 1 32  LYS 32  32  32  LYS LYS A . n 
A 1 33  LEU 33  33  33  LEU LEU A . n 
A 1 34  ALA 34  34  34  ALA ALA A . n 
A 1 35  GLY 35  35  35  GLY GLY A . n 
A 1 36  ALA 36  36  36  ALA ALA A . n 
A 1 37  LYS 37  37  37  LYS LYS A . n 
A 1 38  LEU 38  38  38  LEU LEU A . n 
A 1 39  MET 39  39  39  MET MET A . n 
A 1 40  VAL 40  40  40  VAL VAL A . n 
A 1 41  ILE 41  41  41  ILE ILE A . n 
A 1 42  SER 42  42  42  SER SER A . n 
A 1 43  LYS 43  43  43  LYS LYS A . n 
A 1 44  ASP 44  44  44  ASP ASP A . n 
A 1 45  GLY 45  45  45  GLY GLY A . n 
A 1 46  ALA 46  46  46  ALA ALA A . n 
A 1 47  ALA 47  47  47  ALA ALA A . n 
A 1 48  ALA 48  48  48  ALA ALA A . n 
A 1 49  HIS 49  49  49  HIS HIS A . n 
A 1 50  TYR 50  50  50  TYR TYR A . n 
A 1 51  ALA 51  51  51  ALA ALA A . n 
A 1 52  GLU 52  52  52  GLU GLU A . n 
A 1 53  LEU 53  53  53  LEU LEU A . n 
A 1 54  GLY 54  54  54  GLY GLY A . n 
A 1 55  GLY 55  55  55  GLY GLY A . n 
A 1 56  GLY 56  56  56  GLY GLY A . n 
A 1 57  PRO 57  57  57  PRO PRO A . n 
A 1 58  PHE 58  58  58  PHE PHE A . n 
A 1 59  PHE 59  59  59  PHE PHE A . n 
A 1 60  GLY 60  60  60  GLY GLY A . n 
A 1 61  GLY 61  61  61  GLY GLY A . n 
A 1 62  LEU 62  62  62  LEU LEU A . n 
A 1 63  VAL 63  63  63  VAL VAL A . n 
A 1 64  GLY 64  64  64  GLY GLY A . n 
A 1 65  GLY 65  65  65  GLY GLY A . n 
A 1 66  ALA 66  66  66  ALA ALA A . n 
A 1 67  THR 67  67  67  THR THR A . n 
A 1 68  SER 68  68  68  SER SER A . n 
A 1 69  GLY 69  69  69  GLY GLY A . n 
A 1 70  PRO 70  70  70  PRO PRO A . n 
A 1 71  VAL 71  71  71  VAL VAL A . n 
A 1 72  PHE 72  72  72  PHE PHE A . n 
A 1 73  ALA 73  73  73  ALA ALA A . n 
A 1 74  MET 74  74  74  MET MET A . n 
A 1 75  VAL 75  75  75  VAL VAL A . n 
A 1 76  TRP 76  76  76  TRP TRP A . n 
A 1 77  GLU 77  77  77  GLU GLU A . n 
A 1 78  GLY 78  78  78  GLY GLY A . n 
A 1 79  LEU 79  79  79  LEU LEU A . n 
A 1 80  ASN 80  80  80  ASN ASN A . n 
A 1 81  ALA 81  81  81  ALA ALA A . n 
A 1 82  ALA 82  82  82  ALA ALA A . n 
A 1 83  ALA 83  83  83  ALA ALA A . n 
A 1 84  THR 84  84  84  THR THR A . n 
A 1 85  ALA 85  85  85  ALA ALA A . n 
A 1 86  ARG 86  86  86  ARG ARG A . n 
A 1 87  GLN 87  87  87  GLN GLN A . n 
A 1 88  ILE 88  88  88  ILE ILE A . n 
A 1 89  LEU 89  89  89  LEU LEU A . n 
A 1 90  GLY 90  90  90  GLY GLY A . n 
A 1 91  ALA 91  91  91  ALA ALA A . n 
A 1 92  THR 92  92  92  THR THR A . n 
A 1 93  ASN 93  93  93  ASN ASN A . n 
A 1 94  PRO 94  94  94  PRO PRO A . n 
A 1 95  SER 95  95  95  SER SER A . n 
A 1 96  ASP 96  96  96  ASP ASP A . n 
A 1 97  ALA 97  97  97  ALA ALA A . n 
A 1 98  ALA 98  98  98  ALA ALA A . n 
A 1 99  PRO 99  99  99  PRO PRO A . n 
A 1 100 GLY 100 100 100 GLY GLY A . n 
A 1 101 THR 101 101 101 THR THR A . n 
A 1 102 ILE 102 102 102 ILE ILE A . n 
A 1 103 ARG 103 103 103 ARG ARG A . n 
A 1 104 GLY 104 104 104 GLY GLY A . n 
A 1 105 ASP 105 105 105 ASP ASP A . n 
A 1 106 PHE 106 106 106 PHE PHE A . n 
A 1 107 GLY 107 107 107 GLY GLY A . n 
A 1 108 VAL 108 108 108 VAL VAL A . n 
A 1 109 SER 109 109 109 SER SER A . n 
A 1 110 ALA 110 110 110 ALA ALA A . n 
A 1 111 GLY 111 111 111 GLY GLY A . n 
A 1 112 ARG 112 112 112 ARG ARG A . n 
A 1 113 ASN 113 113 113 ASN ASN A . n 
A 1 114 ALA 114 114 114 ALA ALA A . n 
A 1 115 ILE 115 115 115 ILE ILE A . n 
A 1 116 HIS 116 116 116 HIS HIS A . n 
A 1 117 GLY 117 117 117 GLY GLY A . n 
A 1 118 SER 118 118 118 SER SER A . n 
A 1 119 ASP 119 119 119 ASP ASP A . n 
A 1 120 SER 120 120 120 SER SER A . n 
A 1 121 ALA 121 121 121 ALA ALA A . n 
A 1 122 GLY 122 122 122 GLY GLY A . n 
A 1 123 SER 123 123 123 SER SER A . n 
A 1 124 ALA 124 124 124 ALA ALA A . n 
A 1 125 ALA 125 125 125 ALA ALA A . n 
A 1 126 LYS 126 126 126 LYS LYS A . n 
A 1 127 GLU 127 127 127 GLU GLU A . n 
A 1 128 ILE 128 128 128 ILE ILE A . n 
A 1 129 GLY 129 129 129 GLY GLY A . n 
A 1 130 ALA 130 130 130 ALA ALA A . n 
A 1 131 PHE 131 131 131 PHE PHE A . n 
A 1 132 PHE 132 132 132 PHE PHE A . n 
A 1 133 GLY 133 133 133 GLY GLY A . n 
A 1 134 GLY 134 134 134 GLY GLY A . n 
A 1 135 GLY 135 135 135 GLY GLY A . n 
A 1 136 GLU 136 136 136 GLU GLU A . n 
A 1 137 ALA 137 137 137 ALA ALA A . n 
A 1 138 ALA 138 138 138 ALA ALA A . n 
A 1 139 SER 139 139 139 SER SER A . n 
A 1 140 GLY 140 140 140 GLY GLY A . n 
A 1 141 THR 141 141 141 THR THR A . n 
A 1 142 PRO 142 142 142 PRO PRO A . n 
A 1 143 ALA 143 143 143 ALA ALA A . n 
A 1 144 ALA 144 144 144 ALA ALA A . n 
A 1 145 ALA 145 145 145 ALA ALA A . n 
A 1 146 ALA 146 146 146 ALA ALA A . n 
A 1 147 ASP 147 147 147 ASP ASP A . n 
A 1 148 ILE 148 148 148 ILE ILE A . n 
A 1 149 TYR 149 149 149 TYR TYR A . n 
A 1 150 GLY 150 150 150 GLY GLY A . n 
# 
loop_
_pdbx_nonpoly_scheme.asym_id 
_pdbx_nonpoly_scheme.entity_id 
_pdbx_nonpoly_scheme.mon_id 
_pdbx_nonpoly_scheme.ndb_seq_num 
_pdbx_nonpoly_scheme.pdb_seq_num 
_pdbx_nonpoly_scheme.auth_seq_num 
_pdbx_nonpoly_scheme.pdb_mon_id 
_pdbx_nonpoly_scheme.auth_mon_id 
_pdbx_nonpoly_scheme.pdb_strand_id 
_pdbx_nonpoly_scheme.pdb_ins_code 
B 2 HOH 1  151 151 HOH HOH A . 
B 2 HOH 2  152 152 HOH HOH A . 
B 2 HOH 3  153 153 HOH HOH A . 
B 2 HOH 4  154 154 HOH HOH A . 
B 2 HOH 5  155 155 HOH HOH A . 
B 2 HOH 6  156 156 HOH HOH A . 
B 2 HOH 7  157 157 HOH HOH A . 
B 2 HOH 8  158 158 HOH HOH A . 
B 2 HOH 9  159 159 HOH HOH A . 
B 2 HOH 10 160 160 HOH HOH A . 
B 2 HOH 11 161 161 HOH HOH A . 
B 2 HOH 12 162 162 HOH HOH A . 
B 2 HOH 13 163 163 HOH HOH A . 
B 2 HOH 14 164 164 HOH HOH A . 
B 2 HOH 15 165 165 HOH HOH A . 
B 2 HOH 16 166 166 HOH HOH A . 
B 2 HOH 17 167 167 HOH HOH A . 
B 2 HOH 18 168 168 HOH HOH A . 
B 2 HOH 19 169 169 HOH HOH A . 
B 2 HOH 20 170 170 HOH HOH A . 
B 2 HOH 21 171 171 HOH HOH A . 
B 2 HOH 22 172 172 HOH HOH A . 
B 2 HOH 23 173 173 HOH HOH A . 
B 2 HOH 24 174 174 HOH HOH A . 
B 2 HOH 25 175 175 HOH HOH A . 
B 2 HOH 26 176 176 HOH HOH A . 
B 2 HOH 27 177 177 HOH HOH A . 
B 2 HOH 28 178 178 HOH HOH A . 
B 2 HOH 29 179 179 HOH HOH A . 
B 2 HOH 30 180 180 HOH HOH A . 
B 2 HOH 31 181 181 HOH HOH A . 
B 2 HOH 32 182 182 HOH HOH A . 
B 2 HOH 33 183 183 HOH HOH A . 
B 2 HOH 34 184 184 HOH HOH A . 
# 
loop_
_pdbx_unobs_or_zero_occ_atoms.id 
_pdbx_unobs_or_zero_occ_atoms.PDB_model_num 
_pdbx_unobs_or_zero_occ_atoms.polymer_flag 
_pdbx_unobs_or_zero_occ_atoms.occupancy_flag 
_pdbx_unobs_or_zero_occ_atoms.auth_asym_id 
_pdbx_unobs_or_zero_occ_atoms.auth_comp_id 
_pdbx_unobs_or_zero_occ_atoms.auth_seq_id 
_pdbx_unobs_or_zero_occ_atoms.PDB_ins_code 
_pdbx_unobs_or_zero_occ_atoms.auth_atom_id 
_pdbx_unobs_or_zero_occ_atoms.label_alt_id 
_pdbx_unobs_or_zero_occ_atoms.label_asym_id 
_pdbx_unobs_or_zero_occ_atoms.label_comp_id 
_pdbx_unobs_or_zero_occ_atoms.label_seq_id 
_pdbx_unobs_or_zero_occ_atoms.label_atom_id 
1  1 Y 1 A LYS 2   ? CB  ? A LYS 2   CB  
2  1 Y 1 A LYS 2   ? CG  ? A LYS 2   CG  
3  1 Y 1 A LYS 2   ? CD  ? A LYS 2   CD  
4  1 Y 1 A LYS 2   ? CE  ? A LYS 2   CE  
5  1 Y 1 A LYS 2   ? NZ  ? A LYS 2   NZ  
6  1 Y 1 A ALA 51  ? CB  ? A ALA 51  CB  
7  1 Y 1 A THR 141 ? CB  ? A THR 141 CB  
8  1 Y 1 A THR 141 ? OG1 ? A THR 141 OG1 
9  1 Y 1 A THR 141 ? CG2 ? A THR 141 CG2 
10 1 Y 1 A PRO 142 ? CB  ? A PRO 142 CB  
11 1 Y 1 A PRO 142 ? CG  ? A PRO 142 CG  
12 1 Y 1 A PRO 142 ? CD  ? A PRO 142 CD  
13 1 Y 1 A ALA 143 ? CB  ? A ALA 143 CB  
14 1 Y 1 A ALA 144 ? CB  ? A ALA 144 CB  
# 
loop_
_software.name 
_software.classification 
_software.version 
_software.citation_id 
_software.pdbx_ordinal 
DENZO     'data reduction' .   ? 1 
SCALEPACK 'data scaling'   .   ? 2 
AMoRE     phasing          .   ? 3 
CNS       refinement       1.0 ? 4 
# 
_cell.entry_id           1NB2 
_cell.length_a           114.07 
_cell.length_b           114.07 
_cell.length_c           114.07 
_cell.angle_alpha        90.00 
_cell.angle_beta         90.00 
_cell.angle_gamma        90.00 
_cell.pdbx_unique_axis   ? 
_cell.Z_PDB              24 
# 
_symmetry.entry_id                         1NB2 
_symmetry.space_group_name_H-M             'P 43 3 2' 
_symmetry.pdbx_full_space_group_name_H-M   ? 
_symmetry.Int_Tables_number                212 
_symmetry.cell_setting                     ? 
# 
_exptl.entry_id          1NB2 
_exptl.method            'X-RAY DIFFRACTION' 
_exptl.crystals_number   1 
# 
_exptl_crystal.id                    1 
_exptl_crystal.density_meas          ? 
_exptl_crystal.density_Matthews      4.15 
_exptl_crystal.density_percent_sol   70.39 
_exptl_crystal.description           ? 
# 
_exptl_crystal_grow.crystal_id      1 
_exptl_crystal_grow.method          'VAPOR DIFFUSION, HANGING DROP' 
_exptl_crystal_grow.temp            291 
_exptl_crystal_grow.temp_details    ? 
_exptl_crystal_grow.pH              6.0 
_exptl_crystal_grow.pdbx_details    'Sodium Formate, MES, pH 6.0, VAPOR DIFFUSION, HANGING DROP, temperature 291K' 
_exptl_crystal_grow.pdbx_pH_range   . 
# 
_diffrn.id                     1 
_diffrn.ambient_temp           100 
_diffrn.ambient_temp_details   ? 
_diffrn.crystal_id             1 
# 
_diffrn_detector.diffrn_id              1 
_diffrn_detector.detector               'IMAGE PLATE' 
_diffrn_detector.type                   'RIGAKU RAXIS IV++' 
_diffrn_detector.pdbx_collection_date   2001-11-14 
_diffrn_detector.details                mirrors 
# 
_diffrn_radiation.diffrn_id                        1 
_diffrn_radiation.wavelength_id                    1 
_diffrn_radiation.pdbx_monochromatic_or_laue_m_l   M 
_diffrn_radiation.monochromator                    'SAGITALLY FOCUSED Si(111)' 
_diffrn_radiation.pdbx_diffrn_protocol             'SINGLE WAVELENGTH' 
_diffrn_radiation.pdbx_scattering_type             x-ray 
# 
_diffrn_radiation_wavelength.id           1 
_diffrn_radiation_wavelength.wavelength   1.116 
_diffrn_radiation_wavelength.wt           1.0 
# 
_diffrn_source.diffrn_id                   1 
_diffrn_source.source                      SYNCHROTRON 
_diffrn_source.type                        'NSRRC BEAMLINE BL17B2' 
_diffrn_source.pdbx_synchrotron_site       NSRRC 
_diffrn_source.pdbx_synchrotron_beamline   BL17B2 
_diffrn_source.pdbx_wavelength             ? 
_diffrn_source.pdbx_wavelength_list        1.116 
# 
_reflns.entry_id                     1NB2 
_reflns.observed_criterion_sigma_F   1 
_reflns.observed_criterion_sigma_I   1 
_reflns.d_resolution_high            2.2 
_reflns.d_resolution_low             20 
_reflns.number_all                   24296 
_reflns.number_obs                   21145 
_reflns.percent_possible_obs         87.03 
_reflns.pdbx_Rmerge_I_obs            ? 
_reflns.pdbx_Rsym_value              0.056 
_reflns.pdbx_netI_over_sigmaI        16.1 
_reflns.B_iso_Wilson_estimate        ? 
_reflns.pdbx_redundancy              7.0 
_reflns.R_free_details               ? 
_reflns.limit_h_max                  ? 
_reflns.limit_h_min                  ? 
_reflns.limit_k_max                  ? 
_reflns.limit_k_min                  ? 
_reflns.limit_l_max                  ? 
_reflns.limit_l_min                  ? 
_reflns.observed_criterion_F_max     ? 
_reflns.observed_criterion_F_min     ? 
_reflns.pdbx_diffrn_id               1 
_reflns.pdbx_ordinal                 1 
# 
_reflns_shell.d_res_high             2.20 
_reflns_shell.d_res_low              2.24 
_reflns_shell.percent_possible_all   64.0 
_reflns_shell.Rmerge_I_obs           ? 
_reflns_shell.pdbx_Rsym_value        0.26 
_reflns_shell.meanI_over_sigI_obs    3.4 
_reflns_shell.pdbx_redundancy        1.6 
_reflns_shell.percent_possible_obs   ? 
_reflns_shell.number_unique_all      813 
_reflns_shell.pdbx_diffrn_id         ? 
_reflns_shell.pdbx_ordinal           1 
# 
_refine.entry_id                                 1NB2 
_refine.ls_d_res_high                            2.2 
_refine.ls_d_res_low                             15 
_refine.pdbx_ls_sigma_F                          1 
_refine.pdbx_ls_sigma_I                          ? 
_refine.ls_number_reflns_all                     24296 
_refine.ls_number_reflns_obs                     21145 
_refine.ls_number_reflns_R_free                  2115 
_refine.ls_percent_reflns_obs                    87.03 
_refine.ls_R_factor_all                          0.234 
_refine.ls_R_factor_obs                          0.229 
_refine.ls_R_factor_R_work                       0.213 
_refine.ls_R_factor_R_free                       0.254 
_refine.ls_redundancy_reflns_obs                 ? 
_refine.pdbx_data_cutoff_high_absF               ? 
_refine.pdbx_data_cutoff_low_absF                ? 
_refine.ls_number_parameters                     ? 
_refine.ls_number_restraints                     ? 
_refine.ls_percent_reflns_R_free                 ? 
_refine.ls_R_factor_R_free_error                 ? 
_refine.ls_R_factor_R_free_error_details         ? 
_refine.pdbx_method_to_determine_struct          'MOLECULAR REPLACEMENT' 
_refine.pdbx_starting_model                      ? 
_refine.pdbx_ls_cross_valid_method               THROUGHOUT 
_refine.pdbx_R_Free_selection_details            RANDOM 
_refine.pdbx_stereochem_target_val_spec_case     ? 
_refine.pdbx_stereochemistry_target_values       'Engh & Huber' 
_refine.solvent_model_details                    ? 
_refine.solvent_model_param_bsol                 ? 
_refine.solvent_model_param_ksol                 ? 
_refine.occupancy_max                            ? 
_refine.occupancy_min                            ? 
_refine.pdbx_isotropic_thermal_model             ? 
_refine.B_iso_mean                               ? 
_refine.aniso_B[1][1]                            ? 
_refine.aniso_B[1][2]                            ? 
_refine.aniso_B[1][3]                            ? 
_refine.aniso_B[2][2]                            ? 
_refine.aniso_B[2][3]                            ? 
_refine.aniso_B[3][3]                            ? 
_refine.details                                  ? 
_refine.B_iso_min                                ? 
_refine.B_iso_max                                ? 
_refine.correlation_coeff_Fo_to_Fc               ? 
_refine.correlation_coeff_Fo_to_Fc_free          ? 
_refine.pdbx_solvent_vdw_probe_radii             ? 
_refine.pdbx_solvent_ion_probe_radii             ? 
_refine.pdbx_solvent_shrinkage_radii             ? 
_refine.overall_SU_R_Cruickshank_DPI             ? 
_refine.overall_SU_R_free                        ? 
_refine.overall_SU_B                             ? 
_refine.overall_SU_ML                            ? 
_refine.pdbx_overall_ESU_R                       ? 
_refine.pdbx_overall_ESU_R_Free                  ? 
_refine.pdbx_data_cutoff_high_rms_absF           ? 
_refine.pdbx_refine_id                           'X-RAY DIFFRACTION' 
_refine.pdbx_diffrn_id                           1 
_refine.pdbx_TLS_residual_ADP_flag               ? 
_refine.pdbx_overall_phase_error                 ? 
_refine.pdbx_overall_SU_R_free_Cruickshank_DPI   ? 
_refine.pdbx_overall_SU_R_Blow_DPI               ? 
_refine.pdbx_overall_SU_R_free_Blow_DPI          ? 
# 
_refine_hist.pdbx_refine_id                   'X-RAY DIFFRACTION' 
_refine_hist.cycle_id                         LAST 
_refine_hist.pdbx_number_atoms_protein        1026 
_refine_hist.pdbx_number_atoms_nucleic_acid   0 
_refine_hist.pdbx_number_atoms_ligand         0 
_refine_hist.number_atoms_solvent             34 
_refine_hist.number_atoms_total               1060 
_refine_hist.d_res_high                       2.2 
_refine_hist.d_res_low                        15 
# 
loop_
_refine_ls_restr.type 
_refine_ls_restr.dev_ideal 
_refine_ls_restr.dev_ideal_target 
_refine_ls_restr.weight 
_refine_ls_restr.number 
_refine_ls_restr.pdbx_refine_id 
_refine_ls_restr.pdbx_restraint_function 
c_angle_deg 1.734 ? ? ? 'X-RAY DIFFRACTION' ? 
c_bond_d    0.009 ? ? ? 'X-RAY DIFFRACTION' ? 
# 
_struct.entry_id                  1NB2 
_struct.title                     'Crystal Structure of Nucleoside Diphosphate Kinase from Bacillus Halodenitrificans' 
_struct.pdbx_model_details        ? 
_struct.pdbx_CASP_flag            ? 
_struct.pdbx_model_type_details   ? 
# 
_struct_keywords.entry_id        1NB2 
_struct_keywords.pdbx_keywords   TRANSFERASE 
_struct_keywords.text            'Nucleoside Diphosphate Kinase, Bacillus Halodenitrifians, TRANSFERASE' 
# 
loop_
_struct_asym.id 
_struct_asym.pdbx_blank_PDB_chainid_flag 
_struct_asym.pdbx_modified 
_struct_asym.entity_id 
_struct_asym.details 
A N N 1 ? 
B N N 2 ? 
# 
_struct_ref.id                         1 
_struct_ref.db_name                    UNP 
_struct_ref.db_code                    Q7SIA9_BACHA 
_struct_ref.pdbx_db_accession          Q7SIA9 
_struct_ref.entity_id                  1 
_struct_ref.pdbx_align_begin           1 
_struct_ref.pdbx_db_isoform            ? 
_struct_ref.pdbx_seq_one_letter_code   ? 
# 
_struct_ref_seq.align_id                      1 
_struct_ref_seq.ref_id                        1 
_struct_ref_seq.pdbx_PDB_id_code              1NB2 
_struct_ref_seq.pdbx_strand_id                A 
_struct_ref_seq.seq_align_beg                 1 
_struct_ref_seq.pdbx_seq_align_beg_ins_code   ? 
_struct_ref_seq.seq_align_end                 150 
_struct_ref_seq.pdbx_seq_align_end_ins_code   ? 
_struct_ref_seq.pdbx_db_accession             Q7SIA9 
_struct_ref_seq.db_align_beg                  1 
_struct_ref_seq.pdbx_db_align_beg_ins_code    ? 
_struct_ref_seq.db_align_end                  150 
_struct_ref_seq.pdbx_db_align_end_ins_code    ? 
_struct_ref_seq.pdbx_auth_seq_align_beg       1 
_struct_ref_seq.pdbx_auth_seq_align_end       150 
# 
_pdbx_struct_assembly.id                   1 
_pdbx_struct_assembly.details              author_defined_assembly 
_pdbx_struct_assembly.method_details       ? 
_pdbx_struct_assembly.oligomeric_details   hexameric 
_pdbx_struct_assembly.oligomeric_count     6 
# 
_pdbx_struct_assembly_gen.assembly_id       1 
_pdbx_struct_assembly_gen.oper_expression   1,2,3,4,5,6 
_pdbx_struct_assembly_gen.asym_id_list      A,B 
# 
loop_
_pdbx_struct_oper_list.id 
_pdbx_struct_oper_list.type 
_pdbx_struct_oper_list.name 
_pdbx_struct_oper_list.symmetry_operation 
_pdbx_struct_oper_list.matrix[1][1] 
_pdbx_struct_oper_list.matrix[1][2] 
_pdbx_struct_oper_list.matrix[1][3] 
_pdbx_struct_oper_list.vector[1] 
_pdbx_struct_oper_list.matrix[2][1] 
_pdbx_struct_oper_list.matrix[2][2] 
_pdbx_struct_oper_list.matrix[2][3] 
_pdbx_struct_oper_list.vector[2] 
_pdbx_struct_oper_list.matrix[3][1] 
_pdbx_struct_oper_list.matrix[3][2] 
_pdbx_struct_oper_list.matrix[3][3] 
_pdbx_struct_oper_list.vector[3] 
1 'identity operation'         1_555  x,y,z                1.0000000000  0.0000000000  0.0000000000  0.0000000000   0.0000000000  1.0000000000  0.0000000000  0.0000000000   0.0000000000  0.0000000000  1.0000000000  0.0000000000   
2 'crystal symmetry operation' 5_555  z,x,y                -0.4896918914 -0.8602117209 -0.1422590831 -31.4704719916 0.8654864622  -0.4993252182 0.0400937677  9.9554140241   -0.1055226766 -0.1034897176 0.9890171096  -2.4065123063  
3 'crystal symmetry operation' 9_555  y,z,x                -0.4896918914 0.8654864622  -0.1055226766 -24.2810526354 -0.8602117209 -0.4993252182 -0.1034897176 -22.3493288689 -0.1422590831 0.0400937677  0.9890171096  -2.4960287002  
4 'crystal symmetry operation' 14_666 -y+5/4,-x+5/4,-z+5/4 0.7841113196  0.5993191134  0.1612018571  0.6479999633   0.5993191134  -0.7986765760 0.0541509675  4.2866653417   0.1612018571  0.0541509675  -0.9854347436 -23.1088190208 
5 'crystal symmetry operation' 19_666 -x+5/4,-z+5/4,-y+5/4 0.1177191726  -0.9904396294 0.0719133987  -18.4498177065 -0.9904396294 -0.1223460386 -0.0637243072 -22.6556609853 0.0719133987  -0.0637243072 -0.9953731339 -25.2713614109 
6 'crystal symmetry operation' 24_666 -z+5/4,-y+5/4,-x+5/4 -0.9224467095 0.3858457747  0.0146665038  -32.1877926854 0.3858457747  0.9196730511  0.0729692897  7.4492894919   0.0146665038  0.0729692897  -0.9972263416 -25.7735341768 
# 
_struct_biol.id                    1 
_struct_biol.details               
;The biological assembly is a hexamer generated from the monomer 
in the asymmetric unit by the crystallographic operations.
;
_struct_biol.pdbx_parent_biol_id   ? 
# 
loop_
_struct_conf.conf_type_id 
_struct_conf.id 
_struct_conf.pdbx_PDB_helix_id 
_struct_conf.beg_label_comp_id 
_struct_conf.beg_label_asym_id 
_struct_conf.beg_label_seq_id 
_struct_conf.pdbx_beg_PDB_ins_code 
_struct_conf.end_label_comp_id 
_struct_conf.end_label_asym_id 
_struct_conf.end_label_seq_id 
_struct_conf.pdbx_end_PDB_ins_code 
_struct_conf.beg_auth_comp_id 
_struct_conf.beg_auth_asym_id 
_struct_conf.beg_auth_seq_id 
_struct_conf.end_auth_comp_id 
_struct_conf.end_auth_asym_id 
_struct_conf.end_auth_seq_id 
_struct_conf.pdbx_PDB_helix_class 
_struct_conf.details 
_struct_conf.pdbx_PDB_helix_length 
HELX_P HELX_P1 1 LYS A 10  ? ARG A 16  ? LYS A 10  ARG A 16  1 ? 7  
HELX_P HELX_P2 2 LEU A 18  ? SER A 28  ? LEU A 18  SER A 28  1 ? 11 
HELX_P HELX_P3 3 LYS A 43  ? TYR A 50  ? LYS A 43  TYR A 50  1 ? 8  
HELX_P HELX_P4 4 PHE A 58  ? THR A 67  ? PHE A 58  THR A 67  1 ? 10 
HELX_P HELX_P5 5 ASN A 80  ? GLY A 90  ? ASN A 80  GLY A 90  1 ? 11 
HELX_P HELX_P6 6 THR A 101 ? PHE A 106 ? THR A 101 PHE A 106 1 ? 6  
HELX_P HELX_P7 7 SER A 120 ? PHE A 132 ? SER A 120 PHE A 132 1 ? 13 
HELX_P HELX_P8 8 ALA A 144 ? ILE A 148 ? ALA A 144 ILE A 148 5 ? 5  
# 
_struct_conf_type.id          HELX_P 
_struct_conf_type.criteria    ? 
_struct_conf_type.reference   ? 
# 
_struct_sheet.id               A 
_struct_sheet.type             ? 
_struct_sheet.number_strands   4 
_struct_sheet.details          ? 
# 
loop_
_struct_sheet_order.sheet_id 
_struct_sheet_order.range_id_1 
_struct_sheet_order.range_id_2 
_struct_sheet_order.offset 
_struct_sheet_order.sense 
A 1 2 ? anti-parallel 
A 2 3 ? anti-parallel 
A 3 4 ? anti-parallel 
# 
loop_
_struct_sheet_range.sheet_id 
_struct_sheet_range.id 
_struct_sheet_range.beg_label_comp_id 
_struct_sheet_range.beg_label_asym_id 
_struct_sheet_range.beg_label_seq_id 
_struct_sheet_range.pdbx_beg_PDB_ins_code 
_struct_sheet_range.end_label_comp_id 
_struct_sheet_range.end_label_asym_id 
_struct_sheet_range.end_label_seq_id 
_struct_sheet_range.pdbx_end_PDB_ins_code 
_struct_sheet_range.beg_auth_comp_id 
_struct_sheet_range.beg_auth_asym_id 
_struct_sheet_range.beg_auth_seq_id 
_struct_sheet_range.end_auth_comp_id 
_struct_sheet_range.end_auth_asym_id 
_struct_sheet_range.end_auth_seq_id 
A 1 LYS A 32  ? LYS A 37  ? LYS A 32  LYS A 37  
A 2 ALA A 73  ? GLU A 77  ? ALA A 73  GLU A 77  
A 3 THR A 5   ? VAL A 9   ? THR A 5   VAL A 9   
A 4 ILE A 115 ? GLY A 117 ? ILE A 115 GLY A 117 
# 
loop_
_pdbx_struct_sheet_hbond.sheet_id 
_pdbx_struct_sheet_hbond.range_id_1 
_pdbx_struct_sheet_hbond.range_id_2 
_pdbx_struct_sheet_hbond.range_1_label_atom_id 
_pdbx_struct_sheet_hbond.range_1_label_comp_id 
_pdbx_struct_sheet_hbond.range_1_label_asym_id 
_pdbx_struct_sheet_hbond.range_1_label_seq_id 
_pdbx_struct_sheet_hbond.range_1_PDB_ins_code 
_pdbx_struct_sheet_hbond.range_1_auth_atom_id 
_pdbx_struct_sheet_hbond.range_1_auth_comp_id 
_pdbx_struct_sheet_hbond.range_1_auth_asym_id 
_pdbx_struct_sheet_hbond.range_1_auth_seq_id 
_pdbx_struct_sheet_hbond.range_2_label_atom_id 
_pdbx_struct_sheet_hbond.range_2_label_comp_id 
_pdbx_struct_sheet_hbond.range_2_label_asym_id 
_pdbx_struct_sheet_hbond.range_2_label_seq_id 
_pdbx_struct_sheet_hbond.range_2_PDB_ins_code 
_pdbx_struct_sheet_hbond.range_2_auth_atom_id 
_pdbx_struct_sheet_hbond.range_2_auth_comp_id 
_pdbx_struct_sheet_hbond.range_2_auth_asym_id 
_pdbx_struct_sheet_hbond.range_2_auth_seq_id 
A 1 2 N LYS A 32 ? N LYS A 32 O GLU A 77  ? O GLU A 77  
A 2 3 O TRP A 76 ? O TRP A 76 N THR A 5   ? N THR A 5   
A 3 4 N MET A 8  ? N MET A 8  O HIS A 116 ? O HIS A 116 
# 
loop_
_pdbx_validate_rmsd_bond.id 
_pdbx_validate_rmsd_bond.PDB_model_num 
_pdbx_validate_rmsd_bond.auth_atom_id_1 
_pdbx_validate_rmsd_bond.auth_asym_id_1 
_pdbx_validate_rmsd_bond.auth_comp_id_1 
_pdbx_validate_rmsd_bond.auth_seq_id_1 
_pdbx_validate_rmsd_bond.PDB_ins_code_1 
_pdbx_validate_rmsd_bond.label_alt_id_1 
_pdbx_validate_rmsd_bond.auth_atom_id_2 
_pdbx_validate_rmsd_bond.auth_asym_id_2 
_pdbx_validate_rmsd_bond.auth_comp_id_2 
_pdbx_validate_rmsd_bond.auth_seq_id_2 
_pdbx_validate_rmsd_bond.PDB_ins_code_2 
_pdbx_validate_rmsd_bond.label_alt_id_2 
_pdbx_validate_rmsd_bond.bond_value 
_pdbx_validate_rmsd_bond.bond_target_value 
_pdbx_validate_rmsd_bond.bond_deviation 
_pdbx_validate_rmsd_bond.bond_standard_deviation 
_pdbx_validate_rmsd_bond.linker_flag 
1 1 C A SER 120 ? ? N A ALA 121 ? ? 1.486 1.336 0.150 0.023 Y 
2 1 C A PHE 131 ? ? N A PHE 132 ? ? 1.478 1.336 0.142 0.023 Y 
# 
loop_
_pdbx_validate_rmsd_angle.id 
_pdbx_validate_rmsd_angle.PDB_model_num 
_pdbx_validate_rmsd_angle.auth_atom_id_1 
_pdbx_validate_rmsd_angle.auth_asym_id_1 
_pdbx_validate_rmsd_angle.auth_comp_id_1 
_pdbx_validate_rmsd_angle.auth_seq_id_1 
_pdbx_validate_rmsd_angle.PDB_ins_code_1 
_pdbx_validate_rmsd_angle.label_alt_id_1 
_pdbx_validate_rmsd_angle.auth_atom_id_2 
_pdbx_validate_rmsd_angle.auth_asym_id_2 
_pdbx_validate_rmsd_angle.auth_comp_id_2 
_pdbx_validate_rmsd_angle.auth_seq_id_2 
_pdbx_validate_rmsd_angle.PDB_ins_code_2 
_pdbx_validate_rmsd_angle.label_alt_id_2 
_pdbx_validate_rmsd_angle.auth_atom_id_3 
_pdbx_validate_rmsd_angle.auth_asym_id_3 
_pdbx_validate_rmsd_angle.auth_comp_id_3 
_pdbx_validate_rmsd_angle.auth_seq_id_3 
_pdbx_validate_rmsd_angle.PDB_ins_code_3 
_pdbx_validate_rmsd_angle.label_alt_id_3 
_pdbx_validate_rmsd_angle.angle_value 
_pdbx_validate_rmsd_angle.angle_target_value 
_pdbx_validate_rmsd_angle.angle_deviation 
_pdbx_validate_rmsd_angle.angle_standard_deviation 
_pdbx_validate_rmsd_angle.linker_flag 
1 1 CA A SER 120 ? ? C A SER 120 ? ? N A ALA 121 ? ? 133.33 117.20 16.13  2.20 Y 
2 1 O  A SER 120 ? ? C A SER 120 ? ? N A ALA 121 ? ? 106.15 122.70 -16.55 1.60 Y 
# 
loop_
_pdbx_validate_torsion.id 
_pdbx_validate_torsion.PDB_model_num 
_pdbx_validate_torsion.auth_comp_id 
_pdbx_validate_torsion.auth_asym_id 
_pdbx_validate_torsion.auth_seq_id 
_pdbx_validate_torsion.PDB_ins_code 
_pdbx_validate_torsion.label_alt_id 
_pdbx_validate_torsion.phi 
_pdbx_validate_torsion.psi 
1  1 ASN A 17  ? ? 55.84   18.32   
2  1 ALA A 36  ? ? -176.03 133.56  
3  1 LYS A 43  ? ? 60.25   -70.92  
4  1 ALA A 46  ? ? -69.04  -74.57  
5  1 SER A 68  ? ? -68.01  -96.47  
6  1 PRO A 70  ? ? -58.06  -172.35 
7  1 ASP A 96  ? ? -155.46 -1.56   
8  1 ALA A 114 ? ? 25.64   -79.11  
9  1 SER A 118 ? ? -32.97  141.11  
10 1 PHE A 132 ? ? -92.14  -134.49 
11 1 SER A 139 ? ? -103.30 42.32   
12 1 ALA A 144 ? ? 165.81  3.50    
# 
_pdbx_unobs_or_zero_occ_residues.id               1 
_pdbx_unobs_or_zero_occ_residues.PDB_model_num    1 
_pdbx_unobs_or_zero_occ_residues.polymer_flag     Y 
_pdbx_unobs_or_zero_occ_residues.occupancy_flag   1 
_pdbx_unobs_or_zero_occ_residues.auth_asym_id     A 
_pdbx_unobs_or_zero_occ_residues.auth_comp_id     THR 
_pdbx_unobs_or_zero_occ_residues.auth_seq_id      1 
_pdbx_unobs_or_zero_occ_residues.PDB_ins_code     ? 
_pdbx_unobs_or_zero_occ_residues.label_asym_id    A 
_pdbx_unobs_or_zero_occ_residues.label_comp_id    THR 
_pdbx_unobs_or_zero_occ_residues.label_seq_id     1 
# 
loop_
_chem_comp_atom.comp_id 
_chem_comp_atom.atom_id 
_chem_comp_atom.type_symbol 
_chem_comp_atom.pdbx_aromatic_flag 
_chem_comp_atom.pdbx_stereo_config 
_chem_comp_atom.pdbx_ordinal 
ALA N    N N N 1   
ALA CA   C N S 2   
ALA C    C N N 3   
ALA O    O N N 4   
ALA CB   C N N 5   
ALA OXT  O N N 6   
ALA H    H N N 7   
ALA H2   H N N 8   
ALA HA   H N N 9   
ALA HB1  H N N 10  
ALA HB2  H N N 11  
ALA HB3  H N N 12  
ALA HXT  H N N 13  
ARG N    N N N 14  
ARG CA   C N S 15  
ARG C    C N N 16  
ARG O    O N N 17  
ARG CB   C N N 18  
ARG CG   C N N 19  
ARG CD   C N N 20  
ARG NE   N N N 21  
ARG CZ   C N N 22  
ARG NH1  N N N 23  
ARG NH2  N N N 24  
ARG OXT  O N N 25  
ARG H    H N N 26  
ARG H2   H N N 27  
ARG HA   H N N 28  
ARG HB2  H N N 29  
ARG HB3  H N N 30  
ARG HG2  H N N 31  
ARG HG3  H N N 32  
ARG HD2  H N N 33  
ARG HD3  H N N 34  
ARG HE   H N N 35  
ARG HH11 H N N 36  
ARG HH12 H N N 37  
ARG HH21 H N N 38  
ARG HH22 H N N 39  
ARG HXT  H N N 40  
ASN N    N N N 41  
ASN CA   C N S 42  
ASN C    C N N 43  
ASN O    O N N 44  
ASN CB   C N N 45  
ASN CG   C N N 46  
ASN OD1  O N N 47  
ASN ND2  N N N 48  
ASN OXT  O N N 49  
ASN H    H N N 50  
ASN H2   H N N 51  
ASN HA   H N N 52  
ASN HB2  H N N 53  
ASN HB3  H N N 54  
ASN HD21 H N N 55  
ASN HD22 H N N 56  
ASN HXT  H N N 57  
ASP N    N N N 58  
ASP CA   C N S 59  
ASP C    C N N 60  
ASP O    O N N 61  
ASP CB   C N N 62  
ASP CG   C N N 63  
ASP OD1  O N N 64  
ASP OD2  O N N 65  
ASP OXT  O N N 66  
ASP H    H N N 67  
ASP H2   H N N 68  
ASP HA   H N N 69  
ASP HB2  H N N 70  
ASP HB3  H N N 71  
ASP HD2  H N N 72  
ASP HXT  H N N 73  
GLN N    N N N 74  
GLN CA   C N S 75  
GLN C    C N N 76  
GLN O    O N N 77  
GLN CB   C N N 78  
GLN CG   C N N 79  
GLN CD   C N N 80  
GLN OE1  O N N 81  
GLN NE2  N N N 82  
GLN OXT  O N N 83  
GLN H    H N N 84  
GLN H2   H N N 85  
GLN HA   H N N 86  
GLN HB2  H N N 87  
GLN HB3  H N N 88  
GLN HG2  H N N 89  
GLN HG3  H N N 90  
GLN HE21 H N N 91  
GLN HE22 H N N 92  
GLN HXT  H N N 93  
GLU N    N N N 94  
GLU CA   C N S 95  
GLU C    C N N 96  
GLU O    O N N 97  
GLU CB   C N N 98  
GLU CG   C N N 99  
GLU CD   C N N 100 
GLU OE1  O N N 101 
GLU OE2  O N N 102 
GLU OXT  O N N 103 
GLU H    H N N 104 
GLU H2   H N N 105 
GLU HA   H N N 106 
GLU HB2  H N N 107 
GLU HB3  H N N 108 
GLU HG2  H N N 109 
GLU HG3  H N N 110 
GLU HE2  H N N 111 
GLU HXT  H N N 112 
GLY N    N N N 113 
GLY CA   C N N 114 
GLY C    C N N 115 
GLY O    O N N 116 
GLY OXT  O N N 117 
GLY H    H N N 118 
GLY H2   H N N 119 
GLY HA2  H N N 120 
GLY HA3  H N N 121 
GLY HXT  H N N 122 
HIS N    N N N 123 
HIS CA   C N S 124 
HIS C    C N N 125 
HIS O    O N N 126 
HIS CB   C N N 127 
HIS CG   C Y N 128 
HIS ND1  N Y N 129 
HIS CD2  C Y N 130 
HIS CE1  C Y N 131 
HIS NE2  N Y N 132 
HIS OXT  O N N 133 
HIS H    H N N 134 
HIS H2   H N N 135 
HIS HA   H N N 136 
HIS HB2  H N N 137 
HIS HB3  H N N 138 
HIS HD1  H N N 139 
HIS HD2  H N N 140 
HIS HE1  H N N 141 
HIS HE2  H N N 142 
HIS HXT  H N N 143 
HOH O    O N N 144 
HOH H1   H N N 145 
HOH H2   H N N 146 
ILE N    N N N 147 
ILE CA   C N S 148 
ILE C    C N N 149 
ILE O    O N N 150 
ILE CB   C N S 151 
ILE CG1  C N N 152 
ILE CG2  C N N 153 
ILE CD1  C N N 154 
ILE OXT  O N N 155 
ILE H    H N N 156 
ILE H2   H N N 157 
ILE HA   H N N 158 
ILE HB   H N N 159 
ILE HG12 H N N 160 
ILE HG13 H N N 161 
ILE HG21 H N N 162 
ILE HG22 H N N 163 
ILE HG23 H N N 164 
ILE HD11 H N N 165 
ILE HD12 H N N 166 
ILE HD13 H N N 167 
ILE HXT  H N N 168 
LEU N    N N N 169 
LEU CA   C N S 170 
LEU C    C N N 171 
LEU O    O N N 172 
LEU CB   C N N 173 
LEU CG   C N N 174 
LEU CD1  C N N 175 
LEU CD2  C N N 176 
LEU OXT  O N N 177 
LEU H    H N N 178 
LEU H2   H N N 179 
LEU HA   H N N 180 
LEU HB2  H N N 181 
LEU HB3  H N N 182 
LEU HG   H N N 183 
LEU HD11 H N N 184 
LEU HD12 H N N 185 
LEU HD13 H N N 186 
LEU HD21 H N N 187 
LEU HD22 H N N 188 
LEU HD23 H N N 189 
LEU HXT  H N N 190 
LYS N    N N N 191 
LYS CA   C N S 192 
LYS C    C N N 193 
LYS O    O N N 194 
LYS CB   C N N 195 
LYS CG   C N N 196 
LYS CD   C N N 197 
LYS CE   C N N 198 
LYS NZ   N N N 199 
LYS OXT  O N N 200 
LYS H    H N N 201 
LYS H2   H N N 202 
LYS HA   H N N 203 
LYS HB2  H N N 204 
LYS HB3  H N N 205 
LYS HG2  H N N 206 
LYS HG3  H N N 207 
LYS HD2  H N N 208 
LYS HD3  H N N 209 
LYS HE2  H N N 210 
LYS HE3  H N N 211 
LYS HZ1  H N N 212 
LYS HZ2  H N N 213 
LYS HZ3  H N N 214 
LYS HXT  H N N 215 
MET N    N N N 216 
MET CA   C N S 217 
MET C    C N N 218 
MET O    O N N 219 
MET CB   C N N 220 
MET CG   C N N 221 
MET SD   S N N 222 
MET CE   C N N 223 
MET OXT  O N N 224 
MET H    H N N 225 
MET H2   H N N 226 
MET HA   H N N 227 
MET HB2  H N N 228 
MET HB3  H N N 229 
MET HG2  H N N 230 
MET HG3  H N N 231 
MET HE1  H N N 232 
MET HE2  H N N 233 
MET HE3  H N N 234 
MET HXT  H N N 235 
PHE N    N N N 236 
PHE CA   C N S 237 
PHE C    C N N 238 
PHE O    O N N 239 
PHE CB   C N N 240 
PHE CG   C Y N 241 
PHE CD1  C Y N 242 
PHE CD2  C Y N 243 
PHE CE1  C Y N 244 
PHE CE2  C Y N 245 
PHE CZ   C Y N 246 
PHE OXT  O N N 247 
PHE H    H N N 248 
PHE H2   H N N 249 
PHE HA   H N N 250 
PHE HB2  H N N 251 
PHE HB3  H N N 252 
PHE HD1  H N N 253 
PHE HD2  H N N 254 
PHE HE1  H N N 255 
PHE HE2  H N N 256 
PHE HZ   H N N 257 
PHE HXT  H N N 258 
PRO N    N N N 259 
PRO CA   C N S 260 
PRO C    C N N 261 
PRO O    O N N 262 
PRO CB   C N N 263 
PRO CG   C N N 264 
PRO CD   C N N 265 
PRO OXT  O N N 266 
PRO H    H N N 267 
PRO HA   H N N 268 
PRO HB2  H N N 269 
PRO HB3  H N N 270 
PRO HG2  H N N 271 
PRO HG3  H N N 272 
PRO HD2  H N N 273 
PRO HD3  H N N 274 
PRO HXT  H N N 275 
SER N    N N N 276 
SER CA   C N S 277 
SER C    C N N 278 
SER O    O N N 279 
SER CB   C N N 280 
SER OG   O N N 281 
SER OXT  O N N 282 
SER H    H N N 283 
SER H2   H N N 284 
SER HA   H N N 285 
SER HB2  H N N 286 
SER HB3  H N N 287 
SER HG   H N N 288 
SER HXT  H N N 289 
THR N    N N N 290 
THR CA   C N S 291 
THR C    C N N 292 
THR O    O N N 293 
THR CB   C N R 294 
THR OG1  O N N 295 
THR CG2  C N N 296 
THR OXT  O N N 297 
THR H    H N N 298 
THR H2   H N N 299 
THR HA   H N N 300 
THR HB   H N N 301 
THR HG1  H N N 302 
THR HG21 H N N 303 
THR HG22 H N N 304 
THR HG23 H N N 305 
THR HXT  H N N 306 
TRP N    N N N 307 
TRP CA   C N S 308 
TRP C    C N N 309 
TRP O    O N N 310 
TRP CB   C N N 311 
TRP CG   C Y N 312 
TRP CD1  C Y N 313 
TRP CD2  C Y N 314 
TRP NE1  N Y N 315 
TRP CE2  C Y N 316 
TRP CE3  C Y N 317 
TRP CZ2  C Y N 318 
TRP CZ3  C Y N 319 
TRP CH2  C Y N 320 
TRP OXT  O N N 321 
TRP H    H N N 322 
TRP H2   H N N 323 
TRP HA   H N N 324 
TRP HB2  H N N 325 
TRP HB3  H N N 326 
TRP HD1  H N N 327 
TRP HE1  H N N 328 
TRP HE3  H N N 329 
TRP HZ2  H N N 330 
TRP HZ3  H N N 331 
TRP HH2  H N N 332 
TRP HXT  H N N 333 
TYR N    N N N 334 
TYR CA   C N S 335 
TYR C    C N N 336 
TYR O    O N N 337 
TYR CB   C N N 338 
TYR CG   C Y N 339 
TYR CD1  C Y N 340 
TYR CD2  C Y N 341 
TYR CE1  C Y N 342 
TYR CE2  C Y N 343 
TYR CZ   C Y N 344 
TYR OH   O N N 345 
TYR OXT  O N N 346 
TYR H    H N N 347 
TYR H2   H N N 348 
TYR HA   H N N 349 
TYR HB2  H N N 350 
TYR HB3  H N N 351 
TYR HD1  H N N 352 
TYR HD2  H N N 353 
TYR HE1  H N N 354 
TYR HE2  H N N 355 
TYR HH   H N N 356 
TYR HXT  H N N 357 
VAL N    N N N 358 
VAL CA   C N S 359 
VAL C    C N N 360 
VAL O    O N N 361 
VAL CB   C N N 362 
VAL CG1  C N N 363 
VAL CG2  C N N 364 
VAL OXT  O N N 365 
VAL H    H N N 366 
VAL H2   H N N 367 
VAL HA   H N N 368 
VAL HB   H N N 369 
VAL HG11 H N N 370 
VAL HG12 H N N 371 
VAL HG13 H N N 372 
VAL HG21 H N N 373 
VAL HG22 H N N 374 
VAL HG23 H N N 375 
VAL HXT  H N N 376 
# 
loop_
_chem_comp_bond.comp_id 
_chem_comp_bond.atom_id_1 
_chem_comp_bond.atom_id_2 
_chem_comp_bond.value_order 
_chem_comp_bond.pdbx_aromatic_flag 
_chem_comp_bond.pdbx_stereo_config 
_chem_comp_bond.pdbx_ordinal 
ALA N   CA   sing N N 1   
ALA N   H    sing N N 2   
ALA N   H2   sing N N 3   
ALA CA  C    sing N N 4   
ALA CA  CB   sing N N 5   
ALA CA  HA   sing N N 6   
ALA C   O    doub N N 7   
ALA C   OXT  sing N N 8   
ALA CB  HB1  sing N N 9   
ALA CB  HB2  sing N N 10  
ALA CB  HB3  sing N N 11  
ALA OXT HXT  sing N N 12  
ARG N   CA   sing N N 13  
ARG N   H    sing N N 14  
ARG N   H2   sing N N 15  
ARG CA  C    sing N N 16  
ARG CA  CB   sing N N 17  
ARG CA  HA   sing N N 18  
ARG C   O    doub N N 19  
ARG C   OXT  sing N N 20  
ARG CB  CG   sing N N 21  
ARG CB  HB2  sing N N 22  
ARG CB  HB3  sing N N 23  
ARG CG  CD   sing N N 24  
ARG CG  HG2  sing N N 25  
ARG CG  HG3  sing N N 26  
ARG CD  NE   sing N N 27  
ARG CD  HD2  sing N N 28  
ARG CD  HD3  sing N N 29  
ARG NE  CZ   sing N N 30  
ARG NE  HE   sing N N 31  
ARG CZ  NH1  sing N N 32  
ARG CZ  NH2  doub N N 33  
ARG NH1 HH11 sing N N 34  
ARG NH1 HH12 sing N N 35  
ARG NH2 HH21 sing N N 36  
ARG NH2 HH22 sing N N 37  
ARG OXT HXT  sing N N 38  
ASN N   CA   sing N N 39  
ASN N   H    sing N N 40  
ASN N   H2   sing N N 41  
ASN CA  C    sing N N 42  
ASN CA  CB   sing N N 43  
ASN CA  HA   sing N N 44  
ASN C   O    doub N N 45  
ASN C   OXT  sing N N 46  
ASN CB  CG   sing N N 47  
ASN CB  HB2  sing N N 48  
ASN CB  HB3  sing N N 49  
ASN CG  OD1  doub N N 50  
ASN CG  ND2  sing N N 51  
ASN ND2 HD21 sing N N 52  
ASN ND2 HD22 sing N N 53  
ASN OXT HXT  sing N N 54  
ASP N   CA   sing N N 55  
ASP N   H    sing N N 56  
ASP N   H2   sing N N 57  
ASP CA  C    sing N N 58  
ASP CA  CB   sing N N 59  
ASP CA  HA   sing N N 60  
ASP C   O    doub N N 61  
ASP C   OXT  sing N N 62  
ASP CB  CG   sing N N 63  
ASP CB  HB2  sing N N 64  
ASP CB  HB3  sing N N 65  
ASP CG  OD1  doub N N 66  
ASP CG  OD2  sing N N 67  
ASP OD2 HD2  sing N N 68  
ASP OXT HXT  sing N N 69  
GLN N   CA   sing N N 70  
GLN N   H    sing N N 71  
GLN N   H2   sing N N 72  
GLN CA  C    sing N N 73  
GLN CA  CB   sing N N 74  
GLN CA  HA   sing N N 75  
GLN C   O    doub N N 76  
GLN C   OXT  sing N N 77  
GLN CB  CG   sing N N 78  
GLN CB  HB2  sing N N 79  
GLN CB  HB3  sing N N 80  
GLN CG  CD   sing N N 81  
GLN CG  HG2  sing N N 82  
GLN CG  HG3  sing N N 83  
GLN CD  OE1  doub N N 84  
GLN CD  NE2  sing N N 85  
GLN NE2 HE21 sing N N 86  
GLN NE2 HE22 sing N N 87  
GLN OXT HXT  sing N N 88  
GLU N   CA   sing N N 89  
GLU N   H    sing N N 90  
GLU N   H2   sing N N 91  
GLU CA  C    sing N N 92  
GLU CA  CB   sing N N 93  
GLU CA  HA   sing N N 94  
GLU C   O    doub N N 95  
GLU C   OXT  sing N N 96  
GLU CB  CG   sing N N 97  
GLU CB  HB2  sing N N 98  
GLU CB  HB3  sing N N 99  
GLU CG  CD   sing N N 100 
GLU CG  HG2  sing N N 101 
GLU CG  HG3  sing N N 102 
GLU CD  OE1  doub N N 103 
GLU CD  OE2  sing N N 104 
GLU OE2 HE2  sing N N 105 
GLU OXT HXT  sing N N 106 
GLY N   CA   sing N N 107 
GLY N   H    sing N N 108 
GLY N   H2   sing N N 109 
GLY CA  C    sing N N 110 
GLY CA  HA2  sing N N 111 
GLY CA  HA3  sing N N 112 
GLY C   O    doub N N 113 
GLY C   OXT  sing N N 114 
GLY OXT HXT  sing N N 115 
HIS N   CA   sing N N 116 
HIS N   H    sing N N 117 
HIS N   H2   sing N N 118 
HIS CA  C    sing N N 119 
HIS CA  CB   sing N N 120 
HIS CA  HA   sing N N 121 
HIS C   O    doub N N 122 
HIS C   OXT  sing N N 123 
HIS CB  CG   sing N N 124 
HIS CB  HB2  sing N N 125 
HIS CB  HB3  sing N N 126 
HIS CG  ND1  sing Y N 127 
HIS CG  CD2  doub Y N 128 
HIS ND1 CE1  doub Y N 129 
HIS ND1 HD1  sing N N 130 
HIS CD2 NE2  sing Y N 131 
HIS CD2 HD2  sing N N 132 
HIS CE1 NE2  sing Y N 133 
HIS CE1 HE1  sing N N 134 
HIS NE2 HE2  sing N N 135 
HIS OXT HXT  sing N N 136 
HOH O   H1   sing N N 137 
HOH O   H2   sing N N 138 
ILE N   CA   sing N N 139 
ILE N   H    sing N N 140 
ILE N   H2   sing N N 141 
ILE CA  C    sing N N 142 
ILE CA  CB   sing N N 143 
ILE CA  HA   sing N N 144 
ILE C   O    doub N N 145 
ILE C   OXT  sing N N 146 
ILE CB  CG1  sing N N 147 
ILE CB  CG2  sing N N 148 
ILE CB  HB   sing N N 149 
ILE CG1 CD1  sing N N 150 
ILE CG1 HG12 sing N N 151 
ILE CG1 HG13 sing N N 152 
ILE CG2 HG21 sing N N 153 
ILE CG2 HG22 sing N N 154 
ILE CG2 HG23 sing N N 155 
ILE CD1 HD11 sing N N 156 
ILE CD1 HD12 sing N N 157 
ILE CD1 HD13 sing N N 158 
ILE OXT HXT  sing N N 159 
LEU N   CA   sing N N 160 
LEU N   H    sing N N 161 
LEU N   H2   sing N N 162 
LEU CA  C    sing N N 163 
LEU CA  CB   sing N N 164 
LEU CA  HA   sing N N 165 
LEU C   O    doub N N 166 
LEU C   OXT  sing N N 167 
LEU CB  CG   sing N N 168 
LEU CB  HB2  sing N N 169 
LEU CB  HB3  sing N N 170 
LEU CG  CD1  sing N N 171 
LEU CG  CD2  sing N N 172 
LEU CG  HG   sing N N 173 
LEU CD1 HD11 sing N N 174 
LEU CD1 HD12 sing N N 175 
LEU CD1 HD13 sing N N 176 
LEU CD2 HD21 sing N N 177 
LEU CD2 HD22 sing N N 178 
LEU CD2 HD23 sing N N 179 
LEU OXT HXT  sing N N 180 
LYS N   CA   sing N N 181 
LYS N   H    sing N N 182 
LYS N   H2   sing N N 183 
LYS CA  C    sing N N 184 
LYS CA  CB   sing N N 185 
LYS CA  HA   sing N N 186 
LYS C   O    doub N N 187 
LYS C   OXT  sing N N 188 
LYS CB  CG   sing N N 189 
LYS CB  HB2  sing N N 190 
LYS CB  HB3  sing N N 191 
LYS CG  CD   sing N N 192 
LYS CG  HG2  sing N N 193 
LYS CG  HG3  sing N N 194 
LYS CD  CE   sing N N 195 
LYS CD  HD2  sing N N 196 
LYS CD  HD3  sing N N 197 
LYS CE  NZ   sing N N 198 
LYS CE  HE2  sing N N 199 
LYS CE  HE3  sing N N 200 
LYS NZ  HZ1  sing N N 201 
LYS NZ  HZ2  sing N N 202 
LYS NZ  HZ3  sing N N 203 
LYS OXT HXT  sing N N 204 
MET N   CA   sing N N 205 
MET N   H    sing N N 206 
MET N   H2   sing N N 207 
MET CA  C    sing N N 208 
MET CA  CB   sing N N 209 
MET CA  HA   sing N N 210 
MET C   O    doub N N 211 
MET C   OXT  sing N N 212 
MET CB  CG   sing N N 213 
MET CB  HB2  sing N N 214 
MET CB  HB3  sing N N 215 
MET CG  SD   sing N N 216 
MET CG  HG2  sing N N 217 
MET CG  HG3  sing N N 218 
MET SD  CE   sing N N 219 
MET CE  HE1  sing N N 220 
MET CE  HE2  sing N N 221 
MET CE  HE3  sing N N 222 
MET OXT HXT  sing N N 223 
PHE N   CA   sing N N 224 
PHE N   H    sing N N 225 
PHE N   H2   sing N N 226 
PHE CA  C    sing N N 227 
PHE CA  CB   sing N N 228 
PHE CA  HA   sing N N 229 
PHE C   O    doub N N 230 
PHE C   OXT  sing N N 231 
PHE CB  CG   sing N N 232 
PHE CB  HB2  sing N N 233 
PHE CB  HB3  sing N N 234 
PHE CG  CD1  doub Y N 235 
PHE CG  CD2  sing Y N 236 
PHE CD1 CE1  sing Y N 237 
PHE CD1 HD1  sing N N 238 
PHE CD2 CE2  doub Y N 239 
PHE CD2 HD2  sing N N 240 
PHE CE1 CZ   doub Y N 241 
PHE CE1 HE1  sing N N 242 
PHE CE2 CZ   sing Y N 243 
PHE CE2 HE2  sing N N 244 
PHE CZ  HZ   sing N N 245 
PHE OXT HXT  sing N N 246 
PRO N   CA   sing N N 247 
PRO N   CD   sing N N 248 
PRO N   H    sing N N 249 
PRO CA  C    sing N N 250 
PRO CA  CB   sing N N 251 
PRO CA  HA   sing N N 252 
PRO C   O    doub N N 253 
PRO C   OXT  sing N N 254 
PRO CB  CG   sing N N 255 
PRO CB  HB2  sing N N 256 
PRO CB  HB3  sing N N 257 
PRO CG  CD   sing N N 258 
PRO CG  HG2  sing N N 259 
PRO CG  HG3  sing N N 260 
PRO CD  HD2  sing N N 261 
PRO CD  HD3  sing N N 262 
PRO OXT HXT  sing N N 263 
SER N   CA   sing N N 264 
SER N   H    sing N N 265 
SER N   H2   sing N N 266 
SER CA  C    sing N N 267 
SER CA  CB   sing N N 268 
SER CA  HA   sing N N 269 
SER C   O    doub N N 270 
SER C   OXT  sing N N 271 
SER CB  OG   sing N N 272 
SER CB  HB2  sing N N 273 
SER CB  HB3  sing N N 274 
SER OG  HG   sing N N 275 
SER OXT HXT  sing N N 276 
THR N   CA   sing N N 277 
THR N   H    sing N N 278 
THR N   H2   sing N N 279 
THR CA  C    sing N N 280 
THR CA  CB   sing N N 281 
THR CA  HA   sing N N 282 
THR C   O    doub N N 283 
THR C   OXT  sing N N 284 
THR CB  OG1  sing N N 285 
THR CB  CG2  sing N N 286 
THR CB  HB   sing N N 287 
THR OG1 HG1  sing N N 288 
THR CG2 HG21 sing N N 289 
THR CG2 HG22 sing N N 290 
THR CG2 HG23 sing N N 291 
THR OXT HXT  sing N N 292 
TRP N   CA   sing N N 293 
TRP N   H    sing N N 294 
TRP N   H2   sing N N 295 
TRP CA  C    sing N N 296 
TRP CA  CB   sing N N 297 
TRP CA  HA   sing N N 298 
TRP C   O    doub N N 299 
TRP C   OXT  sing N N 300 
TRP CB  CG   sing N N 301 
TRP CB  HB2  sing N N 302 
TRP CB  HB3  sing N N 303 
TRP CG  CD1  doub Y N 304 
TRP CG  CD2  sing Y N 305 
TRP CD1 NE1  sing Y N 306 
TRP CD1 HD1  sing N N 307 
TRP CD2 CE2  doub Y N 308 
TRP CD2 CE3  sing Y N 309 
TRP NE1 CE2  sing Y N 310 
TRP NE1 HE1  sing N N 311 
TRP CE2 CZ2  sing Y N 312 
TRP CE3 CZ3  doub Y N 313 
TRP CE3 HE3  sing N N 314 
TRP CZ2 CH2  doub Y N 315 
TRP CZ2 HZ2  sing N N 316 
TRP CZ3 CH2  sing Y N 317 
TRP CZ3 HZ3  sing N N 318 
TRP CH2 HH2  sing N N 319 
TRP OXT HXT  sing N N 320 
TYR N   CA   sing N N 321 
TYR N   H    sing N N 322 
TYR N   H2   sing N N 323 
TYR CA  C    sing N N 324 
TYR CA  CB   sing N N 325 
TYR CA  HA   sing N N 326 
TYR C   O    doub N N 327 
TYR C   OXT  sing N N 328 
TYR CB  CG   sing N N 329 
TYR CB  HB2  sing N N 330 
TYR CB  HB3  sing N N 331 
TYR CG  CD1  doub Y N 332 
TYR CG  CD2  sing Y N 333 
TYR CD1 CE1  sing Y N 334 
TYR CD1 HD1  sing N N 335 
TYR CD2 CE2  doub Y N 336 
TYR CD2 HD2  sing N N 337 
TYR CE1 CZ   doub Y N 338 
TYR CE1 HE1  sing N N 339 
TYR CE2 CZ   sing Y N 340 
TYR CE2 HE2  sing N N 341 
TYR CZ  OH   sing N N 342 
TYR OH  HH   sing N N 343 
TYR OXT HXT  sing N N 344 
VAL N   CA   sing N N 345 
VAL N   H    sing N N 346 
VAL N   H2   sing N N 347 
VAL CA  C    sing N N 348 
VAL CA  CB   sing N N 349 
VAL CA  HA   sing N N 350 
VAL C   O    doub N N 351 
VAL C   OXT  sing N N 352 
VAL CB  CG1  sing N N 353 
VAL CB  CG2  sing N N 354 
VAL CB  HB   sing N N 355 
VAL CG1 HG11 sing N N 356 
VAL CG1 HG12 sing N N 357 
VAL CG1 HG13 sing N N 358 
VAL CG2 HG21 sing N N 359 
VAL CG2 HG22 sing N N 360 
VAL CG2 HG23 sing N N 361 
VAL OXT HXT  sing N N 362 
# 
_atom_sites.entry_id                    1NB2 
_atom_sites.fract_transf_matrix[1][1]   0.00429760 
_atom_sites.fract_transf_matrix[1][2]   0.00525283 
_atom_sites.fract_transf_matrix[1][3]   0.00554966 
_atom_sites.fract_transf_matrix[2][1]   -0.00741253 
_atom_sites.fract_transf_matrix[2][2]   0.00131915 
_atom_sites.fract_transf_matrix[2][3]   0.00449160 
_atom_sites.fract_transf_matrix[3][1]   0.00185613 
_atom_sites.fract_transf_matrix[3][2]   -0.00689405 
_atom_sites.fract_transf_matrix[3][3]   0.00508794 
_atom_sites.fract_transf_vector[1]      0.794304 
_atom_sites.fract_transf_vector[2]      0.558705 
_atom_sites.fract_transf_vector[3]      0.697995 
# 
loop_
_atom_type.symbol 
C 
N 
O 
S 
# 
loop_
_atom_site.group_PDB 
_atom_site.id 
_atom_site.type_symbol 
_atom_site.label_atom_id 
_atom_site.label_alt_id 
_atom_site.label_comp_id 
_atom_site.label_asym_id 
_atom_site.label_entity_id 
_atom_site.label_seq_id 
_atom_site.pdbx_PDB_ins_code 
_atom_site.Cartn_x 
_atom_site.Cartn_y 
_atom_site.Cartn_z 
_atom_site.occupancy 
_atom_site.B_iso_or_equiv 
_atom_site.pdbx_formal_charge 
_atom_site.auth_seq_id 
_atom_site.auth_comp_id 
_atom_site.auth_asym_id 
_atom_site.auth_atom_id 
_atom_site.pdbx_PDB_model_num 
ATOM   1    N N   . LYS A 1 2   ? -3.477  16.721  0.157   1.00 26.23 ? 2   LYS A N   1 
ATOM   2    C CA  . LYS A 1 2   ? -3.118  16.976  1.588   1.00 27.16 ? 2   LYS A CA  1 
ATOM   3    C C   . LYS A 1 2   ? -2.250  15.857  2.181   1.00 25.52 ? 2   LYS A C   1 
ATOM   4    O O   . LYS A 1 2   ? -1.172  15.539  1.648   1.00 26.23 ? 2   LYS A O   1 
ATOM   5    N N   . GLU A 1 3   ? -2.714  15.270  3.285   1.00 13.59 ? 3   GLU A N   1 
ATOM   6    C CA  . GLU A 1 3   ? -1.972  14.192  3.935   1.00 12.16 ? 3   GLU A CA  1 
ATOM   7    C C   . GLU A 1 3   ? -1.600  13.086  2.941   1.00 5.73  ? 3   GLU A C   1 
ATOM   8    O O   . GLU A 1 3   ? -2.381  12.729  2.063   1.00 9.49  ? 3   GLU A O   1 
ATOM   9    C CB  . GLU A 1 3   ? -2.787  13.605  5.093   1.00 14.14 ? 3   GLU A CB  1 
ATOM   10   C CG  . GLU A 1 3   ? -2.060  12.543  5.921   1.00 10.27 ? 3   GLU A CG  1 
ATOM   11   C CD  . GLU A 1 3   ? -3.016  11.581  6.613   1.00 17.10 ? 3   GLU A CD  1 
ATOM   12   O OE1 . GLU A 1 3   ? -4.216  11.597  6.273   1.00 29.11 ? 3   GLU A OE1 1 
ATOM   13   O OE2 . GLU A 1 3   ? -2.575  10.790  7.480   1.00 13.61 ? 3   GLU A OE2 1 
ATOM   14   N N   . ARG A 1 4   ? -0.393  12.565  3.066   1.00 2.00  ? 4   ARG A N   1 
ATOM   15   C CA  . ARG A 1 4   ? 0.053   11.509  2.176   1.00 12.74 ? 4   ARG A CA  1 
ATOM   16   C C   . ARG A 1 4   ? 0.105   10.153  2.892   1.00 17.06 ? 4   ARG A C   1 
ATOM   17   O O   . ARG A 1 4   ? 0.043   10.073  4.130   1.00 15.19 ? 4   ARG A O   1 
ATOM   18   C CB  . ARG A 1 4   ? 1.407   11.884  1.550   1.00 13.94 ? 4   ARG A CB  1 
ATOM   19   C CG  . ARG A 1 4   ? 1.329   13.166  0.725   1.00 13.21 ? 4   ARG A CG  1 
ATOM   20   C CD  . ARG A 1 4   ? 2.678   13.838  0.564   1.00 17.23 ? 4   ARG A CD  1 
ATOM   21   N NE  . ARG A 1 4   ? 2.568   15.218  0.077   1.00 25.12 ? 4   ARG A NE  1 
ATOM   22   C CZ  . ARG A 1 4   ? 2.350   15.562  -1.192  1.00 26.05 ? 4   ARG A CZ  1 
ATOM   23   N NH1 . ARG A 1 4   ? 2.208   14.631  -2.132  1.00 27.59 ? 4   ARG A NH1 1 
ATOM   24   N NH2 . ARG A 1 4   ? 2.307   16.846  -1.533  1.00 21.13 ? 4   ARG A NH2 1 
ATOM   25   N N   . THR A 1 5   ? 0.158   9.088   2.100   1.00 20.32 ? 5   THR A N   1 
ATOM   26   C CA  . THR A 1 5   ? 0.204   7.736   2.634   1.00 25.04 ? 5   THR A CA  1 
ATOM   27   C C   . THR A 1 5   ? 0.883   6.754   1.690   1.00 24.19 ? 5   THR A C   1 
ATOM   28   O O   . THR A 1 5   ? 0.655   6.778   0.480   1.00 23.80 ? 5   THR A O   1 
ATOM   29   C CB  . THR A 1 5   ? -1.219  7.198   2.972   1.00 30.27 ? 5   THR A CB  1 
ATOM   30   O OG1 . THR A 1 5   ? -1.183  5.765   3.039   1.00 37.35 ? 5   THR A OG1 1 
ATOM   31   C CG2 . THR A 1 5   ? -2.245  7.630   1.933   1.00 24.81 ? 5   THR A CG2 1 
ATOM   32   N N   . PHE A 1 6   ? 1.726   5.894   2.243   1.00 25.79 ? 6   PHE A N   1 
ATOM   33   C CA  . PHE A 1 6   ? 2.392   4.905   1.415   1.00 24.57 ? 6   PHE A CA  1 
ATOM   34   C C   . PHE A 1 6   ? 1.600   3.617   1.441   1.00 26.35 ? 6   PHE A C   1 
ATOM   35   O O   . PHE A 1 6   ? 1.240   3.123   2.511   1.00 27.45 ? 6   PHE A O   1 
ATOM   36   C CB  . PHE A 1 6   ? 3.809   4.608   1.896   1.00 17.60 ? 6   PHE A CB  1 
ATOM   37   C CG  . PHE A 1 6   ? 4.486   3.531   1.102   1.00 7.45  ? 6   PHE A CG  1 
ATOM   38   C CD1 . PHE A 1 6   ? 5.074   3.822   -0.125  1.00 2.35  ? 6   PHE A CD1 1 
ATOM   39   C CD2 . PHE A 1 6   ? 4.476   2.212   1.547   1.00 10.72 ? 6   PHE A CD2 1 
ATOM   40   C CE1 . PHE A 1 6   ? 5.635   2.828   -0.899  1.00 2.00  ? 6   PHE A CE1 1 
ATOM   41   C CE2 . PHE A 1 6   ? 5.034   1.195   0.778   1.00 10.53 ? 6   PHE A CE2 1 
ATOM   42   C CZ  . PHE A 1 6   ? 5.615   1.502   -0.448  1.00 11.26 ? 6   PHE A CZ  1 
ATOM   43   N N   . LEU A 1 7   ? 1.354   3.066   0.257   1.00 23.61 ? 7   LEU A N   1 
ATOM   44   C CA  . LEU A 1 7   ? 0.632   1.815   0.139   1.00 19.16 ? 7   LEU A CA  1 
ATOM   45   C C   . LEU A 1 7   ? 0.994   1.164   -1.191  1.00 18.25 ? 7   LEU A C   1 
ATOM   46   O O   . LEU A 1 7   ? 0.887   1.782   -2.245  1.00 16.06 ? 7   LEU A O   1 
ATOM   47   C CB  . LEU A 1 7   ? -0.875  2.039   0.300   1.00 18.47 ? 7   LEU A CB  1 
ATOM   48   C CG  . LEU A 1 7   ? -1.721  2.725   -0.764  1.00 15.23 ? 7   LEU A CG  1 
ATOM   49   C CD1 . LEU A 1 7   ? -2.427  1.651   -1.591  1.00 14.75 ? 7   LEU A CD1 1 
ATOM   50   C CD2 . LEU A 1 7   ? -2.748  3.619   -0.087  1.00 12.11 ? 7   LEU A CD2 1 
ATOM   51   N N   . MET A 1 8   ? 1.472   -0.074  -1.118  1.00 19.43 ? 8   MET A N   1 
ATOM   52   C CA  . MET A 1 8   ? 1.899   -0.818  -2.299  1.00 20.59 ? 8   MET A CA  1 
ATOM   53   C C   . MET A 1 8   ? 1.158   -2.141  -2.470  1.00 18.95 ? 8   MET A C   1 
ATOM   54   O O   . MET A 1 8   ? 0.496   -2.626  -1.550  1.00 20.47 ? 8   MET A O   1 
ATOM   55   C CB  . MET A 1 8   ? 3.392   -1.121  -2.192  1.00 23.09 ? 8   MET A CB  1 
ATOM   56   C CG  . MET A 1 8   ? 3.710   -2.226  -1.213  1.00 21.08 ? 8   MET A CG  1 
ATOM   57   S SD  . MET A 1 8   ? 5.446   -2.332  -0.786  1.00 39.55 ? 8   MET A SD  1 
ATOM   58   C CE  . MET A 1 8   ? 5.335   -2.371  1.018   1.00 33.32 ? 8   MET A CE  1 
ATOM   59   N N   . VAL A 1 9   ? 1.290   -2.727  -3.654  1.00 11.21 ? 9   VAL A N   1 
ATOM   60   C CA  . VAL A 1 9   ? 0.660   -4.003  -3.921  1.00 10.03 ? 9   VAL A CA  1 
ATOM   61   C C   . VAL A 1 9   ? 1.732   -5.072  -3.795  1.00 9.96  ? 9   VAL A C   1 
ATOM   62   O O   . VAL A 1 9   ? 2.682   -5.113  -4.564  1.00 4.71  ? 9   VAL A O   1 
ATOM   63   C CB  . VAL A 1 9   ? 0.024   -4.045  -5.319  1.00 10.81 ? 9   VAL A CB  1 
ATOM   64   C CG1 . VAL A 1 9   ? -0.625  -5.402  -5.569  1.00 9.84  ? 9   VAL A CG1 1 
ATOM   65   C CG2 . VAL A 1 9   ? -1.001  -2.951  -5.441  1.00 6.27  ? 9   VAL A CG2 1 
ATOM   66   N N   . LYS A 1 10  ? 1.606   -5.903  -2.772  1.00 9.66  ? 10  LYS A N   1 
ATOM   67   C CA  . LYS A 1 10  ? 2.563   -6.967  -2.546  1.00 7.69  ? 10  LYS A CA  1 
ATOM   68   C C   . LYS A 1 10  ? 2.637   -7.881  -3.779  1.00 11.21 ? 10  LYS A C   1 
ATOM   69   O O   . LYS A 1 10  ? 1.693   -7.938  -4.579  1.00 16.04 ? 10  LYS A O   1 
ATOM   70   C CB  . LYS A 1 10  ? 2.175   -7.716  -1.270  1.00 8.49  ? 10  LYS A CB  1 
ATOM   71   C CG  . LYS A 1 10  ? 2.356   -6.845  -0.024  1.00 16.93 ? 10  LYS A CG  1 
ATOM   72   C CD  . LYS A 1 10  ? 1.473   -7.263  1.140   1.00 18.06 ? 10  LYS A CD  1 
ATOM   73   C CE  . LYS A 1 10  ? 1.585   -8.746  1.459   1.00 21.89 ? 10  LYS A CE  1 
ATOM   74   N NZ  . LYS A 1 10  ? 0.774   -9.078  2.656   1.00 18.72 ? 10  LYS A NZ  1 
ATOM   75   N N   . PRO A 1 11  ? 3.780   -8.565  -3.975  1.00 6.81  ? 11  PRO A N   1 
ATOM   76   C CA  . PRO A 1 11  ? 4.046   -9.477  -5.086  1.00 6.74  ? 11  PRO A CA  1 
ATOM   77   C C   . PRO A 1 11  ? 2.848   -10.283 -5.558  1.00 9.89  ? 11  PRO A C   1 
ATOM   78   O O   . PRO A 1 11  ? 2.607   -10.407 -6.761  1.00 11.76 ? 11  PRO A O   1 
ATOM   79   C CB  . PRO A 1 11  ? 5.125   -10.379 -4.507  1.00 9.63  ? 11  PRO A CB  1 
ATOM   80   C CG  . PRO A 1 11  ? 5.932   -9.410  -3.737  1.00 10.01 ? 11  PRO A CG  1 
ATOM   81   C CD  . PRO A 1 11  ? 4.890   -8.610  -3.006  1.00 10.96 ? 11  PRO A CD  1 
ATOM   82   N N   . ASP A 1 12  ? 2.098   -10.826 -4.605  1.00 12.95 ? 12  ASP A N   1 
ATOM   83   C CA  . ASP A 1 12  ? 0.926   -11.634 -4.918  1.00 14.18 ? 12  ASP A CA  1 
ATOM   84   C C   . ASP A 1 12  ? -0.088  -10.932 -5.822  1.00 11.70 ? 12  ASP A C   1 
ATOM   85   O O   . ASP A 1 12  ? -0.390  -11.435 -6.909  1.00 9.24  ? 12  ASP A O   1 
ATOM   86   C CB  . ASP A 1 12  ? 0.257   -12.143 -3.633  1.00 13.23 ? 12  ASP A CB  1 
ATOM   87   C CG  . ASP A 1 12  ? -0.205  -11.023 -2.721  1.00 14.10 ? 12  ASP A CG  1 
ATOM   88   O OD1 . ASP A 1 12  ? -1.302  -11.144 -2.151  1.00 15.95 ? 12  ASP A OD1 1 
ATOM   89   O OD2 . ASP A 1 12  ? 0.522   -10.029 -2.557  1.00 17.39 ? 12  ASP A OD2 1 
ATOM   90   N N   . GLY A 1 13  ? -0.574  -9.767  -5.395  1.00 5.57  ? 13  GLY A N   1 
ATOM   91   C CA  . GLY A 1 13  ? -1.552  -9.035  -6.183  1.00 8.06  ? 13  GLY A CA  1 
ATOM   92   C C   . GLY A 1 13  ? -1.082  -8.692  -7.588  1.00 12.76 ? 13  GLY A C   1 
ATOM   93   O O   . GLY A 1 13  ? -1.853  -8.776  -8.543  1.00 11.05 ? 13  GLY A O   1 
ATOM   94   N N   . VAL A 1 14  ? 0.188   -8.306  -7.709  1.00 17.07 ? 14  VAL A N   1 
ATOM   95   C CA  . VAL A 1 14  ? 0.792   -7.957  -8.996  1.00 11.23 ? 14  VAL A CA  1 
ATOM   96   C C   . VAL A 1 14  ? 0.656   -9.191  -9.883  1.00 11.87 ? 14  VAL A C   1 
ATOM   97   O O   . VAL A 1 14  ? 0.227   -9.111  -11.039 1.00 12.32 ? 14  VAL A O   1 
ATOM   98   C CB  . VAL A 1 14  ? 2.298   -7.605  -8.830  1.00 6.55  ? 14  VAL A CB  1 
ATOM   99   C CG1 . VAL A 1 14  ? 2.836   -6.946  -10.069 1.00 2.00  ? 14  VAL A CG1 1 
ATOM   100  C CG2 . VAL A 1 14  ? 2.487   -6.683  -7.655  1.00 17.74 ? 14  VAL A CG2 1 
ATOM   101  N N   . GLN A 1 15  ? 0.965   -10.338 -9.291  1.00 14.11 ? 15  GLN A N   1 
ATOM   102  C CA  . GLN A 1 15  ? 0.885   -11.622 -9.968  1.00 13.56 ? 15  GLN A CA  1 
ATOM   103  C C   . GLN A 1 15  ? -0.562  -12.040 -10.220 1.00 7.90  ? 15  GLN A C   1 
ATOM   104  O O   . GLN A 1 15  ? -0.842  -12.701 -11.221 1.00 2.00  ? 15  GLN A O   1 
ATOM   105  C CB  . GLN A 1 15  ? 1.590   -12.698 -9.136  1.00 18.58 ? 15  GLN A CB  1 
ATOM   106  C CG  . GLN A 1 15  ? 3.095   -12.549 -9.055  1.00 23.88 ? 15  GLN A CG  1 
ATOM   107  C CD  . GLN A 1 15  ? 3.776   -12.844 -10.372 1.00 27.00 ? 15  GLN A CD  1 
ATOM   108  O OE1 . GLN A 1 15  ? 3.128   -12.892 -11.413 1.00 28.58 ? 15  GLN A OE1 1 
ATOM   109  N NE2 . GLN A 1 15  ? 5.087   -13.054 -10.334 1.00 31.53 ? 15  GLN A NE2 1 
ATOM   110  N N   . ARG A 1 16  ? -1.465  -11.667 -9.308  1.00 4.21  ? 16  ARG A N   1 
ATOM   111  C CA  . ARG A 1 16  ? -2.886  -12.012 -9.439  1.00 9.88  ? 16  ARG A CA  1 
ATOM   112  C C   . ARG A 1 16  ? -3.633  -10.990 -10.317 1.00 9.75  ? 16  ARG A C   1 
ATOM   113  O O   . ARG A 1 16  ? -4.856  -10.880 -10.249 1.00 10.51 ? 16  ARG A O   1 
ATOM   114  C CB  . ARG A 1 16  ? -3.576  -12.106 -8.068  1.00 4.54  ? 16  ARG A CB  1 
ATOM   115  C CG  . ARG A 1 16  ? -2.879  -12.971 -7.045  1.00 7.22  ? 16  ARG A CG  1 
ATOM   116  C CD  . ARG A 1 16  ? -3.655  -13.031 -5.722  1.00 7.39  ? 16  ARG A CD  1 
ATOM   117  N NE  . ARG A 1 16  ? -4.926  -13.732 -5.893  1.00 4.75  ? 16  ARG A NE  1 
ATOM   118  C CZ  . ARG A 1 16  ? -5.923  -13.725 -5.016  1.00 3.79  ? 16  ARG A CZ  1 
ATOM   119  N NH1 . ARG A 1 16  ? -5.810  -13.064 -3.870  1.00 2.29  ? 16  ARG A NH1 1 
ATOM   120  N NH2 . ARG A 1 16  ? -7.071  -14.315 -5.334  1.00 2.66  ? 16  ARG A NH2 1 
ATOM   121  N N   . ASN A 1 17  ? -2.877  -10.212 -11.085 1.00 8.51  ? 17  ASN A N   1 
ATOM   122  C CA  . ASN A 1 17  ? -3.411  -9.210  -12.003 1.00 6.13  ? 17  ASN A CA  1 
ATOM   123  C C   . ASN A 1 17  ? -4.336  -8.162  -11.378 1.00 7.67  ? 17  ASN A C   1 
ATOM   124  O O   . ASN A 1 17  ? -5.042  -7.450  -12.091 1.00 2.87  ? 17  ASN A O   1 
ATOM   125  C CB  . ASN A 1 17  ? -4.089  -9.898  -13.201 1.00 4.97  ? 17  ASN A CB  1 
ATOM   126  C CG  . ASN A 1 17  ? -3.120  -10.753 -14.025 1.00 9.62  ? 17  ASN A CG  1 
ATOM   127  O OD1 . ASN A 1 17  ? -2.825  -11.883 -13.658 1.00 12.50 ? 17  ASN A OD1 1 
ATOM   128  N ND2 . ASN A 1 17  ? -2.637  -10.216 -15.148 1.00 5.41  ? 17  ASN A ND2 1 
ATOM   129  N N   . LEU A 1 18  ? -4.278  -8.014  -10.057 1.00 11.81 ? 18  LEU A N   1 
ATOM   130  C CA  . LEU A 1 18  ? -5.125  -7.043  -9.357  1.00 13.00 ? 18  LEU A CA  1 
ATOM   131  C C   . LEU A 1 18  ? -4.535  -5.633  -9.270  1.00 13.02 ? 18  LEU A C   1 
ATOM   132  O O   . LEU A 1 18  ? -5.016  -4.800  -8.486  1.00 7.09  ? 18  LEU A O   1 
ATOM   133  C CB  . LEU A 1 18  ? -5.417  -7.519  -7.938  1.00 10.71 ? 18  LEU A CB  1 
ATOM   134  C CG  . LEU A 1 18  ? -5.938  -8.931  -7.789  1.00 9.70  ? 18  LEU A CG  1 
ATOM   135  C CD1 . LEU A 1 18  ? -5.962  -9.270  -6.336  1.00 7.55  ? 18  LEU A CD1 1 
ATOM   136  C CD2 . LEU A 1 18  ? -7.314  -9.043  -8.412  1.00 25.84 ? 18  LEU A CD2 1 
ATOM   137  N N   . VAL A 1 19  ? -3.506  -5.352  -10.064 1.00 10.79 ? 19  VAL A N   1 
ATOM   138  C CA  . VAL A 1 19  ? -2.894  -4.026  -10.007 1.00 14.99 ? 19  VAL A CA  1 
ATOM   139  C C   . VAL A 1 19  ? -3.920  -2.918  -10.293 1.00 17.45 ? 19  VAL A C   1 
ATOM   140  O O   . VAL A 1 19  ? -4.223  -2.109  -9.402  1.00 14.46 ? 19  VAL A O   1 
ATOM   141  C CB  . VAL A 1 19  ? -1.669  -3.924  -10.942 1.00 3.47  ? 19  VAL A CB  1 
ATOM   142  C CG1 . VAL A 1 19  ? -1.124  -2.511  -10.955 1.00 11.07 ? 19  VAL A CG1 1 
ATOM   143  C CG2 . VAL A 1 19  ? -0.602  -4.894  -10.496 1.00 2.00  ? 19  VAL A CG2 1 
ATOM   144  N N   . GLY A 1 20  ? -4.507  -2.956  -11.493 1.00 15.62 ? 20  GLY A N   1 
ATOM   145  C CA  . GLY A 1 20  ? -5.495  -1.974  -11.902 1.00 11.97 ? 20  GLY A CA  1 
ATOM   146  C C   . GLY A 1 20  ? -6.612  -1.681  -10.909 1.00 16.20 ? 20  GLY A C   1 
ATOM   147  O O   . GLY A 1 20  ? -6.757  -0.529  -10.482 1.00 13.05 ? 20  GLY A O   1 
ATOM   148  N N   . GLU A 1 21  ? -7.375  -2.708  -10.521 1.00 11.46 ? 21  GLU A N   1 
ATOM   149  C CA  . GLU A 1 21  ? -8.488  -2.541  -9.581  1.00 8.95  ? 21  GLU A CA  1 
ATOM   150  C C   . GLU A 1 21  ? -8.017  -1.862  -8.308  1.00 9.01  ? 21  GLU A C   1 
ATOM   151  O O   . GLU A 1 21  ? -8.561  -0.837  -7.928  1.00 4.17  ? 21  GLU A O   1 
ATOM   152  C CB  . GLU A 1 21  ? -9.133  -3.887  -9.204  1.00 19.49 ? 21  GLU A CB  1 
ATOM   153  C CG  . GLU A 1 21  ? -9.596  -4.769  -10.365 1.00 25.98 ? 21  GLU A CG  1 
ATOM   154  C CD  . GLU A 1 21  ? -8.438  -5.431  -11.114 1.00 31.60 ? 21  GLU A CD  1 
ATOM   155  O OE1 . GLU A 1 21  ? -7.953  -6.489  -10.645 1.00 35.08 ? 21  GLU A OE1 1 
ATOM   156  O OE2 . GLU A 1 21  ? -8.007  -4.896  -12.162 1.00 20.72 ? 21  GLU A OE2 1 
ATOM   157  N N   . VAL A 1 22  ? -6.990  -2.427  -7.668  1.00 11.29 ? 22  VAL A N   1 
ATOM   158  C CA  . VAL A 1 22  ? -6.450  -1.865  -6.433  1.00 10.13 ? 22  VAL A CA  1 
ATOM   159  C C   . VAL A 1 22  ? -6.030  -0.412  -6.608  1.00 10.72 ? 22  VAL A C   1 
ATOM   160  O O   . VAL A 1 22  ? -6.073  0.339   -5.653  1.00 13.73 ? 22  VAL A O   1 
ATOM   161  C CB  . VAL A 1 22  ? -5.251  -2.683  -5.867  1.00 20.21 ? 22  VAL A CB  1 
ATOM   162  C CG1 . VAL A 1 22  ? -4.615  -1.938  -4.697  1.00 15.34 ? 22  VAL A CG1 1 
ATOM   163  C CG2 . VAL A 1 22  ? -5.710  -4.061  -5.396  1.00 17.73 ? 22  VAL A CG2 1 
ATOM   164  N N   . VAL A 1 23  ? -5.581  -0.017  -7.799  1.00 10.93 ? 23  VAL A N   1 
ATOM   165  C CA  . VAL A 1 23  ? -5.223  1.388   -8.004  1.00 14.55 ? 23  VAL A CA  1 
ATOM   166  C C   . VAL A 1 23  ? -6.567  2.137   -8.063  1.00 17.69 ? 23  VAL A C   1 
ATOM   167  O O   . VAL A 1 23  ? -6.882  2.949   -7.191  1.00 16.73 ? 23  VAL A O   1 
ATOM   168  C CB  . VAL A 1 23  ? -4.439  1.634   -9.342  1.00 16.58 ? 23  VAL A CB  1 
ATOM   169  C CG1 . VAL A 1 23  ? -4.131  3.115   -9.503  1.00 10.38 ? 23  VAL A CG1 1 
ATOM   170  C CG2 . VAL A 1 23  ? -3.144  0.835   -9.387  1.00 14.45 ? 23  VAL A CG2 1 
ATOM   171  N N   . LYS A 1 24  ? -7.384  1.755   -9.044  1.00 19.40 ? 24  LYS A N   1 
ATOM   172  C CA  . LYS A 1 24  ? -8.709  2.327   -9.293  1.00 19.34 ? 24  LYS A CA  1 
ATOM   173  C C   . LYS A 1 24  ? -9.589  2.551   -8.064  1.00 19.27 ? 24  LYS A C   1 
ATOM   174  O O   . LYS A 1 24  ? -10.277 3.566   -7.973  1.00 25.81 ? 24  LYS A O   1 
ATOM   175  C CB  . LYS A 1 24  ? -9.473  1.457   -10.300 1.00 22.53 ? 24  LYS A CB  1 
ATOM   176  C CG  . LYS A 1 24  ? -10.981 1.701   -10.312 1.00 22.16 ? 24  LYS A CG  1 
ATOM   177  C CD  . LYS A 1 24  ? -11.761 0.454   -10.722 1.00 17.88 ? 24  LYS A CD  1 
ATOM   178  C CE  . LYS A 1 24  ? -12.071 0.431   -12.204 1.00 7.05  ? 24  LYS A CE  1 
ATOM   179  N NZ  . LYS A 1 24  ? -12.940 1.590   -12.589 1.00 5.27  ? 24  LYS A NZ  1 
ATOM   180  N N   . ARG A 1 25  ? -9.576  1.606   -7.132  1.00 14.24 ? 25  ARG A N   1 
ATOM   181  C CA  . ARG A 1 25  ? -10.399 1.709   -5.933  1.00 12.98 ? 25  ARG A CA  1 
ATOM   182  C C   . ARG A 1 25  ? -10.233 3.070   -5.273  1.00 17.29 ? 25  ARG A C   1 
ATOM   183  O O   . ARG A 1 25  ? -11.219 3.720   -4.894  1.00 22.48 ? 25  ARG A O   1 
ATOM   184  C CB  . ARG A 1 25  ? -10.028 0.615   -4.925  1.00 2.00  ? 25  ARG A CB  1 
ATOM   185  C CG  . ARG A 1 25  ? -10.188 -0.796  -5.442  1.00 4.63  ? 25  ARG A CG  1 
ATOM   186  C CD  . ARG A 1 25  ? -11.630 -1.201  -5.568  1.00 2.00  ? 25  ARG A CD  1 
ATOM   187  N NE  . ARG A 1 25  ? -11.987 -2.211  -4.580  1.00 8.63  ? 25  ARG A NE  1 
ATOM   188  C CZ  . ARG A 1 25  ? -12.079 -3.509  -4.848  1.00 11.43 ? 25  ARG A CZ  1 
ATOM   189  N NH1 . ARG A 1 25  ? -11.835 -3.933  -6.080  1.00 9.03  ? 25  ARG A NH1 1 
ATOM   190  N NH2 . ARG A 1 25  ? -12.430 -4.379  -3.899  1.00 6.43  ? 25  ARG A NH2 1 
ATOM   191  N N   . PHE A 1 26  ? -8.985  3.520   -5.195  1.00 10.36 ? 26  PHE A N   1 
ATOM   192  C CA  . PHE A 1 26  ? -8.679  4.777   -4.544  1.00 5.98  ? 26  PHE A CA  1 
ATOM   193  C C   . PHE A 1 26  ? -8.924  5.985   -5.440  1.00 9.55  ? 26  PHE A C   1 
ATOM   194  O O   . PHE A 1 26  ? -9.194  7.089   -4.949  1.00 13.99 ? 26  PHE A O   1 
ATOM   195  C CB  . PHE A 1 26  ? -7.251  4.733   -3.992  1.00 7.28  ? 26  PHE A CB  1 
ATOM   196  C CG  . PHE A 1 26  ? -6.938  3.467   -3.218  1.00 11.33 ? 26  PHE A CG  1 
ATOM   197  C CD1 . PHE A 1 26  ? -7.287  3.342   -1.876  1.00 6.74  ? 26  PHE A CD1 1 
ATOM   198  C CD2 . PHE A 1 26  ? -6.328  2.381   -3.845  1.00 3.81  ? 26  PHE A CD2 1 
ATOM   199  C CE1 . PHE A 1 26  ? -7.034  2.146   -1.182  1.00 2.00  ? 26  PHE A CE1 1 
ATOM   200  C CE2 . PHE A 1 26  ? -6.079  1.192   -3.145  1.00 2.00  ? 26  PHE A CE2 1 
ATOM   201  C CZ  . PHE A 1 26  ? -6.434  1.083   -1.827  1.00 2.00  ? 26  PHE A CZ  1 
ATOM   202  N N   . GLU A 1 27  ? -8.864  5.787   -6.752  1.00 9.58  ? 27  GLU A N   1 
ATOM   203  C CA  . GLU A 1 27  ? -9.121  6.891   -7.678  1.00 11.11 ? 27  GLU A CA  1 
ATOM   204  C C   . GLU A 1 27  ? -10.581 7.326   -7.551  1.00 16.03 ? 27  GLU A C   1 
ATOM   205  O O   . GLU A 1 27  ? -10.867 8.510   -7.317  1.00 18.52 ? 27  GLU A O   1 
ATOM   206  C CB  . GLU A 1 27  ? -8.875  6.470   -9.114  1.00 4.17  ? 27  GLU A CB  1 
ATOM   207  C CG  . GLU A 1 27  ? -7.482  5.993   -9.400  1.00 3.22  ? 27  GLU A CG  1 
ATOM   208  C CD  . GLU A 1 27  ? -7.057  6.396   -10.778 1.00 10.14 ? 27  GLU A CD  1 
ATOM   209  O OE1 . GLU A 1 27  ? -7.424  5.682   -11.747 1.00 4.48  ? 27  GLU A OE1 1 
ATOM   210  O OE2 . GLU A 1 27  ? -6.390  7.458   -10.888 1.00 14.64 ? 27  GLU A OE2 1 
ATOM   211  N N   . SER A 1 28  ? -11.485 6.345   -7.659  1.00 10.51 ? 28  SER A N   1 
ATOM   212  C CA  . SER A 1 28  ? -12.923 6.570   -7.561  1.00 2.00  ? 28  SER A CA  1 
ATOM   213  C C   . SER A 1 28  ? -13.367 6.836   -6.126  1.00 2.74  ? 28  SER A C   1 
ATOM   214  O O   . SER A 1 28  ? -14.562 6.842   -5.837  1.00 2.27  ? 28  SER A O   1 
ATOM   215  C CB  . SER A 1 28  ? -13.686 5.369   -8.115  1.00 8.70  ? 28  SER A CB  1 
ATOM   216  O OG  . SER A 1 28  ? -13.668 4.276   -7.211  1.00 15.51 ? 28  SER A OG  1 
ATOM   217  N N   . LYS A 1 29  ? -12.398 6.969   -5.223  1.00 2.31  ? 29  LYS A N   1 
ATOM   218  C CA  . LYS A 1 29  ? -12.656 7.260   -3.818  1.00 5.46  ? 29  LYS A CA  1 
ATOM   219  C C   . LYS A 1 29  ? -12.335 8.732   -3.595  1.00 15.32 ? 29  LYS A C   1 
ATOM   220  O O   . LYS A 1 29  ? -13.000 9.413   -2.820  1.00 14.96 ? 29  LYS A O   1 
ATOM   221  C CB  . LYS A 1 29  ? -11.739 6.426   -2.927  1.00 4.30  ? 29  LYS A CB  1 
ATOM   222  C CG  . LYS A 1 29  ? -11.799 6.783   -1.443  1.00 2.00  ? 29  LYS A CG  1 
ATOM   223  C CD  . LYS A 1 29  ? -13.114 6.338   -0.864  1.00 2.00  ? 29  LYS A CD  1 
ATOM   224  C CE  . LYS A 1 29  ? -13.263 6.744   0.560   1.00 2.00  ? 29  LYS A CE  1 
ATOM   225  N NZ  . LYS A 1 29  ? -14.556 6.231   1.054   1.00 8.08  ? 29  LYS A NZ  1 
ATOM   226  N N   . GLY A 1 30  ? -11.288 9.206   -4.264  1.00 22.96 ? 30  GLY A N   1 
ATOM   227  C CA  . GLY A 1 30  ? -10.891 10.596  -4.127  1.00 22.70 ? 30  GLY A CA  1 
ATOM   228  C C   . GLY A 1 30  ? -9.413  10.730  -3.836  1.00 24.44 ? 30  GLY A C   1 
ATOM   229  O O   . GLY A 1 30  ? -8.840  11.795  -4.062  1.00 29.25 ? 30  GLY A O   1 
ATOM   230  N N   . LEU A 1 31  ? -8.799  9.647   -3.353  1.00 21.30 ? 31  LEU A N   1 
ATOM   231  C CA  . LEU A 1 31  ? -7.378  9.631   -3.008  1.00 16.52 ? 31  LEU A CA  1 
ATOM   232  C C   . LEU A 1 31  ? -6.583  9.963   -4.265  1.00 21.19 ? 31  LEU A C   1 
ATOM   233  O O   . LEU A 1 31  ? -6.949  9.531   -5.360  1.00 25.51 ? 31  LEU A O   1 
ATOM   234  C CB  . LEU A 1 31  ? -6.978  8.258   -2.445  1.00 11.21 ? 31  LEU A CB  1 
ATOM   235  C CG  . LEU A 1 31  ? -7.953  7.549   -1.471  1.00 9.02  ? 31  LEU A CG  1 
ATOM   236  C CD1 . LEU A 1 31  ? -7.231  6.443   -0.747  1.00 11.31 ? 31  LEU A CD1 1 
ATOM   237  C CD2 . LEU A 1 31  ? -8.538  8.483   -0.438  1.00 2.00  ? 31  LEU A CD2 1 
ATOM   238  N N   . LYS A 1 32  ? -5.533  10.770  -4.117  1.00 23.59 ? 32  LYS A N   1 
ATOM   239  C CA  . LYS A 1 32  ? -4.726  11.181  -5.267  1.00 16.39 ? 32  LYS A CA  1 
ATOM   240  C C   . LYS A 1 32  ? -3.356  10.526  -5.365  1.00 12.91 ? 32  LYS A C   1 
ATOM   241  O O   . LYS A 1 32  ? -2.546  10.596  -4.440  1.00 10.85 ? 32  LYS A O   1 
ATOM   242  C CB  . LYS A 1 32  ? -4.593  12.709  -5.320  1.00 14.15 ? 32  LYS A CB  1 
ATOM   243  C CG  . LYS A 1 32  ? -3.820  13.215  -6.547  1.00 18.15 ? 32  LYS A CG  1 
ATOM   244  C CD  . LYS A 1 32  ? -4.090  14.687  -6.835  1.00 17.04 ? 32  LYS A CD  1 
ATOM   245  C CE  . LYS A 1 32  ? -3.681  15.590  -5.673  1.00 19.36 ? 32  LYS A CE  1 
ATOM   246  N NZ  . LYS A 1 32  ? -4.234  16.972  -5.836  1.00 14.48 ? 32  LYS A NZ  1 
ATOM   247  N N   . LEU A 1 33  ? -3.102  9.909   -6.515  1.00 12.17 ? 33  LEU A N   1 
ATOM   248  C CA  . LEU A 1 33  ? -1.843  9.227   -6.774  1.00 14.41 ? 33  LEU A CA  1 
ATOM   249  C C   . LEU A 1 33  ? -0.652  10.159  -6.983  1.00 19.07 ? 33  LEU A C   1 
ATOM   250  O O   . LEU A 1 33  ? -0.412  10.637  -8.090  1.00 20.90 ? 33  LEU A O   1 
ATOM   251  C CB  . LEU A 1 33  ? -1.973  8.313   -7.986  1.00 10.68 ? 33  LEU A CB  1 
ATOM   252  C CG  . LEU A 1 33  ? -0.710  7.587   -8.451  1.00 7.15  ? 33  LEU A CG  1 
ATOM   253  C CD1 . LEU A 1 33  ? -0.704  6.167   -7.887  1.00 6.87  ? 33  LEU A CD1 1 
ATOM   254  C CD2 . LEU A 1 33  ? -0.674  7.563   -9.968  1.00 6.38  ? 33  LEU A CD2 1 
ATOM   255  N N   . ALA A 1 34  ? 0.080   10.422  -5.905  1.00 24.31 ? 34  ALA A N   1 
ATOM   256  C CA  . ALA A 1 34  ? 1.277   11.250  -5.970  1.00 21.85 ? 34  ALA A CA  1 
ATOM   257  C C   . ALA A 1 34  ? 2.424   10.248  -6.040  1.00 20.40 ? 34  ALA A C   1 
ATOM   258  O O   . ALA A 1 34  ? 2.894   9.753   -5.010  1.00 16.00 ? 34  ALA A O   1 
ATOM   259  C CB  . ALA A 1 34  ? 1.403   12.156  -4.716  1.00 7.42  ? 34  ALA A CB  1 
ATOM   260  N N   . GLY A 1 35  ? 2.774   9.856   -7.265  1.00 22.31 ? 35  GLY A N   1 
ATOM   261  C CA  . GLY A 1 35  ? 3.870   8.921   -7.476  1.00 21.05 ? 35  GLY A CA  1 
ATOM   262  C C   . GLY A 1 35  ? 3.568   7.439   -7.317  1.00 13.38 ? 35  GLY A C   1 
ATOM   263  O O   . GLY A 1 35  ? 2.859   7.025   -6.395  1.00 16.02 ? 35  GLY A O   1 
ATOM   264  N N   . ALA A 1 36  ? 4.154   6.633   -8.193  1.00 6.46  ? 36  ALA A N   1 
ATOM   265  C CA  . ALA A 1 36  ? 3.950   5.195   -8.160  1.00 5.19  ? 36  ALA A CA  1 
ATOM   266  C C   . ALA A 1 36  ? 4.796   4.472   -9.196  1.00 7.56  ? 36  ALA A C   1 
ATOM   267  O O   . ALA A 1 36  ? 4.857   4.905   -10.340 1.00 5.49  ? 36  ALA A O   1 
ATOM   268  C CB  . ALA A 1 36  ? 2.505   4.890   -8.391  1.00 12.58 ? 36  ALA A CB  1 
ATOM   269  N N   . LYS A 1 37  ? 5.460   3.388   -8.782  1.00 9.17  ? 37  LYS A N   1 
ATOM   270  C CA  . LYS A 1 37  ? 6.285   2.578   -9.681  1.00 10.25 ? 37  LYS A CA  1 
ATOM   271  C C   . LYS A 1 37  ? 6.417   1.113   -9.275  1.00 18.03 ? 37  LYS A C   1 
ATOM   272  O O   . LYS A 1 37  ? 5.727   0.651   -8.362  1.00 23.79 ? 37  LYS A O   1 
ATOM   273  C CB  . LYS A 1 37  ? 7.664   3.197   -9.896  1.00 14.96 ? 37  LYS A CB  1 
ATOM   274  C CG  . LYS A 1 37  ? 8.317   3.788   -8.666  1.00 22.62 ? 37  LYS A CG  1 
ATOM   275  C CD  . LYS A 1 37  ? 7.944   5.253   -8.517  1.00 22.02 ? 37  LYS A CD  1 
ATOM   276  C CE  . LYS A 1 37  ? 8.622   5.865   -7.326  1.00 21.00 ? 37  LYS A CE  1 
ATOM   277  N NZ  . LYS A 1 37  ? 8.424   5.032   -6.121  1.00 21.83 ? 37  LYS A NZ  1 
ATOM   278  N N   . LEU A 1 38  ? 7.318   0.386   -9.939  1.00 20.10 ? 38  LEU A N   1 
ATOM   279  C CA  . LEU A 1 38  ? 7.523   -1.043  -9.661  1.00 19.66 ? 38  LEU A CA  1 
ATOM   280  C C   . LEU A 1 38  ? 8.832   -1.435  -8.943  1.00 18.62 ? 38  LEU A C   1 
ATOM   281  O O   . LEU A 1 38  ? 9.405   -2.498  -9.215  1.00 16.17 ? 38  LEU A O   1 
ATOM   282  C CB  . LEU A 1 38  ? 7.393   -1.848  -10.964 1.00 13.73 ? 38  LEU A CB  1 
ATOM   283  C CG  . LEU A 1 38  ? 6.049   -2.496  -11.280 1.00 12.55 ? 38  LEU A CG  1 
ATOM   284  C CD1 . LEU A 1 38  ? 6.220   -3.506  -12.385 1.00 15.72 ? 38  LEU A CD1 1 
ATOM   285  C CD2 . LEU A 1 38  ? 5.519   -3.203  -10.065 1.00 17.91 ? 38  LEU A CD2 1 
ATOM   286  N N   . MET A 1 39  ? 9.271   -0.631  -7.983  1.00 18.81 ? 39  MET A N   1 
ATOM   287  C CA  . MET A 1 39  ? 10.514  -0.951  -7.298  1.00 22.01 ? 39  MET A CA  1 
ATOM   288  C C   . MET A 1 39  ? 10.508  -2.132  -6.329  1.00 23.75 ? 39  MET A C   1 
ATOM   289  O O   . MET A 1 39  ? 10.027  -2.034  -5.201  1.00 23.43 ? 39  MET A O   1 
ATOM   290  C CB  . MET A 1 39  ? 11.115  0.285   -6.643  1.00 25.52 ? 39  MET A CB  1 
ATOM   291  C CG  . MET A 1 39  ? 12.604  0.373   -6.904  1.00 32.32 ? 39  MET A CG  1 
ATOM   292  S SD  . MET A 1 39  ? 12.994  -0.282  -8.547  1.00 31.87 ? 39  MET A SD  1 
ATOM   293  C CE  . MET A 1 39  ? 14.011  1.073   -9.237  1.00 32.75 ? 39  MET A CE  1 
ATOM   294  N N   . VAL A 1 40  ? 11.094  -3.235  -6.795  1.00 25.80 ? 40  VAL A N   1 
ATOM   295  C CA  . VAL A 1 40  ? 11.232  -4.489  -6.046  1.00 24.20 ? 40  VAL A CA  1 
ATOM   296  C C   . VAL A 1 40  ? 11.863  -4.253  -4.665  1.00 21.07 ? 40  VAL A C   1 
ATOM   297  O O   . VAL A 1 40  ? 12.516  -3.229  -4.423  1.00 14.38 ? 40  VAL A O   1 
ATOM   298  C CB  . VAL A 1 40  ? 12.110  -5.510  -6.861  1.00 27.30 ? 40  VAL A CB  1 
ATOM   299  C CG1 . VAL A 1 40  ? 12.306  -6.825  -6.094  1.00 13.25 ? 40  VAL A CG1 1 
ATOM   300  C CG2 . VAL A 1 40  ? 11.480  -5.767  -8.235  1.00 23.94 ? 40  VAL A CG2 1 
ATOM   301  N N   . ILE A 1 41  ? 11.682  -5.219  -3.771  1.00 20.40 ? 41  ILE A N   1 
ATOM   302  C CA  . ILE A 1 41  ? 12.207  -5.101  -2.423  1.00 23.34 ? 41  ILE A CA  1 
ATOM   303  C C   . ILE A 1 41  ? 13.704  -5.395  -2.323  1.00 25.45 ? 41  ILE A C   1 
ATOM   304  O O   . ILE A 1 41  ? 14.396  -4.821  -1.485  1.00 28.44 ? 41  ILE A O   1 
ATOM   305  C CB  . ILE A 1 41  ? 11.432  -5.990  -1.443  1.00 24.82 ? 41  ILE A CB  1 
ATOM   306  C CG1 . ILE A 1 41  ? 9.951   -6.081  -1.844  1.00 23.15 ? 41  ILE A CG1 1 
ATOM   307  C CG2 . ILE A 1 41  ? 11.479  -5.371  -0.079  1.00 26.46 ? 41  ILE A CG2 1 
ATOM   308  C CD1 . ILE A 1 41  ? 9.177   -4.770  -1.717  1.00 19.98 ? 41  ILE A CD1 1 
ATOM   309  N N   . SER A 1 42  ? 14.216  -6.294  -3.145  1.00 28.60 ? 42  SER A N   1 
ATOM   310  C CA  . SER A 1 42  ? 15.634  -6.625  -3.224  1.00 37.06 ? 42  SER A CA  1 
ATOM   311  C C   . SER A 1 42  ? 16.201  -6.951  -1.846  1.00 41.35 ? 42  SER A C   1 
ATOM   312  O O   . SER A 1 42  ? 17.379  -6.575  -1.574  1.00 42.00 ? 42  SER A O   1 
ATOM   313  C CB  . SER A 1 42  ? 16.417  -5.478  -3.866  1.00 20.00 ? 42  SER A CB  1 
ATOM   314  O OG  . SER A 1 42  ? 16.350  -4.307  -3.071  1.00 20.00 ? 42  SER A OG  1 
ATOM   315  N N   . LYS A 1 43  ? 15.487  -7.677  -1.009  1.00 43.97 ? 43  LYS A N   1 
ATOM   316  C CA  . LYS A 1 43  ? 15.924  -8.085  0.329   1.00 44.19 ? 43  LYS A CA  1 
ATOM   317  C C   . LYS A 1 43  ? 16.231  -6.913  1.270   1.00 44.30 ? 43  LYS A C   1 
ATOM   318  O O   . LYS A 1 43  ? 15.471  -6.655  2.206   1.00 42.25 ? 43  LYS A O   1 
ATOM   319  C CB  . LYS A 1 43  ? 17.119  -9.048  0.254   1.00 47.23 ? 43  LYS A CB  1 
ATOM   320  C CG  . LYS A 1 43  ? 16.817  -10.350 -0.485  1.00 50.28 ? 43  LYS A CG  1 
ATOM   321  C CD  . LYS A 1 43  ? 18.058  -11.234 -0.644  1.00 54.83 ? 43  LYS A CD  1 
ATOM   322  C CE  . LYS A 1 43  ? 18.511  -11.843 0.683   1.00 55.45 ? 43  LYS A CE  1 
ATOM   323  N NZ  . LYS A 1 43  ? 19.674  -12.766 0.526   1.00 53.86 ? 43  LYS A NZ  1 
ATOM   324  N N   . ASP A 1 44  ? 17.325  -6.195  1.016   1.00 40.13 ? 44  ASP A N   1 
ATOM   325  C CA  . ASP A 1 44  ? 17.706  -5.071  1.867   1.00 39.48 ? 44  ASP A CA  1 
ATOM   326  C C   . ASP A 1 44  ? 16.558  -4.121  2.157   1.00 38.13 ? 44  ASP A C   1 
ATOM   327  O O   . ASP A 1 44  ? 16.313  -3.772  3.313   1.00 33.51 ? 44  ASP A O   1 
ATOM   328  C CB  . ASP A 1 44  ? 18.897  -4.311  1.281   1.00 32.89 ? 44  ASP A CB  1 
ATOM   329  C CG  . ASP A 1 44  ? 20.188  -5.100  1.375   1.00 34.41 ? 44  ASP A CG  1 
ATOM   330  O OD1 . ASP A 1 44  ? 20.800  -5.340  0.315   1.00 43.27 ? 44  ASP A OD1 1 
ATOM   331  O OD2 . ASP A 1 44  ? 20.586  -5.492  2.498   1.00 23.37 ? 44  ASP A OD2 1 
ATOM   332  N N   . GLY A 1 45  ? 15.835  -3.736  1.110   1.00 42.01 ? 45  GLY A N   1 
ATOM   333  C CA  . GLY A 1 45  ? 14.704  -2.838  1.280   1.00 46.64 ? 45  GLY A CA  1 
ATOM   334  C C   . GLY A 1 45  ? 13.634  -3.459  2.159   1.00 46.73 ? 45  GLY A C   1 
ATOM   335  O O   . GLY A 1 45  ? 12.904  -2.745  2.857   1.00 46.16 ? 45  GLY A O   1 
ATOM   336  N N   . ALA A 1 46  ? 13.566  -4.794  2.132   1.00 43.53 ? 46  ALA A N   1 
ATOM   337  C CA  . ALA A 1 46  ? 12.604  -5.569  2.921   1.00 39.26 ? 46  ALA A CA  1 
ATOM   338  C C   . ALA A 1 46  ? 12.913  -5.501  4.405   1.00 36.44 ? 46  ALA A C   1 
ATOM   339  O O   . ALA A 1 46  ? 12.229  -4.803  5.149   1.00 35.75 ? 46  ALA A O   1 
ATOM   340  C CB  . ALA A 1 46  ? 12.599  -7.031  2.470   1.00 41.29 ? 46  ALA A CB  1 
ATOM   341  N N   . ALA A 1 47  ? 13.958  -6.228  4.803   1.00 30.50 ? 47  ALA A N   1 
ATOM   342  C CA  . ALA A 1 47  ? 14.425  -6.321  6.186   1.00 20.11 ? 47  ALA A CA  1 
ATOM   343  C C   . ALA A 1 47  ? 14.219  -5.066  7.010   1.00 16.77 ? 47  ALA A C   1 
ATOM   344  O O   . ALA A 1 47  ? 13.868  -5.154  8.184   1.00 15.00 ? 47  ALA A O   1 
ATOM   345  C CB  . ALA A 1 47  ? 15.900  -6.733  6.214   1.00 12.40 ? 47  ALA A CB  1 
ATOM   346  N N   . ALA A 1 48  ? 14.469  -3.918  6.390   1.00 18.83 ? 48  ALA A N   1 
ATOM   347  C CA  . ALA A 1 48  ? 14.310  -2.628  7.078   1.00 22.20 ? 48  ALA A CA  1 
ATOM   348  C C   . ALA A 1 48  ? 12.822  -2.322  7.275   1.00 29.84 ? 48  ALA A C   1 
ATOM   349  O O   . ALA A 1 48  ? 12.379  -2.080  8.403   1.00 25.76 ? 48  ALA A O   1 
ATOM   350  C CB  . ALA A 1 48  ? 14.950  -1.513  6.249   1.00 20.00 ? 48  ALA A CB  1 
ATOM   351  N N   . HIS A 1 49  ? 12.084  -2.365  6.168   1.00 31.14 ? 49  HIS A N   1 
ATOM   352  C CA  . HIS A 1 49  ? 10.646  -2.116  6.189   1.00 29.23 ? 49  HIS A CA  1 
ATOM   353  C C   . HIS A 1 49  ? 9.940   -3.040  7.176   1.00 23.16 ? 49  HIS A C   1 
ATOM   354  O O   . HIS A 1 49  ? 9.065   -2.600  7.916   1.00 23.74 ? 49  HIS A O   1 
ATOM   355  C CB  . HIS A 1 49  ? 10.046  -2.309  4.795   1.00 34.29 ? 49  HIS A CB  1 
ATOM   356  C CG  . HIS A 1 49  ? 8.575   -2.040  4.734   1.00 36.83 ? 49  HIS A CG  1 
ATOM   357  N ND1 . HIS A 1 49  ? 8.003   -0.911  5.281   1.00 35.52 ? 49  HIS A ND1 1 
ATOM   358  C CD2 . HIS A 1 49  ? 7.557   -2.762  4.213   1.00 40.02 ? 49  HIS A CD2 1 
ATOM   359  C CE1 . HIS A 1 49  ? 6.696   -0.950  5.103   1.00 36.96 ? 49  HIS A CE1 1 
ATOM   360  N NE2 . HIS A 1 49  ? 6.399   -2.061  4.456   1.00 43.44 ? 49  HIS A NE2 1 
ATOM   361  N N   . TYR A 1 50  ? 10.318  -4.318  7.168   1.00 20.52 ? 50  TYR A N   1 
ATOM   362  C CA  . TYR A 1 50  ? 9.736   -5.318  8.061   1.00 26.20 ? 50  TYR A CA  1 
ATOM   363  C C   . TYR A 1 50  ? 10.571  -5.462  9.329   1.00 30.84 ? 50  TYR A C   1 
ATOM   364  O O   . TYR A 1 50  ? 10.376  -6.413  10.102  1.00 28.91 ? 50  TYR A O   1 
ATOM   365  C CB  . TYR A 1 50  ? 9.673   -6.686  7.383   1.00 24.17 ? 50  TYR A CB  1 
ATOM   366  C CG  . TYR A 1 50  ? 8.718   -6.802  6.225   1.00 27.96 ? 50  TYR A CG  1 
ATOM   367  C CD1 . TYR A 1 50  ? 7.497   -7.458  6.373   1.00 29.77 ? 50  TYR A CD1 1 
ATOM   368  C CD2 . TYR A 1 50  ? 9.055   -6.308  4.963   1.00 35.91 ? 50  TYR A CD2 1 
ATOM   369  C CE1 . TYR A 1 50  ? 6.633   -7.625  5.286   1.00 38.68 ? 50  TYR A CE1 1 
ATOM   370  C CE2 . TYR A 1 50  ? 8.198   -6.467  3.867   1.00 38.71 ? 50  TYR A CE2 1 
ATOM   371  C CZ  . TYR A 1 50  ? 6.991   -7.123  4.036   1.00 39.23 ? 50  TYR A CZ  1 
ATOM   372  O OH  . TYR A 1 50  ? 6.141   -7.268  2.962   1.00 40.38 ? 50  TYR A OH  1 
ATOM   373  N N   . ALA A 1 51  ? 11.521  -4.541  9.508   1.00 34.53 ? 51  ALA A N   1 
ATOM   374  C CA  . ALA A 1 51  ? 12.431  -4.519  10.662  1.00 39.16 ? 51  ALA A CA  1 
ATOM   375  C C   . ALA A 1 51  ? 11.767  -4.902  11.978  1.00 38.29 ? 51  ALA A C   1 
ATOM   376  O O   . ALA A 1 51  ? 12.315  -5.685  12.763  1.00 38.26 ? 51  ALA A O   1 
ATOM   377  N N   . GLU A 1 52  ? 10.573  -4.363  12.197  1.00 38.99 ? 52  GLU A N   1 
ATOM   378  C CA  . GLU A 1 52  ? 9.811   -4.653  13.400  1.00 36.71 ? 52  GLU A CA  1 
ATOM   379  C C   . GLU A 1 52  ? 9.555   -6.152  13.528  1.00 32.16 ? 52  GLU A C   1 
ATOM   380  O O   . GLU A 1 52  ? 9.096   -6.809  12.593  1.00 26.85 ? 52  GLU A O   1 
ATOM   381  C CB  . GLU A 1 52  ? 8.504   -3.853  13.395  1.00 39.49 ? 52  GLU A CB  1 
ATOM   382  C CG  . GLU A 1 52  ? 8.738   -2.342  13.381  1.00 35.84 ? 52  GLU A CG  1 
ATOM   383  C CD  . GLU A 1 52  ? 9.678   -1.888  14.493  1.00 31.43 ? 52  GLU A CD  1 
ATOM   384  O OE1 . GLU A 1 52  ? 9.178   -1.568  15.592  1.00 33.01 ? 52  GLU A OE1 1 
ATOM   385  O OE2 . GLU A 1 52  ? 10.911  -1.856  14.275  1.00 25.69 ? 52  GLU A OE2 1 
ATOM   386  N N   . LEU A 1 53  ? 9.940   -6.689  14.678  1.00 34.27 ? 53  LEU A N   1 
ATOM   387  C CA  . LEU A 1 53  ? 9.797   -8.112  14.980  1.00 37.97 ? 53  LEU A CA  1 
ATOM   388  C C   . LEU A 1 53  ? 10.543  -8.991  13.969  1.00 38.49 ? 53  LEU A C   1 
ATOM   389  O O   . LEU A 1 53  ? 9.935   -9.793  13.254  1.00 38.50 ? 53  LEU A O   1 
ATOM   390  C CB  . LEU A 1 53  ? 8.314   -8.515  15.088  1.00 34.22 ? 53  LEU A CB  1 
ATOM   391  C CG  . LEU A 1 53  ? 7.965   -9.466  16.246  1.00 31.11 ? 53  LEU A CG  1 
ATOM   392  C CD1 . LEU A 1 53  ? 6.878   -8.845  17.111  1.00 29.52 ? 53  LEU A CD1 1 
ATOM   393  C CD2 . LEU A 1 53  ? 7.532   -10.841 15.745  1.00 22.16 ? 53  LEU A CD2 1 
ATOM   394  N N   . GLY A 1 54  ? 11.854  -8.772  13.869  1.00 36.99 ? 54  GLY A N   1 
ATOM   395  C CA  . GLY A 1 54  ? 12.687  -9.565  12.980  1.00 35.42 ? 54  GLY A CA  1 
ATOM   396  C C   . GLY A 1 54  ? 12.996  -10.889 13.663  1.00 39.06 ? 54  GLY A C   1 
ATOM   397  O O   . GLY A 1 54  ? 13.348  -11.881 13.016  1.00 32.96 ? 54  GLY A O   1 
ATOM   398  N N   . GLY A 1 55  ? 12.847  -10.890 14.990  1.00 42.81 ? 55  GLY A N   1 
ATOM   399  C CA  . GLY A 1 55  ? 13.094  -12.075 15.793  1.00 43.14 ? 55  GLY A CA  1 
ATOM   400  C C   . GLY A 1 55  ? 11.932  -13.049 15.750  1.00 44.78 ? 55  GLY A C   1 
ATOM   401  O O   . GLY A 1 55  ? 12.020  -14.153 16.293  1.00 40.20 ? 55  GLY A O   1 
ATOM   402  N N   . GLY A 1 56  ? 10.825  -12.619 15.143  1.00 48.02 ? 56  GLY A N   1 
ATOM   403  C CA  . GLY A 1 56  ? 9.659   -13.476 15.016  1.00 46.32 ? 56  GLY A CA  1 
ATOM   404  C C   . GLY A 1 56  ? 9.820   -14.417 13.834  1.00 45.30 ? 56  GLY A C   1 
ATOM   405  O O   . GLY A 1 56  ? 10.183  -13.975 12.741  1.00 43.57 ? 56  GLY A O   1 
ATOM   406  N N   . PRO A 1 57  ? 9.513   -15.713 14.007  1.00 44.23 ? 57  PRO A N   1 
ATOM   407  C CA  . PRO A 1 57  ? 9.612   -16.763 12.983  1.00 45.60 ? 57  PRO A CA  1 
ATOM   408  C C   . PRO A 1 57  ? 9.045   -16.425 11.610  1.00 49.51 ? 57  PRO A C   1 
ATOM   409  O O   . PRO A 1 57  ? 9.547   -16.925 10.604  1.00 48.63 ? 57  PRO A O   1 
ATOM   410  C CB  . PRO A 1 57  ? 8.854   -17.931 13.611  1.00 41.59 ? 57  PRO A CB  1 
ATOM   411  C CG  . PRO A 1 57  ? 7.899   -17.256 14.547  1.00 43.52 ? 57  PRO A CG  1 
ATOM   412  C CD  . PRO A 1 57  ? 8.778   -16.216 15.177  1.00 42.41 ? 57  PRO A CD  1 
ATOM   413  N N   . PHE A 1 58  ? 8.011   -15.580 11.562  1.00 55.60 ? 58  PHE A N   1 
ATOM   414  C CA  . PHE A 1 58  ? 7.390   -15.205 10.287  1.00 54.44 ? 58  PHE A CA  1 
ATOM   415  C C   . PHE A 1 58  ? 8.356   -14.586 9.287   1.00 51.52 ? 58  PHE A C   1 
ATOM   416  O O   . PHE A 1 58  ? 8.284   -14.888 8.093   1.00 51.61 ? 58  PHE A O   1 
ATOM   417  C CB  . PHE A 1 58  ? 6.128   -14.333 10.475  1.00 54.83 ? 58  PHE A CB  1 
ATOM   418  C CG  . PHE A 1 58  ? 6.357   -13.004 11.158  1.00 56.85 ? 58  PHE A CG  1 
ATOM   419  C CD1 . PHE A 1 58  ? 7.577   -12.671 11.732  1.00 56.92 ? 58  PHE A CD1 1 
ATOM   420  C CD2 . PHE A 1 58  ? 5.319   -12.073 11.219  1.00 61.60 ? 58  PHE A CD2 1 
ATOM   421  C CE1 . PHE A 1 58  ? 7.764   -11.433 12.351  1.00 63.31 ? 58  PHE A CE1 1 
ATOM   422  C CE2 . PHE A 1 58  ? 5.490   -10.829 11.838  1.00 60.92 ? 58  PHE A CE2 1 
ATOM   423  C CZ  . PHE A 1 58  ? 6.716   -10.508 12.404  1.00 62.49 ? 58  PHE A CZ  1 
ATOM   424  N N   . PHE A 1 59  ? 9.312   -13.810 9.805   1.00 48.62 ? 59  PHE A N   1 
ATOM   425  C CA  . PHE A 1 59  ? 10.344  -13.136 9.011   1.00 40.01 ? 59  PHE A CA  1 
ATOM   426  C C   . PHE A 1 59  ? 10.927  -14.174 8.067   1.00 36.31 ? 59  PHE A C   1 
ATOM   427  O O   . PHE A 1 59  ? 11.212  -13.889 6.903   1.00 32.63 ? 59  PHE A O   1 
ATOM   428  C CB  . PHE A 1 59  ? 11.434  -12.592 9.940   1.00 34.37 ? 59  PHE A CB  1 
ATOM   429  C CG  . PHE A 1 59  ? 12.369  -11.629 9.282   1.00 37.69 ? 59  PHE A CG  1 
ATOM   430  C CD1 . PHE A 1 59  ? 12.080  -10.263 9.263   1.00 39.06 ? 59  PHE A CD1 1 
ATOM   431  C CD2 . PHE A 1 59  ? 13.552  -12.076 8.692   1.00 37.18 ? 59  PHE A CD2 1 
ATOM   432  C CE1 . PHE A 1 59  ? 12.957  -9.355  8.665   1.00 33.55 ? 59  PHE A CE1 1 
ATOM   433  C CE2 . PHE A 1 59  ? 14.436  -11.179 8.093   1.00 34.35 ? 59  PHE A CE2 1 
ATOM   434  C CZ  . PHE A 1 59  ? 14.138  -9.817  8.080   1.00 34.16 ? 59  PHE A CZ  1 
ATOM   435  N N   . GLY A 1 60  ? 11.085  -15.387 8.592   1.00 37.07 ? 60  GLY A N   1 
ATOM   436  C CA  . GLY A 1 60  ? 11.579  -16.492 7.797   1.00 36.63 ? 60  GLY A CA  1 
ATOM   437  C C   . GLY A 1 60  ? 10.354  -17.001 7.073   1.00 37.45 ? 60  GLY A C   1 
ATOM   438  O O   . GLY A 1 60  ? 9.566   -17.767 7.630   1.00 37.52 ? 60  GLY A O   1 
ATOM   439  N N   . GLY A 1 61  ? 10.162  -16.510 5.853   1.00 37.60 ? 61  GLY A N   1 
ATOM   440  C CA  . GLY A 1 61  ? 9.006   -16.898 5.067   1.00 33.77 ? 61  GLY A CA  1 
ATOM   441  C C   . GLY A 1 61  ? 8.168   -15.682 4.712   1.00 30.53 ? 61  GLY A C   1 
ATOM   442  O O   . GLY A 1 61  ? 7.305   -15.752 3.833   1.00 27.34 ? 61  GLY A O   1 
ATOM   443  N N   . LEU A 1 62  ? 8.455   -14.568 5.384   1.00 27.75 ? 62  LEU A N   1 
ATOM   444  C CA  . LEU A 1 62  ? 7.762   -13.296 5.189   1.00 27.13 ? 62  LEU A CA  1 
ATOM   445  C C   . LEU A 1 62  ? 8.601   -12.418 4.264   1.00 27.56 ? 62  LEU A C   1 
ATOM   446  O O   . LEU A 1 62  ? 8.081   -11.780 3.347   1.00 28.18 ? 62  LEU A O   1 
ATOM   447  C CB  . LEU A 1 62  ? 7.577   -12.595 6.540   1.00 25.44 ? 62  LEU A CB  1 
ATOM   448  C CG  . LEU A 1 62  ? 6.746   -11.321 6.686   1.00 29.05 ? 62  LEU A CG  1 
ATOM   449  C CD1 . LEU A 1 62  ? 5.264   -11.645 6.543   1.00 24.96 ? 62  LEU A CD1 1 
ATOM   450  C CD2 . LEU A 1 62  ? 7.013   -10.700 8.054   1.00 28.18 ? 62  LEU A CD2 1 
ATOM   451  N N   . VAL A 1 63  ? 9.903   -12.377 4.535   1.00 30.89 ? 63  VAL A N   1 
ATOM   452  C CA  . VAL A 1 63  ? 10.840  -11.598 3.727   1.00 29.54 ? 63  VAL A CA  1 
ATOM   453  C C   . VAL A 1 63  ? 11.096  -12.373 2.442   1.00 31.51 ? 63  VAL A C   1 
ATOM   454  O O   . VAL A 1 63  ? 11.595  -11.821 1.457   1.00 33.96 ? 63  VAL A O   1 
ATOM   455  C CB  . VAL A 1 63  ? 12.169  -11.329 4.491   1.00 28.25 ? 63  VAL A CB  1 
ATOM   456  C CG1 . VAL A 1 63  ? 13.179  -10.592 3.600   1.00 21.94 ? 63  VAL A CG1 1 
ATOM   457  C CG2 . VAL A 1 63  ? 11.879  -10.502 5.740   1.00 13.96 ? 63  VAL A CG2 1 
ATOM   458  N N   . GLY A 1 64  ? 10.737  -13.655 2.461   1.00 31.21 ? 64  GLY A N   1 
ATOM   459  C CA  . GLY A 1 64  ? 10.893  -14.481 1.282   1.00 30.88 ? 64  GLY A CA  1 
ATOM   460  C C   . GLY A 1 64  ? 9.839   -14.077 0.270   1.00 31.80 ? 64  GLY A C   1 
ATOM   461  O O   . GLY A 1 64  ? 10.119  -13.957 -0.926  1.00 34.85 ? 64  GLY A O   1 
ATOM   462  N N   . GLY A 1 65  ? 8.645   -13.784 0.777   1.00 33.08 ? 65  GLY A N   1 
ATOM   463  C CA  . GLY A 1 65  ? 7.528   -13.398 -0.069  1.00 36.61 ? 65  GLY A CA  1 
ATOM   464  C C   . GLY A 1 65  ? 7.645   -12.101 -0.852  1.00 36.67 ? 65  GLY A C   1 
ATOM   465  O O   . GLY A 1 65  ? 7.631   -12.123 -2.086  1.00 36.92 ? 65  GLY A O   1 
ATOM   466  N N   . ALA A 1 66  ? 7.749   -10.973 -0.148  1.00 33.72 ? 66  ALA A N   1 
ATOM   467  C CA  . ALA A 1 66  ? 7.835   -9.666  -0.801  1.00 36.03 ? 66  ALA A CA  1 
ATOM   468  C C   . ALA A 1 66  ? 8.915   -9.573  -1.881  1.00 35.43 ? 66  ALA A C   1 
ATOM   469  O O   . ALA A 1 66  ? 8.737   -8.911  -2.906  1.00 37.45 ? 66  ALA A O   1 
ATOM   470  C CB  . ALA A 1 66  ? 8.043   -8.569  0.241   1.00 32.02 ? 66  ALA A CB  1 
ATOM   471  N N   . THR A 1 67  ? 10.008  -10.291 -1.661  1.00 35.07 ? 67  THR A N   1 
ATOM   472  C CA  . THR A 1 67  ? 11.158  -10.293 -2.557  1.00 30.31 ? 67  THR A CA  1 
ATOM   473  C C   . THR A 1 67  ? 11.054  -11.097 -3.863  1.00 35.00 ? 67  THR A C   1 
ATOM   474  O O   . THR A 1 67  ? 11.917  -10.986 -4.735  1.00 35.35 ? 67  THR A O   1 
ATOM   475  C CB  . THR A 1 67  ? 12.404  -10.728 -1.771  1.00 22.60 ? 67  THR A CB  1 
ATOM   476  O OG1 . THR A 1 67  ? 12.102  -11.921 -1.031  1.00 2.55  ? 67  THR A OG1 1 
ATOM   477  C CG2 . THR A 1 67  ? 12.794  -9.640  -0.792  1.00 17.66 ? 67  THR A CG2 1 
ATOM   478  N N   . SER A 1 68  ? 10.018  -11.916 -4.000  1.00 35.48 ? 68  SER A N   1 
ATOM   479  C CA  . SER A 1 68  ? 9.858   -12.699 -5.215  1.00 34.86 ? 68  SER A CA  1 
ATOM   480  C C   . SER A 1 68  ? 9.543   -11.754 -6.381  1.00 35.44 ? 68  SER A C   1 
ATOM   481  O O   . SER A 1 68  ? 10.458  -11.136 -6.936  1.00 39.02 ? 68  SER A O   1 
ATOM   482  C CB  . SER A 1 68  ? 8.769   -13.765 -5.032  1.00 36.32 ? 68  SER A CB  1 
ATOM   483  O OG  . SER A 1 68  ? 7.541   -13.191 -4.604  1.00 40.40 ? 68  SER A OG  1 
ATOM   484  N N   . GLY A 1 69  ? 8.258   -11.593 -6.704  1.00 31.74 ? 69  GLY A N   1 
ATOM   485  C CA  . GLY A 1 69  ? 7.854   -10.723 -7.799  1.00 25.16 ? 69  GLY A CA  1 
ATOM   486  C C   . GLY A 1 69  ? 7.942   -9.241  -7.477  1.00 21.04 ? 69  GLY A C   1 
ATOM   487  O O   . GLY A 1 69  ? 8.246   -8.875  -6.341  1.00 23.47 ? 69  GLY A O   1 
ATOM   488  N N   . PRO A 1 70  ? 7.716   -8.357  -8.467  1.00 17.06 ? 70  PRO A N   1 
ATOM   489  C CA  . PRO A 1 70  ? 7.776   -6.903  -8.258  1.00 13.84 ? 70  PRO A CA  1 
ATOM   490  C C   . PRO A 1 70  ? 6.808   -6.372  -7.178  1.00 19.61 ? 70  PRO A C   1 
ATOM   491  O O   . PRO A 1 70  ? 6.169   -7.145  -6.446  1.00 25.00 ? 70  PRO A O   1 
ATOM   492  C CB  . PRO A 1 70  ? 7.468   -6.342  -9.652  1.00 2.25  ? 70  PRO A CB  1 
ATOM   493  C CG  . PRO A 1 70  ? 6.702   -7.455  -10.319 1.00 5.98  ? 70  PRO A CG  1 
ATOM   494  C CD  . PRO A 1 70  ? 7.435   -8.674  -9.877  1.00 6.29  ? 70  PRO A CD  1 
ATOM   495  N N   . VAL A 1 71  ? 6.717   -5.051  -7.069  1.00 12.01 ? 71  VAL A N   1 
ATOM   496  C CA  . VAL A 1 71  ? 5.868   -4.419  -6.069  1.00 4.78  ? 71  VAL A CA  1 
ATOM   497  C C   . VAL A 1 71  ? 5.510   -3.020  -6.553  1.00 8.13  ? 71  VAL A C   1 
ATOM   498  O O   . VAL A 1 71  ? 6.379   -2.146  -6.673  1.00 6.41  ? 71  VAL A O   1 
ATOM   499  C CB  . VAL A 1 71  ? 6.622   -4.294  -4.697  1.00 5.79  ? 71  VAL A CB  1 
ATOM   500  C CG1 . VAL A 1 71  ? 5.883   -3.370  -3.749  1.00 6.11  ? 71  VAL A CG1 1 
ATOM   501  C CG2 . VAL A 1 71  ? 6.795   -5.658  -4.045  1.00 2.00  ? 71  VAL A CG2 1 
ATOM   502  N N   . PHE A 1 72  ? 4.234   -2.813  -6.857  1.00 8.46  ? 72  PHE A N   1 
ATOM   503  C CA  . PHE A 1 72  ? 3.791   -1.512  -7.310  1.00 9.90  ? 72  PHE A CA  1 
ATOM   504  C C   . PHE A 1 72  ? 3.595   -0.658  -6.082  1.00 13.58 ? 72  PHE A C   1 
ATOM   505  O O   . PHE A 1 72  ? 2.614   -0.824  -5.361  1.00 16.82 ? 72  PHE A O   1 
ATOM   506  C CB  . PHE A 1 72  ? 2.488   -1.630  -8.092  1.00 11.13 ? 72  PHE A CB  1 
ATOM   507  C CG  . PHE A 1 72  ? 2.008   -0.322  -8.674  1.00 11.77 ? 72  PHE A CG  1 
ATOM   508  C CD1 . PHE A 1 72  ? 2.586   0.190   -9.838  1.00 8.50  ? 72  PHE A CD1 1 
ATOM   509  C CD2 . PHE A 1 72  ? 0.960   0.375   -8.080  1.00 3.65  ? 72  PHE A CD2 1 
ATOM   510  C CE1 . PHE A 1 72  ? 2.127   1.376   -10.402 1.00 12.71 ? 72  PHE A CE1 1 
ATOM   511  C CE2 . PHE A 1 72  ? 0.492   1.561   -8.639  1.00 18.39 ? 72  PHE A CE2 1 
ATOM   512  C CZ  . PHE A 1 72  ? 1.075   2.066   -9.805  1.00 14.43 ? 72  PHE A CZ  1 
ATOM   513  N N   . ALA A 1 73  ? 4.575   0.197   -5.796  1.00 21.02 ? 73  ALA A N   1 
ATOM   514  C CA  . ALA A 1 73  ? 4.513   1.088   -4.632  1.00 18.06 ? 73  ALA A CA  1 
ATOM   515  C C   . ALA A 1 73  ? 3.785   2.368   -5.020  1.00 15.90 ? 73  ALA A C   1 
ATOM   516  O O   . ALA A 1 73  ? 3.810   2.772   -6.191  1.00 14.26 ? 73  ALA A O   1 
ATOM   517  C CB  . ALA A 1 73  ? 5.927   1.396   -4.114  1.00 12.88 ? 73  ALA A CB  1 
ATOM   518  N N   . MET A 1 74  ? 3.108   2.984   -4.053  1.00 11.56 ? 74  MET A N   1 
ATOM   519  C CA  . MET A 1 74  ? 2.353   4.212   -4.322  1.00 12.10 ? 74  MET A CA  1 
ATOM   520  C C   . MET A 1 74  ? 2.313   5.124   -3.102  1.00 12.24 ? 74  MET A C   1 
ATOM   521  O O   . MET A 1 74  ? 2.591   4.685   -1.976  1.00 12.42 ? 74  MET A O   1 
ATOM   522  C CB  . MET A 1 74  ? 0.897   3.882   -4.696  1.00 13.77 ? 74  MET A CB  1 
ATOM   523  C CG  . MET A 1 74  ? 0.708   2.757   -5.696  1.00 13.43 ? 74  MET A CG  1 
ATOM   524  S SD  . MET A 1 74  ? -1.009  2.250   -5.902  1.00 15.80 ? 74  MET A SD  1 
ATOM   525  C CE  . MET A 1 74  ? -1.056  0.680   -5.071  1.00 13.64 ? 74  MET A CE  1 
ATOM   526  N N   . VAL A 1 75  ? 1.915   6.376   -3.339  1.00 11.65 ? 75  VAL A N   1 
ATOM   527  C CA  . VAL A 1 75  ? 1.768   7.406   -2.299  1.00 9.40  ? 75  VAL A CA  1 
ATOM   528  C C   . VAL A 1 75  ? 0.451   8.134   -2.636  1.00 13.36 ? 75  VAL A C   1 
ATOM   529  O O   . VAL A 1 75  ? 0.302   8.660   -3.749  1.00 14.16 ? 75  VAL A O   1 
ATOM   530  C CB  . VAL A 1 75  ? 2.953   8.434   -2.323  1.00 8.43  ? 75  VAL A CB  1 
ATOM   531  C CG1 . VAL A 1 75  ? 2.771   9.505   -1.226  1.00 2.28  ? 75  VAL A CG1 1 
ATOM   532  C CG2 . VAL A 1 75  ? 4.289   7.723   -2.156  1.00 2.00  ? 75  VAL A CG2 1 
ATOM   533  N N   . TRP A 1 76  ? -0.506  8.139   -1.703  1.00 8.76  ? 76  TRP A N   1 
ATOM   534  C CA  . TRP A 1 76  ? -1.797  8.785   -1.948  1.00 5.82  ? 76  TRP A CA  1 
ATOM   535  C C   . TRP A 1 76  ? -2.133  10.005  -1.083  1.00 6.24  ? 76  TRP A C   1 
ATOM   536  O O   . TRP A 1 76  ? -1.802  10.047  0.107   1.00 3.79  ? 76  TRP A O   1 
ATOM   537  C CB  . TRP A 1 76  ? -2.911  7.751   -1.885  1.00 4.58  ? 76  TRP A CB  1 
ATOM   538  C CG  . TRP A 1 76  ? -2.806  6.682   -2.965  1.00 8.30  ? 76  TRP A CG  1 
ATOM   539  C CD1 . TRP A 1 76  ? -2.007  5.584   -2.947  1.00 2.16  ? 76  TRP A CD1 1 
ATOM   540  C CD2 . TRP A 1 76  ? -3.571  6.598   -4.178  1.00 12.21 ? 76  TRP A CD2 1 
ATOM   541  N NE1 . TRP A 1 76  ? -2.234  4.813   -4.055  1.00 7.94  ? 76  TRP A NE1 1 
ATOM   542  C CE2 . TRP A 1 76  ? -3.186  5.412   -4.831  1.00 10.86 ? 76  TRP A CE2 1 
ATOM   543  C CE3 . TRP A 1 76  ? -4.547  7.412   -4.775  1.00 17.83 ? 76  TRP A CE3 1 
ATOM   544  C CZ2 . TRP A 1 76  ? -3.737  5.014   -6.059  1.00 16.03 ? 76  TRP A CZ2 1 
ATOM   545  C CZ3 . TRP A 1 76  ? -5.097  7.015   -6.002  1.00 16.81 ? 76  TRP A CZ3 1 
ATOM   546  C CH2 . TRP A 1 76  ? -4.688  5.827   -6.625  1.00 13.46 ? 76  TRP A CH2 1 
ATOM   547  N N   . GLU A 1 77  ? -2.810  10.983  -1.696  1.00 5.88  ? 77  GLU A N   1 
ATOM   548  C CA  . GLU A 1 77  ? -3.177  12.238  -1.034  1.00 9.70  ? 77  GLU A CA  1 
ATOM   549  C C   . GLU A 1 77  ? -4.626  12.410  -0.601  1.00 7.85  ? 77  GLU A C   1 
ATOM   550  O O   . GLU A 1 77  ? -5.490  11.574  -0.877  1.00 9.51  ? 77  GLU A O   1 
ATOM   551  C CB  . GLU A 1 77  ? -2.814  13.435  -1.915  1.00 18.73 ? 77  GLU A CB  1 
ATOM   552  C CG  . GLU A 1 77  ? -1.352  13.860  -1.904  1.00 30.15 ? 77  GLU A CG  1 
ATOM   553  C CD  . GLU A 1 77  ? -1.147  15.194  -2.613  1.00 37.32 ? 77  GLU A CD  1 
ATOM   554  O OE1 . GLU A 1 77  ? -1.610  16.224  -2.072  1.00 36.32 ? 77  GLU A OE1 1 
ATOM   555  O OE2 . GLU A 1 77  ? -0.543  15.212  -3.712  1.00 38.46 ? 77  GLU A OE2 1 
ATOM   556  N N   . GLY A 1 78  ? -4.882  13.556  0.030   1.00 3.12  ? 78  GLY A N   1 
ATOM   557  C CA  . GLY A 1 78  ? -6.213  13.880  0.505   1.00 2.25  ? 78  GLY A CA  1 
ATOM   558  C C   . GLY A 1 78  ? -6.310  13.877  2.013   1.00 3.85  ? 78  GLY A C   1 
ATOM   559  O O   . GLY A 1 78  ? -5.430  13.343  2.701   1.00 2.00  ? 78  GLY A O   1 
ATOM   560  N N   . LEU A 1 79  ? -7.387  14.462  2.534   1.00 9.51  ? 79  LEU A N   1 
ATOM   561  C CA  . LEU A 1 79  ? -7.591  14.505  3.986   1.00 21.56 ? 79  LEU A CA  1 
ATOM   562  C C   . LEU A 1 79  ? -7.947  13.086  4.468   1.00 24.59 ? 79  LEU A C   1 
ATOM   563  O O   . LEU A 1 79  ? -8.623  12.334  3.752   1.00 24.62 ? 79  LEU A O   1 
ATOM   564  C CB  . LEU A 1 79  ? -8.704  15.496  4.363   1.00 21.18 ? 79  LEU A CB  1 
ATOM   565  C CG  . LEU A 1 79  ? -8.886  16.781  3.534   1.00 26.16 ? 79  LEU A CG  1 
ATOM   566  C CD1 . LEU A 1 79  ? -9.799  17.753  4.292   1.00 25.11 ? 79  LEU A CD1 1 
ATOM   567  C CD2 . LEU A 1 79  ? -7.553  17.449  3.221   1.00 25.73 ? 79  LEU A CD2 1 
ATOM   568  N N   . ASN A 1 80  ? -7.445  12.710  5.646   1.00 18.24 ? 80  ASN A N   1 
ATOM   569  C CA  . ASN A 1 80  ? -7.694  11.383  6.217   1.00 13.79 ? 80  ASN A CA  1 
ATOM   570  C C   . ASN A 1 80  ? -7.344  10.267  5.230   1.00 14.15 ? 80  ASN A C   1 
ATOM   571  O O   . ASN A 1 80  ? -7.889  9.161   5.295   1.00 11.01 ? 80  ASN A O   1 
ATOM   572  C CB  . ASN A 1 80  ? -9.160  11.227  6.619   1.00 14.19 ? 80  ASN A CB  1 
ATOM   573  C CG  . ASN A 1 80  ? -9.664  12.368  7.441   1.00 14.39 ? 80  ASN A CG  1 
ATOM   574  O OD1 . ASN A 1 80  ? -9.304  12.510  8.611   1.00 12.66 ? 80  ASN A OD1 1 
ATOM   575  N ND2 . ASN A 1 80  ? -10.529 13.186  6.846   1.00 16.91 ? 80  ASN A ND2 1 
ATOM   576  N N   . ALA A 1 81  ? -6.457  10.565  4.296   1.00 17.36 ? 81  ALA A N   1 
ATOM   577  C CA  . ALA A 1 81  ? -6.059  9.573   3.313   1.00 22.60 ? 81  ALA A CA  1 
ATOM   578  C C   . ALA A 1 81  ? -5.627  8.277   4.004   1.00 20.46 ? 81  ALA A C   1 
ATOM   579  O O   . ALA A 1 81  ? -6.231  7.230   3.778   1.00 12.30 ? 81  ALA A O   1 
ATOM   580  C CB  . ALA A 1 81  ? -4.946  10.121  2.423   1.00 22.76 ? 81  ALA A CB  1 
ATOM   581  N N   . ALA A 1 82  ? -4.662  8.372   4.918   1.00 21.94 ? 82  ALA A N   1 
ATOM   582  C CA  . ALA A 1 82  ? -4.150  7.196   5.640   1.00 27.29 ? 82  ALA A CA  1 
ATOM   583  C C   . ALA A 1 82  ? -5.184  6.536   6.565   1.00 24.08 ? 82  ALA A C   1 
ATOM   584  O O   . ALA A 1 82  ? -5.292  5.307   6.622   1.00 24.13 ? 82  ALA A O   1 
ATOM   585  C CB  . ALA A 1 82  ? -2.866  7.559   6.428   1.00 25.89 ? 82  ALA A CB  1 
ATOM   586  N N   . ALA A 1 83  ? -5.946  7.361   7.277   1.00 23.98 ? 83  ALA A N   1 
ATOM   587  C CA  . ALA A 1 83  ? -6.965  6.866   8.191   1.00 22.19 ? 83  ALA A CA  1 
ATOM   588  C C   . ALA A 1 83  ? -7.961  5.997   7.446   1.00 18.46 ? 83  ALA A C   1 
ATOM   589  O O   . ALA A 1 83  ? -8.156  4.832   7.782   1.00 21.64 ? 83  ALA A O   1 
ATOM   590  C CB  . ALA A 1 83  ? -7.684  8.032   8.855   1.00 27.29 ? 83  ALA A CB  1 
ATOM   591  N N   . THR A 1 84  ? -8.547  6.569   6.400   1.00 18.23 ? 84  THR A N   1 
ATOM   592  C CA  . THR A 1 84  ? -9.536  5.881   5.573   1.00 16.42 ? 84  THR A CA  1 
ATOM   593  C C   . THR A 1 84  ? -8.987  4.719   4.753   1.00 11.62 ? 84  THR A C   1 
ATOM   594  O O   . THR A 1 84  ? -9.689  3.738   4.543   1.00 5.06  ? 84  THR A O   1 
ATOM   595  C CB  . THR A 1 84  ? -10.254 6.871   4.596   1.00 20.78 ? 84  THR A CB  1 
ATOM   596  O OG1 . THR A 1 84  ? -9.309  7.425   3.669   1.00 10.53 ? 84  THR A OG1 1 
ATOM   597  C CG2 . THR A 1 84  ? -10.905 8.015   5.377   1.00 21.73 ? 84  THR A CG2 1 
ATOM   598  N N   . ALA A 1 85  ? -7.740  4.827   4.298   1.00 15.90 ? 85  ALA A N   1 
ATOM   599  C CA  . ALA A 1 85  ? -7.140  3.793   3.461   1.00 19.67 ? 85  ALA A CA  1 
ATOM   600  C C   . ALA A 1 85  ? -7.247  2.419   4.079   1.00 28.51 ? 85  ALA A C   1 
ATOM   601  O O   . ALA A 1 85  ? -7.893  1.534   3.510   1.00 30.37 ? 85  ALA A O   1 
ATOM   602  C CB  . ALA A 1 85  ? -5.693  4.122   3.138   1.00 18.15 ? 85  ALA A CB  1 
ATOM   603  N N   . ARG A 1 86  ? -6.672  2.258   5.270   1.00 30.01 ? 86  ARG A N   1 
ATOM   604  C CA  . ARG A 1 86  ? -6.715  0.970   5.960   1.00 28.86 ? 86  ARG A CA  1 
ATOM   605  C C   . ARG A 1 86  ? -8.143  0.437   6.104   1.00 22.17 ? 86  ARG A C   1 
ATOM   606  O O   . ARG A 1 86  ? -8.376  -0.757  5.962   1.00 11.71 ? 86  ARG A O   1 
ATOM   607  C CB  . ARG A 1 86  ? -5.998  1.045   7.317   1.00 33.45 ? 86  ARG A CB  1 
ATOM   608  C CG  . ARG A 1 86  ? -6.349  2.252   8.162   1.00 44.59 ? 86  ARG A CG  1 
ATOM   609  C CD  . ARG A 1 86  ? -5.178  2.685   9.053   1.00 54.41 ? 86  ARG A CD  1 
ATOM   610  N NE  . ARG A 1 86  ? -4.905  1.760   10.152  1.00 61.06 ? 86  ARG A NE  1 
ATOM   611  C CZ  . ARG A 1 86  ? -4.035  0.757   10.092  1.00 64.90 ? 86  ARG A CZ  1 
ATOM   612  N NH1 . ARG A 1 86  ? -3.341  0.538   8.983   1.00 65.78 ? 86  ARG A NH1 1 
ATOM   613  N NH2 . ARG A 1 86  ? -3.849  -0.024  11.150  1.00 63.02 ? 86  ARG A NH2 1 
ATOM   614  N N   . GLN A 1 87  ? -9.101  1.333   6.322   1.00 18.60 ? 87  GLN A N   1 
ATOM   615  C CA  . GLN A 1 87  ? -10.485 0.925   6.448   1.00 15.66 ? 87  GLN A CA  1 
ATOM   616  C C   . GLN A 1 87  ? -10.898 0.174   5.191   1.00 19.28 ? 87  GLN A C   1 
ATOM   617  O O   . GLN A 1 87  ? -11.416 -0.946  5.280   1.00 19.36 ? 87  GLN A O   1 
ATOM   618  C CB  . GLN A 1 87  ? -11.409 2.123   6.675   1.00 6.24  ? 87  GLN A CB  1 
ATOM   619  C CG  . GLN A 1 87  ? -11.316 2.731   8.057   1.00 16.32 ? 87  GLN A CG  1 
ATOM   620  C CD  . GLN A 1 87  ? -12.502 3.636   8.384   1.00 28.97 ? 87  GLN A CD  1 
ATOM   621  O OE1 . GLN A 1 87  ? -12.418 4.865   8.271   1.00 30.05 ? 87  GLN A OE1 1 
ATOM   622  N NE2 . GLN A 1 87  ? -13.615 3.028   8.802   1.00 34.22 ? 87  GLN A NE2 1 
ATOM   623  N N   . ILE A 1 88  ? -10.611 0.753   4.024   1.00 22.62 ? 88  ILE A N   1 
ATOM   624  C CA  . ILE A 1 88  ? -10.981 0.102   2.762   1.00 23.72 ? 88  ILE A CA  1 
ATOM   625  C C   . ILE A 1 88  ? -9.931  -0.897  2.273   1.00 17.14 ? 88  ILE A C   1 
ATOM   626  O O   . ILE A 1 88  ? -10.191 -1.690  1.373   1.00 11.82 ? 88  ILE A O   1 
ATOM   627  C CB  . ILE A 1 88  ? -11.396 1.122   1.633   1.00 26.77 ? 88  ILE A CB  1 
ATOM   628  C CG1 . ILE A 1 88  ? -10.205 1.936   1.120   1.00 27.63 ? 88  ILE A CG1 1 
ATOM   629  C CG2 . ILE A 1 88  ? -12.501 2.047   2.146   1.00 17.52 ? 88  ILE A CG2 1 
ATOM   630  C CD1 . ILE A 1 88  ? -10.582 2.890   -0.009  1.00 17.35 ? 88  ILE A CD1 1 
ATOM   631  N N   . LEU A 1 89  ? -8.757  -0.872  2.901   1.00 16.14 ? 89  LEU A N   1 
ATOM   632  C CA  . LEU A 1 89  ? -7.684  -1.804  2.566   1.00 9.06  ? 89  LEU A CA  1 
ATOM   633  C C   . LEU A 1 89  ? -8.221  -3.124  3.095   1.00 2.00  ? 89  LEU A C   1 
ATOM   634  O O   . LEU A 1 89  ? -8.167  -4.139  2.431   1.00 4.67  ? 89  LEU A O   1 
ATOM   635  C CB  . LEU A 1 89  ? -6.387  -1.422  3.308   1.00 17.30 ? 89  LEU A CB  1 
ATOM   636  C CG  . LEU A 1 89  ? -5.033  -1.390  2.566   1.00 19.36 ? 89  LEU A CG  1 
ATOM   637  C CD1 . LEU A 1 89  ? -4.969  -0.170  1.684   1.00 14.63 ? 89  LEU A CD1 1 
ATOM   638  C CD2 . LEU A 1 89  ? -3.832  -1.388  3.538   1.00 2.00  ? 89  LEU A CD2 1 
ATOM   639  N N   . GLY A 1 90  ? -8.868  -3.048  4.251   1.00 6.70  ? 90  GLY A N   1 
ATOM   640  C CA  . GLY A 1 90  ? -9.441  -4.218  4.886   1.00 6.02  ? 90  GLY A CA  1 
ATOM   641  C C   . GLY A 1 90  ? -8.644  -4.615  6.112   1.00 8.45  ? 90  GLY A C   1 
ATOM   642  O O   . GLY A 1 90  ? -7.577  -4.043  6.386   1.00 3.66  ? 90  GLY A O   1 
ATOM   643  N N   . ALA A 1 91  ? -9.180  -5.575  6.867   1.00 8.84  ? 91  ALA A N   1 
ATOM   644  C CA  . ALA A 1 91  ? -8.516  -6.088  8.064   1.00 6.64  ? 91  ALA A CA  1 
ATOM   645  C C   . ALA A 1 91  ? -7.256  -6.795  7.578   1.00 3.32  ? 91  ALA A C   1 
ATOM   646  O O   . ALA A 1 91  ? -7.160  -7.128  6.399   1.00 2.72  ? 91  ALA A O   1 
ATOM   647  C CB  . ALA A 1 91  ? -9.430  -7.055  8.785   1.00 4.96  ? 91  ALA A CB  1 
ATOM   648  N N   . THR A 1 92  ? -6.269  -6.993  8.443   1.00 5.50  ? 92  THR A N   1 
ATOM   649  C CA  . THR A 1 92  ? -5.041  -7.656  7.982   1.00 8.22  ? 92  THR A CA  1 
ATOM   650  C C   . THR A 1 92  ? -5.330  -9.054  7.407   1.00 3.52  ? 92  THR A C   1 
ATOM   651  O O   . THR A 1 92  ? -4.905  -9.375  6.291   1.00 2.00  ? 92  THR A O   1 
ATOM   652  C CB  . THR A 1 92  ? -3.949  -7.729  9.089   1.00 3.20  ? 92  THR A CB  1 
ATOM   653  O OG1 . THR A 1 92  ? -3.797  -6.446  9.712   1.00 2.00  ? 92  THR A OG1 1 
ATOM   654  C CG2 . THR A 1 92  ? -2.632  -8.099  8.479   1.00 3.46  ? 92  THR A CG2 1 
ATOM   655  N N   . ASN A 1 93  ? -6.115  -9.842  8.138   1.00 5.37  ? 93  ASN A N   1 
ATOM   656  C CA  . ASN A 1 93  ? -6.481  -11.193 7.714   1.00 9.10  ? 93  ASN A CA  1 
ATOM   657  C C   . ASN A 1 93  ? -7.624  -11.145 6.694   1.00 8.97  ? 93  ASN A C   1 
ATOM   658  O O   . ASN A 1 93  ? -8.746  -10.768 7.025   1.00 2.00  ? 93  ASN A O   1 
ATOM   659  C CB  . ASN A 1 93  ? -6.901  -12.033 8.932   1.00 17.39 ? 93  ASN A CB  1 
ATOM   660  C CG  . ASN A 1 93  ? -7.054  -13.519 8.606   1.00 22.80 ? 93  ASN A CG  1 
ATOM   661  O OD1 . ASN A 1 93  ? -6.107  -14.292 8.730   1.00 23.15 ? 93  ASN A OD1 1 
ATOM   662  N ND2 . ASN A 1 93  ? -8.250  -13.921 8.194   1.00 26.06 ? 93  ASN A ND2 1 
ATOM   663  N N   . PRO A 1 94  ? -7.343  -11.517 5.433   1.00 13.75 ? 94  PRO A N   1 
ATOM   664  C CA  . PRO A 1 94  ? -8.336  -11.526 4.351   1.00 16.03 ? 94  PRO A CA  1 
ATOM   665  C C   . PRO A 1 94  ? -9.508  -12.473 4.593   1.00 12.17 ? 94  PRO A C   1 
ATOM   666  O O   . PRO A 1 94  ? -10.597 -12.263 4.058   1.00 4.83  ? 94  PRO A O   1 
ATOM   667  C CB  . PRO A 1 94  ? -7.511  -11.943 3.135   1.00 11.65 ? 94  PRO A CB  1 
ATOM   668  C CG  . PRO A 1 94  ? -6.435  -12.772 3.740   1.00 16.18 ? 94  PRO A CG  1 
ATOM   669  C CD  . PRO A 1 94  ? -6.032  -11.943 4.920   1.00 12.67 ? 94  PRO A CD  1 
ATOM   670  N N   . SER A 1 95  ? -9.281  -13.516 5.389   1.00 17.05 ? 95  SER A N   1 
ATOM   671  C CA  . SER A 1 95  ? -10.349 -14.465 5.713   1.00 25.06 ? 95  SER A CA  1 
ATOM   672  C C   . SER A 1 95  ? -11.083 -13.996 6.980   1.00 28.04 ? 95  SER A C   1 
ATOM   673  O O   . SER A 1 95  ? -11.743 -14.784 7.661   1.00 29.29 ? 95  SER A O   1 
ATOM   674  C CB  . SER A 1 95  ? -9.794  -15.890 5.880   1.00 25.40 ? 95  SER A CB  1 
ATOM   675  O OG  . SER A 1 95  ? -9.587  -16.532 4.621   1.00 12.93 ? 95  SER A OG  1 
ATOM   676  N N   . ASP A 1 96  ? -11.019 -12.681 7.217   1.00 31.97 ? 96  ASP A N   1 
ATOM   677  C CA  . ASP A 1 96  ? -11.621 -12.005 8.373   1.00 29.88 ? 96  ASP A CA  1 
ATOM   678  C C   . ASP A 1 96  ? -11.890 -10.519 8.034   1.00 27.04 ? 96  ASP A C   1 
ATOM   679  O O   . ASP A 1 96  ? -12.442 -9.778  8.844   1.00 19.78 ? 96  ASP A O   1 
ATOM   680  C CB  . ASP A 1 96  ? -10.653 -12.143 9.569   1.00 35.89 ? 96  ASP A CB  1 
ATOM   681  C CG  . ASP A 1 96  ? -10.946 -11.173 10.705  1.00 37.72 ? 96  ASP A CG  1 
ATOM   682  O OD1 . ASP A 1 96  ? -11.704 -11.539 11.628  1.00 45.47 ? 96  ASP A OD1 1 
ATOM   683  O OD2 . ASP A 1 96  ? -10.382 -10.057 10.698  1.00 33.61 ? 96  ASP A OD2 1 
ATOM   684  N N   . ALA A 1 97  ? -11.519 -10.105 6.820   1.00 26.83 ? 97  ALA A N   1 
ATOM   685  C CA  . ALA A 1 97  ? -11.692 -8.720  6.358   1.00 23.43 ? 97  ALA A CA  1 
ATOM   686  C C   . ALA A 1 97  ? -13.048 -8.429  5.695   1.00 21.31 ? 97  ALA A C   1 
ATOM   687  O O   . ALA A 1 97  ? -13.444 -9.108  4.756   1.00 21.36 ? 97  ALA A O   1 
ATOM   688  C CB  . ALA A 1 97  ? -10.563 -8.356  5.415   1.00 22.71 ? 97  ALA A CB  1 
ATOM   689  N N   . ALA A 1 98  ? -13.712 -7.368  6.150   1.00 25.77 ? 98  ALA A N   1 
ATOM   690  C CA  . ALA A 1 98  ? -15.031 -6.958  5.645   1.00 21.58 ? 98  ALA A CA  1 
ATOM   691  C C   . ALA A 1 98  ? -15.199 -7.005  4.125   1.00 19.32 ? 98  ALA A C   1 
ATOM   692  O O   . ALA A 1 98  ? -14.441 -6.380  3.387   1.00 18.99 ? 98  ALA A O   1 
ATOM   693  C CB  . ALA A 1 98  ? -15.358 -5.573  6.160   1.00 20.68 ? 98  ALA A CB  1 
ATOM   694  N N   . PRO A 1 99  ? -16.213 -7.741  3.638   1.00 21.35 ? 99  PRO A N   1 
ATOM   695  C CA  . PRO A 1 99  ? -16.483 -7.870  2.197   1.00 18.35 ? 99  PRO A CA  1 
ATOM   696  C C   . PRO A 1 99  ? -16.808 -6.525  1.547   1.00 13.28 ? 99  PRO A C   1 
ATOM   697  O O   . PRO A 1 99  ? -17.836 -5.920  1.819   1.00 3.23  ? 99  PRO A O   1 
ATOM   698  C CB  . PRO A 1 99  ? -17.679 -8.821  2.153   1.00 18.77 ? 99  PRO A CB  1 
ATOM   699  C CG  . PRO A 1 99  ? -17.516 -9.641  3.407   1.00 23.67 ? 99  PRO A CG  1 
ATOM   700  C CD  . PRO A 1 99  ? -17.141 -8.580  4.415   1.00 25.06 ? 99  PRO A CD  1 
ATOM   701  N N   . GLY A 1 100 ? -15.911 -6.085  0.674   1.00 13.49 ? 100 GLY A N   1 
ATOM   702  C CA  . GLY A 1 100 ? -16.054 -4.820  -0.017  1.00 11.88 ? 100 GLY A CA  1 
ATOM   703  C C   . GLY A 1 100 ? -14.664 -4.216  -0.151  1.00 16.23 ? 100 GLY A C   1 
ATOM   704  O O   . GLY A 1 100 ? -14.431 -3.307  -0.956  1.00 14.45 ? 100 GLY A O   1 
ATOM   705  N N   . THR A 1 101 ? -13.731 -4.769  0.620   1.00 13.90 ? 101 THR A N   1 
ATOM   706  C CA  . THR A 1 101 ? -12.348 -4.319  0.635   1.00 15.97 ? 101 THR A CA  1 
ATOM   707  C C   . THR A 1 101 ? -11.424 -5.093  -0.322  1.00 13.85 ? 101 THR A C   1 
ATOM   708  O O   . THR A 1 101 ? -11.755 -6.183  -0.778  1.00 11.62 ? 101 THR A O   1 
ATOM   709  C CB  . THR A 1 101 ? -11.794 -4.424  2.042   1.00 19.34 ? 101 THR A CB  1 
ATOM   710  O OG1 . THR A 1 101 ? -11.814 -5.797  2.453   1.00 25.46 ? 101 THR A OG1 1 
ATOM   711  C CG2 . THR A 1 101 ? -12.642 -3.599  2.988   1.00 16.92 ? 101 THR A CG2 1 
ATOM   712  N N   . ILE A 1 102 ? -10.244 -4.537  -0.577  1.00 11.78 ? 102 ILE A N   1 
ATOM   713  C CA  . ILE A 1 102 ? -9.267  -5.147  -1.485  1.00 12.22 ? 102 ILE A CA  1 
ATOM   714  C C   . ILE A 1 102 ? -8.836  -6.515  -0.976  1.00 7.31  ? 102 ILE A C   1 
ATOM   715  O O   . ILE A 1 102 ? -8.479  -7.391  -1.756  1.00 7.73  ? 102 ILE A O   1 
ATOM   716  C CB  . ILE A 1 102 ? -8.008  -4.209  -1.703  1.00 9.05  ? 102 ILE A CB  1 
ATOM   717  C CG1 . ILE A 1 102 ? -8.356  -3.022  -2.611  1.00 6.72  ? 102 ILE A CG1 1 
ATOM   718  C CG2 . ILE A 1 102 ? -6.887  -4.957  -2.375  1.00 2.00  ? 102 ILE A CG2 1 
ATOM   719  C CD1 . ILE A 1 102 ? -9.635  -2.260  -2.231  1.00 7.34  ? 102 ILE A CD1 1 
ATOM   720  N N   . ARG A 1 103 ? -8.959  -6.706  0.332   1.00 8.81  ? 103 ARG A N   1 
ATOM   721  C CA  . ARG A 1 103 ? -8.576  -7.956  0.980   1.00 9.69  ? 103 ARG A CA  1 
ATOM   722  C C   . ARG A 1 103 ? -9.701  -8.990  1.063   1.00 10.63 ? 103 ARG A C   1 
ATOM   723  O O   . ARG A 1 103 ? -9.512  -10.152 0.687   1.00 9.08  ? 103 ARG A O   1 
ATOM   724  C CB  . ARG A 1 103 ? -8.012  -7.655  2.369   1.00 6.19  ? 103 ARG A CB  1 
ATOM   725  C CG  . ARG A 1 103 ? -6.691  -6.899  2.314   1.00 2.00  ? 103 ARG A CG  1 
ATOM   726  C CD  . ARG A 1 103 ? -6.115  -6.769  3.674   1.00 2.00  ? 103 ARG A CD  1 
ATOM   727  N NE  . ARG A 1 103 ? -4.728  -6.333  3.644   1.00 4.07  ? 103 ARG A NE  1 
ATOM   728  C CZ  . ARG A 1 103 ? -4.157  -5.641  4.626   1.00 10.42 ? 103 ARG A CZ  1 
ATOM   729  N NH1 . ARG A 1 103 ? -4.860  -5.310  5.709   1.00 9.96  ? 103 ARG A NH1 1 
ATOM   730  N NH2 . ARG A 1 103 ? -2.888  -5.279  4.529   1.00 10.13 ? 103 ARG A NH2 1 
ATOM   731  N N   . GLY A 1 104 ? -10.859 -8.564  1.557   1.00 7.62  ? 104 GLY A N   1 
ATOM   732  C CA  . GLY A 1 104 ? -11.993 -9.458  1.667   1.00 9.31  ? 104 GLY A CA  1 
ATOM   733  C C   . GLY A 1 104 ? -12.586 -9.832  0.316   1.00 19.63 ? 104 GLY A C   1 
ATOM   734  O O   . GLY A 1 104 ? -13.467 -10.703 0.225   1.00 20.62 ? 104 GLY A O   1 
ATOM   735  N N   . ASP A 1 105 ? -12.133 -9.153  -0.737  1.00 18.04 ? 105 ASP A N   1 
ATOM   736  C CA  . ASP A 1 105 ? -12.622 -9.426  -2.083  1.00 14.02 ? 105 ASP A CA  1 
ATOM   737  C C   . ASP A 1 105 ? -11.574 -10.159 -2.892  1.00 16.87 ? 105 ASP A C   1 
ATOM   738  O O   . ASP A 1 105 ? -11.911 -10.885 -3.822  1.00 20.07 ? 105 ASP A O   1 
ATOM   739  C CB  . ASP A 1 105 ? -12.966 -8.132  -2.820  1.00 15.53 ? 105 ASP A CB  1 
ATOM   740  C CG  . ASP A 1 105 ? -14.160 -7.404  -2.238  1.00 9.73  ? 105 ASP A CG  1 
ATOM   741  O OD1 . ASP A 1 105 ? -14.275 -6.193  -2.509  1.00 22.63 ? 105 ASP A OD1 1 
ATOM   742  O OD2 . ASP A 1 105 ? -14.989 -8.021  -1.545  1.00 10.82 ? 105 ASP A OD2 1 
ATOM   743  N N   . PHE A 1 106 ? -10.303 -9.925  -2.573  1.00 17.17 ? 106 PHE A N   1 
ATOM   744  C CA  . PHE A 1 106 ? -9.198  -10.559 -3.293  1.00 18.01 ? 106 PHE A CA  1 
ATOM   745  C C   . PHE A 1 106 ? -8.109  -11.106 -2.367  1.00 20.85 ? 106 PHE A C   1 
ATOM   746  O O   . PHE A 1 106 ? -6.944  -10.703 -2.485  1.00 23.95 ? 106 PHE A O   1 
ATOM   747  C CB  . PHE A 1 106 ? -8.532  -9.553  -4.227  1.00 15.85 ? 106 PHE A CB  1 
ATOM   748  C CG  . PHE A 1 106 ? -9.486  -8.703  -5.001  1.00 19.03 ? 106 PHE A CG  1 
ATOM   749  C CD1 . PHE A 1 106 ? -9.571  -7.347  -4.751  1.00 13.44 ? 106 PHE A CD1 1 
ATOM   750  C CD2 . PHE A 1 106 ? -10.266 -9.249  -6.013  1.00 24.15 ? 106 PHE A CD2 1 
ATOM   751  C CE1 . PHE A 1 106 ? -10.408 -6.550  -5.491  1.00 17.22 ? 106 PHE A CE1 1 
ATOM   752  C CE2 . PHE A 1 106 ? -11.114 -8.447  -6.766  1.00 20.99 ? 106 PHE A CE2 1 
ATOM   753  C CZ  . PHE A 1 106 ? -11.182 -7.098  -6.502  1.00 20.76 ? 106 PHE A CZ  1 
ATOM   754  N N   . GLY A 1 107 ? -8.472  -12.012 -1.459  1.00 18.10 ? 107 GLY A N   1 
ATOM   755  C CA  . GLY A 1 107 ? -7.489  -12.569 -0.546  1.00 17.10 ? 107 GLY A CA  1 
ATOM   756  C C   . GLY A 1 107 ? -8.049  -13.624 0.390   1.00 21.04 ? 107 GLY A C   1 
ATOM   757  O O   . GLY A 1 107 ? -9.089  -13.403 1.026   1.00 15.65 ? 107 GLY A O   1 
ATOM   758  N N   . VAL A 1 108 ? -7.346  -14.758 0.491   1.00 20.20 ? 108 VAL A N   1 
ATOM   759  C CA  . VAL A 1 108 ? -7.768  -15.867 1.351   1.00 13.98 ? 108 VAL A CA  1 
ATOM   760  C C   . VAL A 1 108 ? -6.711  -16.256 2.393   1.00 12.65 ? 108 VAL A C   1 
ATOM   761  O O   . VAL A 1 108 ? -6.965  -17.125 3.229   1.00 10.59 ? 108 VAL A O   1 
ATOM   762  C CB  . VAL A 1 108 ? -8.175  -17.139 0.535   1.00 12.93 ? 108 VAL A CB  1 
ATOM   763  C CG1 . VAL A 1 108 ? -9.587  -17.596 0.901   1.00 7.54  ? 108 VAL A CG1 1 
ATOM   764  C CG2 . VAL A 1 108 ? -8.100  -16.882 -0.935  1.00 15.94 ? 108 VAL A CG2 1 
ATOM   765  N N   . SER A 1 109 ? -5.563  -15.570 2.390   1.00 11.27 ? 109 SER A N   1 
ATOM   766  C CA  . SER A 1 109 ? -4.485  -15.863 3.351   1.00 17.11 ? 109 SER A CA  1 
ATOM   767  C C   . SER A 1 109 ? -3.755  -14.641 3.918   1.00 18.66 ? 109 SER A C   1 
ATOM   768  O O   . SER A 1 109 ? -3.385  -13.729 3.181   1.00 27.47 ? 109 SER A O   1 
ATOM   769  C CB  . SER A 1 109 ? -3.456  -16.789 2.715   1.00 15.26 ? 109 SER A CB  1 
ATOM   770  O OG  . SER A 1 109 ? -4.079  -17.963 2.225   1.00 29.16 ? 109 SER A OG  1 
ATOM   771  N N   . ALA A 1 110 ? -3.508  -14.648 5.223   1.00 19.86 ? 110 ALA A N   1 
ATOM   772  C CA  . ALA A 1 110 ? -2.807  -13.543 5.884   1.00 21.90 ? 110 ALA A CA  1 
ATOM   773  C C   . ALA A 1 110 ? -1.370  -13.429 5.398   1.00 22.67 ? 110 ALA A C   1 
ATOM   774  O O   . ALA A 1 110 ? -0.742  -12.378 5.551   1.00 26.88 ? 110 ALA A O   1 
ATOM   775  C CB  . ALA A 1 110 ? -2.834  -13.718 7.413   1.00 19.09 ? 110 ALA A CB  1 
ATOM   776  N N   . GLY A 1 111 ? -0.841  -14.533 4.866   1.00 26.20 ? 111 GLY A N   1 
ATOM   777  C CA  . GLY A 1 111 ? 0.520   -14.558 4.349   1.00 22.04 ? 111 GLY A CA  1 
ATOM   778  C C   . GLY A 1 111 ? 0.670   -13.514 3.262   1.00 21.78 ? 111 GLY A C   1 
ATOM   779  O O   . GLY A 1 111 ? 1.359   -12.505 3.449   1.00 18.40 ? 111 GLY A O   1 
ATOM   780  N N   . ARG A 1 112 ? 0.027   -13.751 2.122   1.00 17.26 ? 112 ARG A N   1 
ATOM   781  C CA  . ARG A 1 112 ? 0.073   -12.779 1.043   1.00 24.44 ? 112 ARG A CA  1 
ATOM   782  C C   . ARG A 1 112 ? -1.313  -12.203 0.711   1.00 25.22 ? 112 ARG A C   1 
ATOM   783  O O   . ARG A 1 112 ? -2.111  -12.816 0.000   1.00 27.81 ? 112 ARG A O   1 
ATOM   784  C CB  . ARG A 1 112 ? 0.797   -13.349 -0.176  1.00 26.64 ? 112 ARG A CB  1 
ATOM   785  C CG  . ARG A 1 112 ? 2.332   -13.322 -0.004  1.00 28.18 ? 112 ARG A CG  1 
ATOM   786  C CD  . ARG A 1 112 ? 3.084   -13.560 -1.303  1.00 14.30 ? 112 ARG A CD  1 
ATOM   787  N NE  . ARG A 1 112 ? 2.781   -14.874 -1.851  1.00 21.96 ? 112 ARG A NE  1 
ATOM   788  C CZ  . ARG A 1 112 ? 2.501   -15.113 -3.129  1.00 23.34 ? 112 ARG A CZ  1 
ATOM   789  N NH1 . ARG A 1 112 ? 2.482   -14.124 -4.015  1.00 14.68 ? 112 ARG A NH1 1 
ATOM   790  N NH2 . ARG A 1 112 ? 2.237   -16.353 -3.519  1.00 26.24 ? 112 ARG A NH2 1 
ATOM   791  N N   . ASN A 1 113 ? -1.587  -11.025 1.269   1.00 22.14 ? 113 ASN A N   1 
ATOM   792  C CA  . ASN A 1 113 ? -2.864  -10.333 1.086   1.00 19.90 ? 113 ASN A CA  1 
ATOM   793  C C   . ASN A 1 113 ? -2.757  -9.081  0.216   1.00 15.77 ? 113 ASN A C   1 
ATOM   794  O O   . ASN A 1 113 ? -2.531  -7.976  0.706   1.00 12.07 ? 113 ASN A O   1 
ATOM   795  C CB  . ASN A 1 113 ? -3.460  -9.964  2.447   1.00 21.14 ? 113 ASN A CB  1 
ATOM   796  C CG  . ASN A 1 113 ? -2.465  -9.247  3.343   1.00 19.24 ? 113 ASN A CG  1 
ATOM   797  O OD1 . ASN A 1 113 ? -2.655  -8.085  3.702   1.00 20.40 ? 113 ASN A OD1 1 
ATOM   798  N ND2 . ASN A 1 113 ? -1.383  -9.932  3.683   1.00 10.83 ? 113 ASN A ND2 1 
ATOM   799  N N   . ALA A 1 114 ? -2.945  -9.278  -1.080  1.00 12.23 ? 114 ALA A N   1 
ATOM   800  C CA  . ALA A 1 114 ? -2.880  -8.218  -2.082  1.00 13.26 ? 114 ALA A CA  1 
ATOM   801  C C   . ALA A 1 114 ? -2.024  -6.970  -1.769  1.00 10.66 ? 114 ALA A C   1 
ATOM   802  O O   . ALA A 1 114 ? -0.886  -6.885  -2.234  1.00 10.58 ? 114 ALA A O   1 
ATOM   803  C CB  . ALA A 1 114 ? -4.299  -7.836  -2.549  1.00 3.20  ? 114 ALA A CB  1 
ATOM   804  N N   . ILE A 1 115 ? -2.537  -6.035  -0.964  1.00 7.52  ? 115 ILE A N   1 
ATOM   805  C CA  . ILE A 1 115 ? -1.793  -4.802  -0.673  1.00 8.86  ? 115 ILE A CA  1 
ATOM   806  C C   . ILE A 1 115 ? -1.339  -4.548  0.760   1.00 9.97  ? 115 ILE A C   1 
ATOM   807  O O   . ILE A 1 115 ? -1.708  -5.266  1.693   1.00 6.79  ? 115 ILE A O   1 
ATOM   808  C CB  . ILE A 1 115 ? -2.510  -3.505  -1.223  1.00 9.20  ? 115 ILE A CB  1 
ATOM   809  C CG1 . ILE A 1 115 ? -3.483  -2.896  -0.200  1.00 13.62 ? 115 ILE A CG1 1 
ATOM   810  C CG2 . ILE A 1 115 ? -3.228  -3.797  -2.528  1.00 6.21  ? 115 ILE A CG2 1 
ATOM   811  C CD1 . ILE A 1 115 ? -4.649  -3.787  0.215   1.00 20.42 ? 115 ILE A CD1 1 
ATOM   812  N N   . HIS A 1 116 ? -0.575  -3.466  0.896   1.00 5.27  ? 116 HIS A N   1 
ATOM   813  C CA  . HIS A 1 116 ? 0.018   -3.019  2.142   1.00 5.89  ? 116 HIS A CA  1 
ATOM   814  C C   . HIS A 1 116 ? -0.231  -1.507  2.274   1.00 10.51 ? 116 HIS A C   1 
ATOM   815  O O   . HIS A 1 116 ? -0.168  -0.781  1.291   1.00 8.16  ? 116 HIS A O   1 
ATOM   816  C CB  . HIS A 1 116 ? 1.527   -3.316  2.085   1.00 9.42  ? 116 HIS A CB  1 
ATOM   817  C CG  . HIS A 1 116 ? 2.321   -2.680  3.184   1.00 11.90 ? 116 HIS A CG  1 
ATOM   818  N ND1 . HIS A 1 116 ? 2.719   -3.367  4.309   1.00 6.09  ? 116 HIS A ND1 1 
ATOM   819  C CD2 . HIS A 1 116 ? 2.749   -1.405  3.349   1.00 15.11 ? 116 HIS A CD2 1 
ATOM   820  C CE1 . HIS A 1 116 ? 3.351   -2.543  5.122   1.00 16.86 ? 116 HIS A CE1 1 
ATOM   821  N NE2 . HIS A 1 116 ? 3.382   -1.347  4.565   1.00 18.94 ? 116 HIS A NE2 1 
ATOM   822  N N   . GLY A 1 117 ? -0.467  -1.032  3.495   1.00 16.39 ? 117 GLY A N   1 
ATOM   823  C CA  . GLY A 1 117 ? -0.726  0.385   3.699   1.00 19.44 ? 117 GLY A CA  1 
ATOM   824  C C   . GLY A 1 117 ? -0.556  0.847   5.135   1.00 17.43 ? 117 GLY A C   1 
ATOM   825  O O   . GLY A 1 117 ? -1.054  0.207   6.065   1.00 18.75 ? 117 GLY A O   1 
ATOM   826  N N   . SER A 1 118 ? 0.097   1.999   5.290   1.00 16.80 ? 118 SER A N   1 
ATOM   827  C CA  . SER A 1 118 ? 0.414   2.626   6.575   1.00 18.47 ? 118 SER A CA  1 
ATOM   828  C C   . SER A 1 118 ? -0.585  2.434   7.723   1.00 25.90 ? 118 SER A C   1 
ATOM   829  O O   . SER A 1 118 ? -1.805  2.462   7.527   1.00 32.43 ? 118 SER A O   1 
ATOM   830  C CB  . SER A 1 118 ? 0.681   4.106   6.355   1.00 10.81 ? 118 SER A CB  1 
ATOM   831  O OG  . SER A 1 118 ? 1.640   4.286   5.332   1.00 6.51  ? 118 SER A OG  1 
ATOM   832  N N   . ASP A 1 119 ? -0.049  2.251   8.926   1.00 24.83 ? 119 ASP A N   1 
ATOM   833  C CA  . ASP A 1 119 ? -0.870  2.024   10.103  1.00 28.78 ? 119 ASP A CA  1 
ATOM   834  C C   . ASP A 1 119 ? -1.011  3.239   11.010  1.00 27.30 ? 119 ASP A C   1 
ATOM   835  O O   . ASP A 1 119 ? -1.731  3.199   12.014  1.00 20.52 ? 119 ASP A O   1 
ATOM   836  C CB  . ASP A 1 119 ? -0.333  0.821   10.883  1.00 40.58 ? 119 ASP A CB  1 
ATOM   837  C CG  . ASP A 1 119 ? -0.504  -0.492  10.124  1.00 48.27 ? 119 ASP A CG  1 
ATOM   838  O OD1 . ASP A 1 119 ? -1.370  -1.304  10.525  1.00 51.35 ? 119 ASP A OD1 1 
ATOM   839  O OD2 . ASP A 1 119 ? 0.216   -0.711  9.122   1.00 48.65 ? 119 ASP A OD2 1 
ATOM   840  N N   . SER A 1 120 ? -0.354  4.328   10.621  1.00 27.20 ? 120 SER A N   1 
ATOM   841  C CA  . SER A 1 120 ? -0.384  5.581   11.372  1.00 25.77 ? 120 SER A CA  1 
ATOM   842  C C   . SER A 1 120 ? 0.216   6.656   10.490  1.00 27.06 ? 120 SER A C   1 
ATOM   843  O O   . SER A 1 120 ? 0.791   6.357   9.450   1.00 30.09 ? 120 SER A O   1 
ATOM   844  C CB  . SER A 1 120 ? 0.455   5.463   12.651  1.00 26.64 ? 120 SER A CB  1 
ATOM   845  O OG  . SER A 1 120 ? 1.823   5.246   12.348  1.00 20.51 ? 120 SER A OG  1 
ATOM   846  N N   . ALA A 1 121 ? 0.244   8.139   10.566  1.00 27.64 ? 121 ALA A N   1 
ATOM   847  C CA  . ALA A 1 121 ? 0.875   9.216   9.810   1.00 29.53 ? 121 ALA A CA  1 
ATOM   848  C C   . ALA A 1 121 ? 2.403   9.148   9.929   1.00 34.22 ? 121 ALA A C   1 
ATOM   849  O O   . ALA A 1 121 ? 3.122   9.592   9.030   1.00 39.61 ? 121 ALA A O   1 
ATOM   850  C CB  . ALA A 1 121 ? 0.356   10.569  10.274  1.00 22.51 ? 121 ALA A CB  1 
ATOM   851  N N   . GLY A 1 122 ? 2.885   8.601   11.047  1.00 29.89 ? 122 GLY A N   1 
ATOM   852  C CA  . GLY A 1 122 ? 4.315   8.470   11.260  1.00 26.64 ? 122 GLY A CA  1 
ATOM   853  C C   . GLY A 1 122 ? 4.848   7.322   10.427  1.00 26.04 ? 122 GLY A C   1 
ATOM   854  O O   . GLY A 1 122 ? 5.857   7.446   9.729   1.00 22.61 ? 122 GLY A O   1 
ATOM   855  N N   . SER A 1 123 ? 4.145   6.198   10.488  1.00 21.76 ? 123 SER A N   1 
ATOM   856  C CA  . SER A 1 123 ? 4.514   5.021   9.729   1.00 19.43 ? 123 SER A CA  1 
ATOM   857  C C   . SER A 1 123 ? 4.395   5.392   8.244   1.00 23.57 ? 123 SER A C   1 
ATOM   858  O O   . SER A 1 123 ? 5.128   4.876   7.388   1.00 17.02 ? 123 SER A O   1 
ATOM   859  C CB  . SER A 1 123 ? 3.578   3.864   10.086  1.00 24.62 ? 123 SER A CB  1 
ATOM   860  O OG  . SER A 1 123 ? 4.085   2.615   9.649   1.00 31.75 ? 123 SER A OG  1 
ATOM   861  N N   . ALA A 1 124 ? 3.475   6.313   7.954   1.00 25.20 ? 124 ALA A N   1 
ATOM   862  C CA  . ALA A 1 124 ? 3.255   6.803   6.595   1.00 26.53 ? 124 ALA A CA  1 
ATOM   863  C C   . ALA A 1 124 ? 4.439   7.683   6.180   1.00 25.70 ? 124 ALA A C   1 
ATOM   864  O O   . ALA A 1 124 ? 4.955   7.570   5.063   1.00 16.52 ? 124 ALA A O   1 
ATOM   865  C CB  . ALA A 1 124 ? 1.951   7.604   6.536   1.00 19.41 ? 124 ALA A CB  1 
ATOM   866  N N   . ALA A 1 125 ? 4.894   8.508   7.124   1.00 21.72 ? 125 ALA A N   1 
ATOM   867  C CA  . ALA A 1 125 ? 6.004   9.423   6.910   1.00 25.74 ? 125 ALA A CA  1 
ATOM   868  C C   . ALA A 1 125 ? 7.383   8.782   7.061   1.00 30.08 ? 125 ALA A C   1 
ATOM   869  O O   . ALA A 1 125 ? 8.379   9.487   7.238   1.00 26.98 ? 125 ALA A O   1 
ATOM   870  C CB  . ALA A 1 125 ? 5.873   10.614  7.823   1.00 33.62 ? 125 ALA A CB  1 
ATOM   871  N N   . LYS A 1 126 ? 7.422   7.448   7.005   1.00 29.50 ? 126 LYS A N   1 
ATOM   872  C CA  . LYS A 1 126 ? 8.665   6.683   7.079   1.00 26.57 ? 126 LYS A CA  1 
ATOM   873  C C   . LYS A 1 126 ? 8.687   5.608   5.997   1.00 28.58 ? 126 LYS A C   1 
ATOM   874  O O   . LYS A 1 126 ? 9.736   5.032   5.712   1.00 33.38 ? 126 LYS A O   1 
ATOM   875  C CB  . LYS A 1 126 ? 8.855   6.040   8.453   1.00 29.56 ? 126 LYS A CB  1 
ATOM   876  C CG  . LYS A 1 126 ? 7.831   4.986   8.811   1.00 30.16 ? 126 LYS A CG  1 
ATOM   877  C CD  . LYS A 1 126 ? 8.189   4.271   10.123  1.00 25.93 ? 126 LYS A CD  1 
ATOM   878  C CE  . LYS A 1 126 ? 9.344   3.296   9.938   1.00 29.72 ? 126 LYS A CE  1 
ATOM   879  N NZ  . LYS A 1 126 ? 9.100   2.344   8.803   1.00 20.17 ? 126 LYS A NZ  1 
ATOM   880  N N   . GLU A 1 127 ? 7.514   5.309   5.434   1.00 33.45 ? 127 GLU A N   1 
ATOM   881  C CA  . GLU A 1 127 ? 7.378   4.318   4.363   1.00 29.66 ? 127 GLU A CA  1 
ATOM   882  C C   . GLU A 1 127 ? 7.587   5.009   3.005   1.00 26.79 ? 127 GLU A C   1 
ATOM   883  O O   . GLU A 1 127 ? 8.314   4.500   2.129   1.00 12.20 ? 127 GLU A O   1 
ATOM   884  C CB  . GLU A 1 127 ? 6.004   3.635   4.424   1.00 36.97 ? 127 GLU A CB  1 
ATOM   885  C CG  . GLU A 1 127 ? 5.936   2.397   5.338   1.00 36.85 ? 127 GLU A CG  1 
ATOM   886  C CD  . GLU A 1 127 ? 4.555   1.718   5.332   1.00 38.45 ? 127 GLU A CD  1 
ATOM   887  O OE1 . GLU A 1 127 ? 4.025   1.416   4.235   1.00 24.84 ? 127 GLU A OE1 1 
ATOM   888  O OE2 . GLU A 1 127 ? 3.997   1.487   6.430   1.00 39.17 ? 127 GLU A OE2 1 
ATOM   889  N N   . ILE A 1 128 ? 6.955   6.172   2.843   1.00 20.01 ? 128 ILE A N   1 
ATOM   890  C CA  . ILE A 1 128 ? 7.096   6.958   1.619   1.00 20.32 ? 128 ILE A CA  1 
ATOM   891  C C   . ILE A 1 128 ? 8.588   7.097   1.317   1.00 27.80 ? 128 ILE A C   1 
ATOM   892  O O   . ILE A 1 128 ? 9.056   6.668   0.268   1.00 27.13 ? 128 ILE A O   1 
ATOM   893  C CB  . ILE A 1 128 ? 6.529   8.368   1.806   1.00 12.12 ? 128 ILE A CB  1 
ATOM   894  C CG1 . ILE A 1 128 ? 5.007   8.358   1.706   1.00 10.06 ? 128 ILE A CG1 1 
ATOM   895  C CG2 . ILE A 1 128 ? 7.133   9.322   0.794   1.00 16.43 ? 128 ILE A CG2 1 
ATOM   896  C CD1 . ILE A 1 128 ? 4.391   9.707   2.025   1.00 3.49  ? 128 ILE A CD1 1 
ATOM   897  N N   . GLY A 1 129 ? 9.326   7.638   2.287   1.00 41.43 ? 129 GLY A N   1 
ATOM   898  C CA  . GLY A 1 129 ? 10.757  7.850   2.145   1.00 41.90 ? 129 GLY A CA  1 
ATOM   899  C C   . GLY A 1 129 ? 11.575  6.635   1.749   1.00 45.58 ? 129 GLY A C   1 
ATOM   900  O O   . GLY A 1 129 ? 12.284  6.672   0.742   1.00 50.23 ? 129 GLY A O   1 
ATOM   901  N N   . ALA A 1 130 ? 11.464  5.554   2.514   1.00 43.51 ? 130 ALA A N   1 
ATOM   902  C CA  . ALA A 1 130 ? 12.224  4.336   2.235   1.00 45.30 ? 130 ALA A CA  1 
ATOM   903  C C   . ALA A 1 130 ? 12.046  3.789   0.817   1.00 45.67 ? 130 ALA A C   1 
ATOM   904  O O   . ALA A 1 130 ? 13.023  3.392   0.172   1.00 45.00 ? 130 ALA A O   1 
ATOM   905  C CB  . ALA A 1 130 ? 11.885  3.258   3.255   1.00 44.51 ? 130 ALA A CB  1 
ATOM   906  N N   . PHE A 1 131 ? 10.804  3.790   0.334   1.00 41.99 ? 131 PHE A N   1 
ATOM   907  C CA  . PHE A 1 131 ? 10.494  3.268   -0.998  1.00 37.42 ? 131 PHE A CA  1 
ATOM   908  C C   . PHE A 1 131 ? 10.602  4.301   -2.114  1.00 35.84 ? 131 PHE A C   1 
ATOM   909  O O   . PHE A 1 131 ? 10.853  3.958   -3.268  1.00 40.51 ? 131 PHE A O   1 
ATOM   910  C CB  . PHE A 1 131 ? 9.092   2.657   -1.014  1.00 28.36 ? 131 PHE A CB  1 
ATOM   911  C CG  . PHE A 1 131 ? 8.914   1.516   -0.056  1.00 22.52 ? 131 PHE A CG  1 
ATOM   912  C CD1 . PHE A 1 131 ? 8.732   1.751   1.303   1.00 11.27 ? 131 PHE A CD1 1 
ATOM   913  C CD2 . PHE A 1 131 ? 8.918   0.204   -0.512  1.00 20.16 ? 131 PHE A CD2 1 
ATOM   914  C CE1 . PHE A 1 131 ? 8.560   0.703   2.189   1.00 14.83 ? 131 PHE A CE1 1 
ATOM   915  C CE2 . PHE A 1 131 ? 8.744   -0.857  0.372   1.00 21.59 ? 131 PHE A CE2 1 
ATOM   916  C CZ  . PHE A 1 131 ? 8.565   -0.606  1.723   1.00 18.18 ? 131 PHE A CZ  1 
ATOM   917  N N   . PHE A 1 132 ? 10.003  5.625   -1.846  1.00 31.53 ? 132 PHE A N   1 
ATOM   918  C CA  . PHE A 1 132 ? 10.125  6.666   -2.849  1.00 29.25 ? 132 PHE A CA  1 
ATOM   919  C C   . PHE A 1 132 ? 11.374  7.529   -2.599  1.00 34.31 ? 132 PHE A C   1 
ATOM   920  O O   . PHE A 1 132 ? 12.460  7.004   -2.329  1.00 34.81 ? 132 PHE A O   1 
ATOM   921  C CB  . PHE A 1 132 ? 8.855   7.524   -2.841  1.00 30.33 ? 132 PHE A CB  1 
ATOM   922  C CG  . PHE A 1 132 ? 7.662   6.847   -3.445  1.00 34.30 ? 132 PHE A CG  1 
ATOM   923  C CD1 . PHE A 1 132 ? 7.045   5.784   -2.801  1.00 32.19 ? 132 PHE A CD1 1 
ATOM   924  C CD2 . PHE A 1 132 ? 7.178   7.248   -4.684  1.00 37.51 ? 132 PHE A CD2 1 
ATOM   925  C CE1 . PHE A 1 132 ? 5.973   5.131   -3.383  1.00 31.26 ? 132 PHE A CE1 1 
ATOM   926  C CE2 . PHE A 1 132 ? 6.101   6.598   -5.274  1.00 30.55 ? 132 PHE A CE2 1 
ATOM   927  C CZ  . PHE A 1 132 ? 5.501   5.540   -4.625  1.00 30.80 ? 132 PHE A CZ  1 
ATOM   928  N N   . GLY A 1 133 ? 11.223  8.849   -2.683  1.00 34.05 ? 133 GLY A N   1 
ATOM   929  C CA  . GLY A 1 133 ? 12.353  9.727   -2.466  1.00 34.95 ? 133 GLY A CA  1 
ATOM   930  C C   . GLY A 1 133 ? 11.916  11.133  -2.125  1.00 35.98 ? 133 GLY A C   1 
ATOM   931  O O   . GLY A 1 133 ? 11.778  11.486  -0.945  1.00 36.42 ? 133 GLY A O   1 
ATOM   932  N N   . GLY A 1 134 ? 11.689  11.933  -3.163  1.00 34.68 ? 134 GLY A N   1 
ATOM   933  C CA  . GLY A 1 134 ? 11.267  13.310  -2.971  1.00 33.46 ? 134 GLY A CA  1 
ATOM   934  C C   . GLY A 1 134 ? 11.014  13.985  -4.300  1.00 31.56 ? 134 GLY A C   1 
ATOM   935  O O   . GLY A 1 134 ? 10.261  14.963  -4.385  1.00 30.16 ? 134 GLY A O   1 
ATOM   936  N N   . GLY A 1 135 ? 11.649  13.451  -5.342  1.00 30.87 ? 135 GLY A N   1 
ATOM   937  C CA  . GLY A 1 135 ? 11.496  13.992  -6.677  1.00 35.31 ? 135 GLY A CA  1 
ATOM   938  C C   . GLY A 1 135 ? 10.586  13.145  -7.543  1.00 35.23 ? 135 GLY A C   1 
ATOM   939  O O   . GLY A 1 135 ? 9.963   13.651  -8.478  1.00 38.61 ? 135 GLY A O   1 
ATOM   940  N N   . GLU A 1 136 ? 10.496  11.858  -7.220  1.00 33.49 ? 136 GLU A N   1 
ATOM   941  C CA  . GLU A 1 136 ? 9.661   10.924  -7.969  1.00 29.61 ? 136 GLU A CA  1 
ATOM   942  C C   . GLU A 1 136 ? 8.196   11.237  -7.792  1.00 29.22 ? 136 GLU A C   1 
ATOM   943  O O   . GLU A 1 136 ? 7.349   10.657  -8.467  1.00 30.70 ? 136 GLU A O   1 
ATOM   944  C CB  . GLU A 1 136 ? 9.913   9.489   -7.510  1.00 29.37 ? 136 GLU A CB  1 
ATOM   945  C CG  . GLU A 1 136 ? 11.296  8.961   -7.846  1.00 32.22 ? 136 GLU A CG  1 
ATOM   946  C CD  . GLU A 1 136 ? 11.403  7.460   -7.665  1.00 36.57 ? 136 GLU A CD  1 
ATOM   947  O OE1 . GLU A 1 136 ? 11.445  6.741   -8.695  1.00 26.46 ? 136 GLU A OE1 1 
ATOM   948  O OE2 . GLU A 1 136 ? 11.429  7.002   -6.496  1.00 35.87 ? 136 GLU A OE2 1 
ATOM   949  N N   . ALA A 1 137 ? 7.903   12.144  -6.866  1.00 28.03 ? 137 ALA A N   1 
ATOM   950  C CA  . ALA A 1 137 ? 6.529   12.526  -6.575  1.00 31.68 ? 137 ALA A CA  1 
ATOM   951  C C   . ALA A 1 137 ? 6.094   13.788  -7.316  1.00 30.87 ? 137 ALA A C   1 
ATOM   952  O O   . ALA A 1 137 ? 6.757   14.821  -7.242  1.00 33.59 ? 137 ALA A O   1 
ATOM   953  C CB  . ALA A 1 137 ? 6.351   12.701  -5.064  1.00 23.69 ? 137 ALA A CB  1 
ATOM   954  N N   . ALA A 1 138 ? 4.999   13.682  -8.063  1.00 29.96 ? 138 ALA A N   1 
ATOM   955  C CA  . ALA A 1 138 ? 4.460   14.821  -8.799  1.00 29.38 ? 138 ALA A CA  1 
ATOM   956  C C   . ALA A 1 138 ? 3.600   15.643  -7.841  1.00 28.98 ? 138 ALA A C   1 
ATOM   957  O O   . ALA A 1 138 ? 2.899   15.089  -6.997  1.00 23.64 ? 138 ALA A O   1 
ATOM   958  C CB  . ALA A 1 138 ? 3.624   14.343  -9.986  1.00 28.92 ? 138 ALA A CB  1 
ATOM   959  N N   . SER A 1 139 ? 3.698   16.964  -7.935  1.00 33.32 ? 139 SER A N   1 
ATOM   960  C CA  . SER A 1 139 ? 2.910   17.833  -7.066  1.00 33.02 ? 139 SER A CA  1 
ATOM   961  C C   . SER A 1 139 ? 1.748   18.399  -7.869  1.00 34.06 ? 139 SER A C   1 
ATOM   962  O O   . SER A 1 139 ? 1.404   19.583  -7.763  1.00 28.44 ? 139 SER A O   1 
ATOM   963  C CB  . SER A 1 139 ? 3.766   18.960  -6.486  1.00 30.75 ? 139 SER A CB  1 
ATOM   964  O OG  . SER A 1 139 ? 3.162   19.492  -5.318  1.00 15.44 ? 139 SER A OG  1 
ATOM   965  N N   . GLY A 1 140 ? 1.143   17.522  -8.664  1.00 35.54 ? 140 GLY A N   1 
ATOM   966  C CA  . GLY A 1 140 ? 0.027   17.912  -9.494  1.00 37.82 ? 140 GLY A CA  1 
ATOM   967  C C   . GLY A 1 140 ? -1.234  18.154  -8.695  1.00 42.34 ? 140 GLY A C   1 
ATOM   968  O O   . GLY A 1 140 ? -1.472  17.507  -7.674  1.00 43.94 ? 140 GLY A O   1 
ATOM   969  N N   . THR A 1 141 ? -1.994  19.156  -9.125  1.00 43.72 ? 141 THR A N   1 
ATOM   970  C CA  . THR A 1 141 ? -3.258  19.501  -8.498  1.00 40.41 ? 141 THR A CA  1 
ATOM   971  C C   . THR A 1 141 ? -4.316  18.838  -9.368  1.00 41.12 ? 141 THR A C   1 
ATOM   972  O O   . THR A 1 141 ? -4.481  19.195  -10.537 1.00 42.03 ? 141 THR A O   1 
ATOM   973  N N   . PRO A 1 142 ? -5.001  17.819  -8.827  1.00 41.36 ? 142 PRO A N   1 
ATOM   974  C CA  . PRO A 1 142 ? -6.054  17.065  -9.516  1.00 37.56 ? 142 PRO A CA  1 
ATOM   975  C C   . PRO A 1 142 ? -7.257  17.941  -9.849  1.00 35.31 ? 142 PRO A C   1 
ATOM   976  O O   . PRO A 1 142 ? -7.890  18.505  -8.957  1.00 35.21 ? 142 PRO A O   1 
ATOM   977  N N   . ALA A 1 143 ? -7.540  18.077  -11.140 1.00 32.01 ? 143 ALA A N   1 
ATOM   978  C CA  . ALA A 1 143 ? -8.672  18.873  -11.601 1.00 30.41 ? 143 ALA A CA  1 
ATOM   979  C C   . ALA A 1 143 ? -9.972  18.098  -11.410 1.00 28.68 ? 143 ALA A C   1 
ATOM   980  O O   . ALA A 1 143 ? -10.518 17.518  -12.363 1.00 24.73 ? 143 ALA A O   1 
ATOM   981  N N   . ALA A 1 144 ? -10.434 18.083  -10.162 1.00 26.38 ? 144 ALA A N   1 
ATOM   982  C CA  . ALA A 1 144 ? -11.657 17.400  -9.756  1.00 26.79 ? 144 ALA A CA  1 
ATOM   983  C C   . ALA A 1 144 ? -11.714 17.278  -8.232  1.00 27.75 ? 144 ALA A C   1 
ATOM   984  O O   . ALA A 1 144 ? -12.657 16.704  -7.678  1.00 29.26 ? 144 ALA A O   1 
ATOM   985  N N   . ALA A 1 145 ? -10.719 17.857  -7.561  1.00 25.52 ? 145 ALA A N   1 
ATOM   986  C CA  . ALA A 1 145 ? -10.623 17.821  -6.106  1.00 26.11 ? 145 ALA A CA  1 
ATOM   987  C C   . ALA A 1 145 ? -11.642 18.695  -5.346  1.00 25.86 ? 145 ALA A C   1 
ATOM   988  O O   . ALA A 1 145 ? -11.921 18.450  -4.168  1.00 31.26 ? 145 ALA A O   1 
ATOM   989  C CB  . ALA A 1 145 ? -9.201  18.165  -5.679  1.00 20.34 ? 145 ALA A CB  1 
ATOM   990  N N   . ALA A 1 146 ? -12.196 19.701  -6.013  1.00 20.95 ? 146 ALA A N   1 
ATOM   991  C CA  . ALA A 1 146 ? -13.168 20.595  -5.390  1.00 18.38 ? 146 ALA A CA  1 
ATOM   992  C C   . ALA A 1 146 ? -14.514 19.924  -5.171  1.00 21.04 ? 146 ALA A C   1 
ATOM   993  O O   . ALA A 1 146 ? -15.252 20.272  -4.248  1.00 19.79 ? 146 ALA A O   1 
ATOM   994  C CB  . ALA A 1 146 ? -13.349 21.836  -6.234  1.00 19.06 ? 146 ALA A CB  1 
ATOM   995  N N   . ASP A 1 147 ? -14.826 18.942  -6.011  1.00 25.52 ? 147 ASP A N   1 
ATOM   996  C CA  . ASP A 1 147 ? -16.098 18.238  -5.906  1.00 21.51 ? 147 ASP A CA  1 
ATOM   997  C C   . ASP A 1 147 ? -16.084 17.121  -4.866  1.00 17.93 ? 147 ASP A C   1 
ATOM   998  O O   . ASP A 1 147 ? -17.026 16.324  -4.778  1.00 7.84  ? 147 ASP A O   1 
ATOM   999  C CB  . ASP A 1 147 ? -16.533 17.736  -7.281  1.00 22.18 ? 147 ASP A CB  1 
ATOM   1000 C CG  . ASP A 1 147 ? -16.604 18.862  -8.313  1.00 28.74 ? 147 ASP A CG  1 
ATOM   1001 O OD1 . ASP A 1 147 ? -17.602 19.641  -8.316  1.00 21.58 ? 147 ASP A OD1 1 
ATOM   1002 O OD2 . ASP A 1 147 ? -15.644 18.970  -9.108  1.00 27.25 ? 147 ASP A OD2 1 
ATOM   1003 N N   . ILE A 1 148 ? -15.023 17.113  -4.054  1.00 18.16 ? 148 ILE A N   1 
ATOM   1004 C CA  . ILE A 1 148 ? -14.831 16.129  -2.983  1.00 22.84 ? 148 ILE A CA  1 
ATOM   1005 C C   . ILE A 1 148 ? -14.775 16.771  -1.585  1.00 27.01 ? 148 ILE A C   1 
ATOM   1006 O O   . ILE A 1 148 ? -15.512 16.375  -0.677  1.00 25.30 ? 148 ILE A O   1 
ATOM   1007 C CB  . ILE A 1 148 ? -13.525 15.311  -3.175  1.00 15.25 ? 148 ILE A CB  1 
ATOM   1008 C CG1 . ILE A 1 148 ? -13.524 14.593  -4.529  1.00 13.23 ? 148 ILE A CG1 1 
ATOM   1009 C CG2 . ILE A 1 148 ? -13.389 14.317  -2.047  1.00 8.28  ? 148 ILE A CG2 1 
ATOM   1010 C CD1 . ILE A 1 148 ? -12.355 13.647  -4.729  1.00 15.53 ? 148 ILE A CD1 1 
ATOM   1011 N N   . TYR A 1 149 ? -13.864 17.724  -1.406  1.00 27.09 ? 149 TYR A N   1 
ATOM   1012 C CA  . TYR A 1 149 ? -13.722 18.398  -0.122  1.00 30.80 ? 149 TYR A CA  1 
ATOM   1013 C C   . TYR A 1 149 ? -14.362 19.778  -0.195  1.00 36.98 ? 149 TYR A C   1 
ATOM   1014 O O   . TYR A 1 149 ? -14.872 20.176  -1.249  1.00 38.07 ? 149 TYR A O   1 
ATOM   1015 C CB  . TYR A 1 149 ? -12.243 18.526  0.256   1.00 32.08 ? 149 TYR A CB  1 
ATOM   1016 C CG  . TYR A 1 149 ? -11.440 17.256  0.049   1.00 32.45 ? 149 TYR A CG  1 
ATOM   1017 C CD1 . TYR A 1 149 ? -10.532 17.149  -1.001  1.00 27.44 ? 149 TYR A CD1 1 
ATOM   1018 C CD2 . TYR A 1 149 ? -11.623 16.151  0.874   1.00 32.60 ? 149 TYR A CD2 1 
ATOM   1019 C CE1 . TYR A 1 149 ? -9.838  15.981  -1.225  1.00 27.48 ? 149 TYR A CE1 1 
ATOM   1020 C CE2 . TYR A 1 149 ? -10.927 14.970  0.655   1.00 27.88 ? 149 TYR A CE2 1 
ATOM   1021 C CZ  . TYR A 1 149 ? -10.040 14.893  -0.398  1.00 27.15 ? 149 TYR A CZ  1 
ATOM   1022 O OH  . TYR A 1 149 ? -9.375  13.716  -0.648  1.00 32.37 ? 149 TYR A OH  1 
ATOM   1023 N N   . GLY A 1 150 ? -14.332 20.504  0.923   1.00 39.96 ? 150 GLY A N   1 
ATOM   1024 C CA  . GLY A 1 150 ? -14.916 21.834  0.957   1.00 36.18 ? 150 GLY A CA  1 
ATOM   1025 C C   . GLY A 1 150 ? -14.718 22.567  2.272   1.00 25.59 ? 150 GLY A C   1 
ATOM   1026 O O   . GLY A 1 150 ? -15.482 23.524  2.528   1.00 19.85 ? 150 GLY A O   1 
HETATM 1027 O O   . HOH B 2 .   ? -12.015 -4.692  -8.695  1.00 32.55 ? 151 HOH A O   1 
HETATM 1028 O O   . HOH B 2 .   ? -6.000  17.308  -0.265  1.00 23.12 ? 152 HOH A O   1 
HETATM 1029 O O   . HOH B 2 .   ? -19.853 21.020  -7.927  1.00 26.04 ? 153 HOH A O   1 
HETATM 1030 O O   . HOH B 2 .   ? 8.592   16.270  -9.590  1.00 31.54 ? 154 HOH A O   1 
HETATM 1031 O O   . HOH B 2 .   ? 4.528   -15.578 4.626   1.00 24.70 ? 155 HOH A O   1 
HETATM 1032 O O   . HOH B 2 .   ? 8.213   -16.624 1.347   1.00 29.34 ? 156 HOH A O   1 
HETATM 1033 O O   . HOH B 2 .   ? -2.124  12.434  -9.616  1.00 28.94 ? 157 HOH A O   1 
HETATM 1034 O O   . HOH B 2 .   ? 8.687   16.160  -6.173  1.00 28.83 ? 158 HOH A O   1 
HETATM 1035 O O   . HOH B 2 .   ? -0.977  17.348  -5.143  1.00 54.63 ? 159 HOH A O   1 
HETATM 1036 O O   . HOH B 2 .   ? -9.953  -8.326  -12.017 1.00 40.34 ? 160 HOH A O   1 
HETATM 1037 O O   . HOH B 2 .   ? -4.089  24.120  -8.693  1.00 27.04 ? 161 HOH A O   1 
HETATM 1038 O O   . HOH B 2 .   ? -2.409  3.821   5.255   1.00 34.33 ? 162 HOH A O   1 
HETATM 1039 O O   . HOH B 2 .   ? -10.799 21.252  -8.250  1.00 28.33 ? 163 HOH A O   1 
HETATM 1040 O O   . HOH B 2 .   ? 4.180   19.220  -1.541  1.00 19.51 ? 164 HOH A O   1 
HETATM 1041 O O   . HOH B 2 .   ? -13.609 19.904  4.898   1.00 42.44 ? 165 HOH A O   1 
HETATM 1042 O O   . HOH B 2 .   ? -13.272 -12.910 3.443   1.00 37.37 ? 166 HOH A O   1 
HETATM 1043 O O   . HOH B 2 .   ? -15.244 1.194   9.740   1.00 39.96 ? 167 HOH A O   1 
HETATM 1044 O O   . HOH B 2 .   ? 13.212  0.964   1.202   1.00 33.93 ? 168 HOH A O   1 
HETATM 1045 O O   . HOH B 2 .   ? -4.807  9.568   -10.706 1.00 24.92 ? 169 HOH A O   1 
HETATM 1046 O O   . HOH B 2 .   ? -14.044 -6.708  -5.398  1.00 33.35 ? 170 HOH A O   1 
HETATM 1047 O O   . HOH B 2 .   ? 8.878   -9.536  4.591   1.00 55.36 ? 171 HOH A O   1 
HETATM 1048 O O   . HOH B 2 .   ? 14.540  -11.542 -3.863  1.00 23.80 ? 172 HOH A O   1 
HETATM 1049 O O   . HOH B 2 .   ? 11.043  -10.162 17.186  1.00 39.63 ? 173 HOH A O   1 
HETATM 1050 O O   . HOH B 2 .   ? -17.561 19.499  -1.364  1.00 67.86 ? 174 HOH A O   1 
HETATM 1051 O O   . HOH B 2 .   ? 11.933  0.407   7.470   1.00 54.11 ? 175 HOH A O   1 
HETATM 1052 O O   . HOH B 2 .   ? -13.751 -0.534  -2.238  1.00 68.12 ? 176 HOH A O   1 
HETATM 1053 O O   . HOH B 2 .   ? 5.585   21.236  -4.321  1.00 28.04 ? 177 HOH A O   1 
HETATM 1054 O O   . HOH B 2 .   ? -1.486  -2.350  7.668   1.00 56.46 ? 178 HOH A O   1 
HETATM 1055 O O   . HOH B 2 .   ? 8.579   11.563  9.114   1.00 36.47 ? 179 HOH A O   1 
HETATM 1056 O O   . HOH B 2 .   ? -9.908  5.218   9.785   1.00 46.03 ? 180 HOH A O   1 
HETATM 1057 O O   . HOH B 2 .   ? 4.413   11.597  10.273  1.00 54.82 ? 181 HOH A O   1 
HETATM 1058 O O   . HOH B 2 .   ? -6.244  22.296  -10.193 1.00 41.71 ? 182 HOH A O   1 
HETATM 1059 O O   . HOH B 2 .   ? -11.884 22.144  0.828   1.00 69.40 ? 183 HOH A O   1 
HETATM 1060 O O   . HOH B 2 .   ? -7.966  -13.858 11.329  1.00 46.99 ? 184 HOH A O   1 
# 
